data_1QG1
# 
_entry.id   1QG1 
# 
_audit_conform.dict_name       mmcif_pdbx.dic 
_audit_conform.dict_version    5.398 
_audit_conform.dict_location   http://mmcif.pdb.org/dictionaries/ascii/mmcif_pdbx.dic 
# 
loop_
_database_2.database_id 
_database_2.database_code 
_database_2.pdbx_database_accession 
_database_2.pdbx_DOI 
PDB   1QG1         pdb_00001qg1 10.2210/pdb1qg1/pdb 
RCSB  RCSB000886   ?            ?                   
WWPDB D_1000000886 ?            ?                   
# 
loop_
_pdbx_audit_revision_history.ordinal 
_pdbx_audit_revision_history.data_content_type 
_pdbx_audit_revision_history.major_revision 
_pdbx_audit_revision_history.minor_revision 
_pdbx_audit_revision_history.revision_date 
1 'Structure model' 1 0 1999-04-27 
2 'Structure model' 1 1 2008-04-26 
3 'Structure model' 1 2 2011-07-13 
4 'Structure model' 1 3 2022-03-02 
5 'Structure model' 1 4 2023-12-27 
6 'Structure model' 1 5 2024-11-13 
# 
_pdbx_audit_revision_details.ordinal             1 
_pdbx_audit_revision_details.revision_ordinal    1 
_pdbx_audit_revision_details.data_content_type   'Structure model' 
_pdbx_audit_revision_details.provider            repository 
_pdbx_audit_revision_details.type                'Initial release' 
_pdbx_audit_revision_details.description         ? 
_pdbx_audit_revision_details.details             ? 
# 
loop_
_pdbx_audit_revision_group.ordinal 
_pdbx_audit_revision_group.revision_ordinal 
_pdbx_audit_revision_group.data_content_type 
_pdbx_audit_revision_group.group 
1 2 'Structure model' 'Version format compliance' 
2 3 'Structure model' 'Version format compliance' 
3 4 'Structure model' 'Database references'       
4 4 'Structure model' 'Derived calculations'      
5 5 'Structure model' 'Data collection'           
6 6 'Structure model' 'Structure summary'         
# 
loop_
_pdbx_audit_revision_category.ordinal 
_pdbx_audit_revision_category.revision_ordinal 
_pdbx_audit_revision_category.data_content_type 
_pdbx_audit_revision_category.category 
1 4 'Structure model' database_2                
2 4 'Structure model' pdbx_struct_assembly      
3 4 'Structure model' pdbx_struct_oper_list     
4 4 'Structure model' struct_conn               
5 4 'Structure model' struct_ref_seq_dif        
6 5 'Structure model' chem_comp_atom            
7 5 'Structure model' chem_comp_bond            
8 6 'Structure model' pdbx_entry_details        
9 6 'Structure model' pdbx_modification_feature 
# 
loop_
_pdbx_audit_revision_item.ordinal 
_pdbx_audit_revision_item.revision_ordinal 
_pdbx_audit_revision_item.data_content_type 
_pdbx_audit_revision_item.item 
1 4 'Structure model' '_database_2.pdbx_DOI'                
2 4 'Structure model' '_database_2.pdbx_database_accession' 
3 4 'Structure model' '_struct_conn.pdbx_leaving_atom_flag' 
4 4 'Structure model' '_struct_ref_seq_dif.details'         
# 
_pdbx_database_status.status_code                     REL 
_pdbx_database_status.entry_id                        1QG1 
_pdbx_database_status.recvd_initial_deposition_date   1999-04-19 
_pdbx_database_status.deposit_site                    PDBE 
_pdbx_database_status.process_site                    RCSB 
_pdbx_database_status.status_code_mr                  REL 
_pdbx_database_status.SG_entry                        . 
_pdbx_database_status.pdb_format_compatible           Y 
_pdbx_database_status.status_code_sf                  ? 
_pdbx_database_status.status_code_cs                  ? 
_pdbx_database_status.status_code_nmr_data            ? 
_pdbx_database_status.methods_development_category    ? 
# 
_audit_author.name           'Ogura, K.' 
_audit_author.pdbx_ordinal   1 
# 
_citation.id                        primary 
_citation.title                     
'Solution structure of the SH2 domain of Grb2 complexed with the Shc-derived phosphotyrosine-containing peptide.' 
_citation.journal_abbrev            J.Mol.Biol. 
_citation.journal_volume            289 
_citation.page_first                439 
_citation.page_last                 445 
_citation.year                      1999 
_citation.journal_id_ASTM           JMOBAK 
_citation.country                   UK 
_citation.journal_id_ISSN           0022-2836 
_citation.journal_id_CSD            0070 
_citation.book_publisher            ? 
_citation.pdbx_database_id_PubMed   10356320 
_citation.pdbx_database_id_DOI      10.1006/jmbi.1999.2792 
# 
loop_
_citation_author.citation_id 
_citation_author.name 
_citation_author.ordinal 
_citation_author.identifier_ORCID 
primary 'Ogura, K.'        1 ? 
primary 'Tsuchiya, S.'     2 ? 
primary 'Terasawa, H.'     3 ? 
primary 'Yuzawa, S.'       4 ? 
primary 'Hatanaka, H.'     5 ? 
primary 'Mandiyan, V.'     6 ? 
primary 'Schlessinger, J.' 7 ? 
primary 'Inagaki, F.'      8 ? 
# 
loop_
_entity.id 
_entity.type 
_entity.src_method 
_entity.pdbx_description 
_entity.formula_weight 
_entity.pdbx_number_of_molecules 
_entity.pdbx_ec 
_entity.pdbx_mutation 
_entity.pdbx_fragment 
_entity.details 
1 polymer man 'PROTEIN (GROWTH FACTOR RECEPTOR BINDING PROTEIN)' 12012.516 1 ? ? SH2     
'RESIDUES HIS-58 - THR-159 AND THE EXTRINSIC N-TERMINAL TWO RESIDUES, GLY-56 AND SER-57' 
2 polymer syn 'PROTEIN (SHC-DERIVED PEPTIDE)'                    1587.558  1 ? ? 423-435 ? 
# 
_entity_name_com.entity_id   1 
_entity_name_com.name        GRB2-SH2 
# 
loop_
_entity_poly.entity_id 
_entity_poly.type 
_entity_poly.nstd_linkage 
_entity_poly.nstd_monomer 
_entity_poly.pdbx_seq_one_letter_code 
_entity_poly.pdbx_seq_one_letter_code_can 
_entity_poly.pdbx_strand_id 
_entity_poly.pdbx_target_identifier 
1 'polypeptide(L)' no no  
;GSHPWFFGKIPRAKAEEMLSKQRHDGAFLIRESESAPGDFSLSVKFGNDVQHFKVLRDGAGKYFLWVVKFNSLNELVDYH
RSTSVSRNQQIFLRDIEQVPQQPT
;
;GSHPWFFGKIPRAKAEEMLSKQRHDGAFLIRESESAPGDFSLSVKFGNDVQHFKVLRDGAGKYFLWVVKFNSLNELVDYH
RSTSVSRNQQIFLRDIEQVPQQPT
;
E ? 
2 'polypeptide(L)' no yes 'DDPS(PTR)VNVQNLDK' DDPSYVNVQNLDK I ? 
# 
loop_
_entity_poly_seq.entity_id 
_entity_poly_seq.num 
_entity_poly_seq.mon_id 
_entity_poly_seq.hetero 
1 1   GLY n 
1 2   SER n 
1 3   HIS n 
1 4   PRO n 
1 5   TRP n 
1 6   PHE n 
1 7   PHE n 
1 8   GLY n 
1 9   LYS n 
1 10  ILE n 
1 11  PRO n 
1 12  ARG n 
1 13  ALA n 
1 14  LYS n 
1 15  ALA n 
1 16  GLU n 
1 17  GLU n 
1 18  MET n 
1 19  LEU n 
1 20  SER n 
1 21  LYS n 
1 22  GLN n 
1 23  ARG n 
1 24  HIS n 
1 25  ASP n 
1 26  GLY n 
1 27  ALA n 
1 28  PHE n 
1 29  LEU n 
1 30  ILE n 
1 31  ARG n 
1 32  GLU n 
1 33  SER n 
1 34  GLU n 
1 35  SER n 
1 36  ALA n 
1 37  PRO n 
1 38  GLY n 
1 39  ASP n 
1 40  PHE n 
1 41  SER n 
1 42  LEU n 
1 43  SER n 
1 44  VAL n 
1 45  LYS n 
1 46  PHE n 
1 47  GLY n 
1 48  ASN n 
1 49  ASP n 
1 50  VAL n 
1 51  GLN n 
1 52  HIS n 
1 53  PHE n 
1 54  LYS n 
1 55  VAL n 
1 56  LEU n 
1 57  ARG n 
1 58  ASP n 
1 59  GLY n 
1 60  ALA n 
1 61  GLY n 
1 62  LYS n 
1 63  TYR n 
1 64  PHE n 
1 65  LEU n 
1 66  TRP n 
1 67  VAL n 
1 68  VAL n 
1 69  LYS n 
1 70  PHE n 
1 71  ASN n 
1 72  SER n 
1 73  LEU n 
1 74  ASN n 
1 75  GLU n 
1 76  LEU n 
1 77  VAL n 
1 78  ASP n 
1 79  TYR n 
1 80  HIS n 
1 81  ARG n 
1 82  SER n 
1 83  THR n 
1 84  SER n 
1 85  VAL n 
1 86  SER n 
1 87  ARG n 
1 88  ASN n 
1 89  GLN n 
1 90  GLN n 
1 91  ILE n 
1 92  PHE n 
1 93  LEU n 
1 94  ARG n 
1 95  ASP n 
1 96  ILE n 
1 97  GLU n 
1 98  GLN n 
1 99  VAL n 
1 100 PRO n 
1 101 GLN n 
1 102 GLN n 
1 103 PRO n 
1 104 THR n 
2 1   ASP n 
2 2   ASP n 
2 3   PRO n 
2 4   SER n 
2 5   PTR n 
2 6   VAL n 
2 7   ASN n 
2 8   VAL n 
2 9   GLN n 
2 10  ASN n 
2 11  LEU n 
2 12  ASP n 
2 13  LYS n 
# 
_entity_src_gen.entity_id                          1 
_entity_src_gen.pdbx_src_id                        1 
_entity_src_gen.pdbx_alt_source_flag               sample 
_entity_src_gen.pdbx_seq_type                      ? 
_entity_src_gen.pdbx_beg_seq_num                   ? 
_entity_src_gen.pdbx_end_seq_num                   ? 
_entity_src_gen.gene_src_common_name               human 
_entity_src_gen.gene_src_genus                     Homo 
_entity_src_gen.pdbx_gene_src_gene                 ? 
_entity_src_gen.gene_src_species                   ? 
_entity_src_gen.gene_src_strain                    ? 
_entity_src_gen.gene_src_tissue                    ? 
_entity_src_gen.gene_src_tissue_fraction           ? 
_entity_src_gen.gene_src_details                   ? 
_entity_src_gen.pdbx_gene_src_fragment             ? 
_entity_src_gen.pdbx_gene_src_scientific_name      'Homo sapiens' 
_entity_src_gen.pdbx_gene_src_ncbi_taxonomy_id     9606 
_entity_src_gen.pdbx_gene_src_variant              ? 
_entity_src_gen.pdbx_gene_src_cell_line            ? 
_entity_src_gen.pdbx_gene_src_atcc                 ? 
_entity_src_gen.pdbx_gene_src_organ                ? 
_entity_src_gen.pdbx_gene_src_organelle            ? 
_entity_src_gen.pdbx_gene_src_cell                 ? 
_entity_src_gen.pdbx_gene_src_cellular_location    ? 
_entity_src_gen.host_org_common_name               ? 
_entity_src_gen.pdbx_host_org_scientific_name      'Escherichia coli' 
_entity_src_gen.pdbx_host_org_ncbi_taxonomy_id     562 
_entity_src_gen.host_org_genus                     Escherichia 
_entity_src_gen.pdbx_host_org_gene                 
'PROTEIN WAS EXPRESSED WITH PGEX-4T-2 VECTOR AND BL21 (DE3) CELL AS GST-FUSION PROTEIN, AND CLEAVED WITH TRYPSIN' 
_entity_src_gen.pdbx_host_org_organ                ? 
_entity_src_gen.host_org_species                   ? 
_entity_src_gen.pdbx_host_org_tissue               ? 
_entity_src_gen.pdbx_host_org_tissue_fraction      ? 
_entity_src_gen.pdbx_host_org_strain               ? 
_entity_src_gen.pdbx_host_org_variant              ? 
_entity_src_gen.pdbx_host_org_cell_line            ? 
_entity_src_gen.pdbx_host_org_atcc                 ? 
_entity_src_gen.pdbx_host_org_culture_collection   ? 
_entity_src_gen.pdbx_host_org_cell                 ? 
_entity_src_gen.pdbx_host_org_organelle            ? 
_entity_src_gen.pdbx_host_org_cellular_location    ? 
_entity_src_gen.pdbx_host_org_vector_type          ? 
_entity_src_gen.pdbx_host_org_vector               PGEX-4T-2 
_entity_src_gen.host_org_details                   ? 
_entity_src_gen.expression_system_id               ? 
_entity_src_gen.plasmid_name                       'BL21 (DE3)' 
_entity_src_gen.plasmid_details                    ? 
_entity_src_gen.pdbx_description                   ? 
# 
_pdbx_entity_src_syn.entity_id              2 
_pdbx_entity_src_syn.pdbx_src_id            1 
_pdbx_entity_src_syn.pdbx_alt_source_flag   sample 
_pdbx_entity_src_syn.pdbx_beg_seq_num       ? 
_pdbx_entity_src_syn.pdbx_end_seq_num       ? 
_pdbx_entity_src_syn.organism_scientific    ? 
_pdbx_entity_src_syn.organism_common_name   ? 
_pdbx_entity_src_syn.ncbi_taxonomy_id       ? 
_pdbx_entity_src_syn.details                
;THE PEPTIDE WAS CHEMICALLY SYNTHESIZED BY THE SOLID-PHASE FMOC STRATEGY. THE SEQUENCE OF THIS PEPTIDE IS NATURALLY FOUND IN HOMO SAPIENS (HUMAN).
;
# 
loop_
_chem_comp.id 
_chem_comp.type 
_chem_comp.mon_nstd_flag 
_chem_comp.name 
_chem_comp.pdbx_synonyms 
_chem_comp.formula 
_chem_comp.formula_weight 
ALA 'L-peptide linking' y ALANINE           ?                 'C3 H7 N O2'     89.093  
ARG 'L-peptide linking' y ARGININE          ?                 'C6 H15 N4 O2 1' 175.209 
ASN 'L-peptide linking' y ASPARAGINE        ?                 'C4 H8 N2 O3'    132.118 
ASP 'L-peptide linking' y 'ASPARTIC ACID'   ?                 'C4 H7 N O4'     133.103 
GLN 'L-peptide linking' y GLUTAMINE         ?                 'C5 H10 N2 O3'   146.144 
GLU 'L-peptide linking' y 'GLUTAMIC ACID'   ?                 'C5 H9 N O4'     147.129 
GLY 'peptide linking'   y GLYCINE           ?                 'C2 H5 N O2'     75.067  
HIS 'L-peptide linking' y HISTIDINE         ?                 'C6 H10 N3 O2 1' 156.162 
ILE 'L-peptide linking' y ISOLEUCINE        ?                 'C6 H13 N O2'    131.173 
LEU 'L-peptide linking' y LEUCINE           ?                 'C6 H13 N O2'    131.173 
LYS 'L-peptide linking' y LYSINE            ?                 'C6 H15 N2 O2 1' 147.195 
MET 'L-peptide linking' y METHIONINE        ?                 'C5 H11 N O2 S'  149.211 
PHE 'L-peptide linking' y PHENYLALANINE     ?                 'C9 H11 N O2'    165.189 
PRO 'L-peptide linking' y PROLINE           ?                 'C5 H9 N O2'     115.130 
PTR 'L-peptide linking' n O-PHOSPHOTYROSINE PHOSPHONOTYROSINE 'C9 H12 N O6 P'  261.168 
SER 'L-peptide linking' y SERINE            ?                 'C3 H7 N O3'     105.093 
THR 'L-peptide linking' y THREONINE         ?                 'C4 H9 N O3'     119.119 
TRP 'L-peptide linking' y TRYPTOPHAN        ?                 'C11 H12 N2 O2'  204.225 
TYR 'L-peptide linking' y TYROSINE          ?                 'C9 H11 N O3'    181.189 
VAL 'L-peptide linking' y VALINE            ?                 'C5 H11 N O2'    117.146 
# 
loop_
_pdbx_poly_seq_scheme.asym_id 
_pdbx_poly_seq_scheme.entity_id 
_pdbx_poly_seq_scheme.seq_id 
_pdbx_poly_seq_scheme.mon_id 
_pdbx_poly_seq_scheme.ndb_seq_num 
_pdbx_poly_seq_scheme.pdb_seq_num 
_pdbx_poly_seq_scheme.auth_seq_num 
_pdbx_poly_seq_scheme.pdb_mon_id 
_pdbx_poly_seq_scheme.auth_mon_id 
_pdbx_poly_seq_scheme.pdb_strand_id 
_pdbx_poly_seq_scheme.pdb_ins_code 
_pdbx_poly_seq_scheme.hetero 
A 1 1   GLY 1   1   1   GLY GLY E . n 
A 1 2   SER 2   2   2   SER SER E . n 
A 1 3   HIS 3   3   3   HIS HIS E . n 
A 1 4   PRO 4   4   4   PRO PRO E . n 
A 1 5   TRP 5   5   5   TRP TRP E . n 
A 1 6   PHE 6   6   6   PHE PHE E . n 
A 1 7   PHE 7   7   7   PHE PHE E . n 
A 1 8   GLY 8   8   8   GLY GLY E . n 
A 1 9   LYS 9   9   9   LYS LYS E . n 
A 1 10  ILE 10  10  10  ILE ILE E . n 
A 1 11  PRO 11  11  11  PRO PRO E . n 
A 1 12  ARG 12  12  12  ARG ARG E . n 
A 1 13  ALA 13  13  13  ALA ALA E . n 
A 1 14  LYS 14  14  14  LYS LYS E . n 
A 1 15  ALA 15  15  15  ALA ALA E . n 
A 1 16  GLU 16  16  16  GLU GLU E . n 
A 1 17  GLU 17  17  17  GLU GLU E . n 
A 1 18  MET 18  18  18  MET MET E . n 
A 1 19  LEU 19  19  19  LEU LEU E . n 
A 1 20  SER 20  20  20  SER SER E . n 
A 1 21  LYS 21  21  21  LYS LYS E . n 
A 1 22  GLN 22  22  22  GLN GLN E . n 
A 1 23  ARG 23  23  23  ARG ARG E . n 
A 1 24  HIS 24  24  24  HIS HIS E . n 
A 1 25  ASP 25  25  25  ASP ASP E . n 
A 1 26  GLY 26  26  26  GLY GLY E . n 
A 1 27  ALA 27  27  27  ALA ALA E . n 
A 1 28  PHE 28  28  28  PHE PHE E . n 
A 1 29  LEU 29  29  29  LEU LEU E . n 
A 1 30  ILE 30  30  30  ILE ILE E . n 
A 1 31  ARG 31  31  31  ARG ARG E . n 
A 1 32  GLU 32  32  32  GLU GLU E . n 
A 1 33  SER 33  33  33  SER SER E . n 
A 1 34  GLU 34  34  34  GLU GLU E . n 
A 1 35  SER 35  35  35  SER SER E . n 
A 1 36  ALA 36  36  36  ALA ALA E . n 
A 1 37  PRO 37  37  37  PRO PRO E . n 
A 1 38  GLY 38  38  38  GLY GLY E . n 
A 1 39  ASP 39  39  39  ASP ASP E . n 
A 1 40  PHE 40  40  40  PHE PHE E . n 
A 1 41  SER 41  41  41  SER SER E . n 
A 1 42  LEU 42  42  42  LEU LEU E . n 
A 1 43  SER 43  43  43  SER SER E . n 
A 1 44  VAL 44  44  44  VAL VAL E . n 
A 1 45  LYS 45  45  45  LYS LYS E . n 
A 1 46  PHE 46  46  46  PHE PHE E . n 
A 1 47  GLY 47  47  47  GLY GLY E . n 
A 1 48  ASN 48  48  48  ASN ASN E . n 
A 1 49  ASP 49  49  49  ASP ASP E . n 
A 1 50  VAL 50  50  50  VAL VAL E . n 
A 1 51  GLN 51  51  51  GLN GLN E . n 
A 1 52  HIS 52  52  52  HIS HIS E . n 
A 1 53  PHE 53  53  53  PHE PHE E . n 
A 1 54  LYS 54  54  54  LYS LYS E . n 
A 1 55  VAL 55  55  55  VAL VAL E . n 
A 1 56  LEU 56  56  56  LEU LEU E . n 
A 1 57  ARG 57  57  57  ARG ARG E . n 
A 1 58  ASP 58  58  58  ASP ASP E . n 
A 1 59  GLY 59  59  59  GLY GLY E . n 
A 1 60  ALA 60  60  60  ALA ALA E . n 
A 1 61  GLY 61  61  61  GLY GLY E . n 
A 1 62  LYS 62  62  62  LYS LYS E . n 
A 1 63  TYR 63  63  63  TYR TYR E . n 
A 1 64  PHE 64  64  64  PHE PHE E . n 
A 1 65  LEU 65  65  65  LEU LEU E . n 
A 1 66  TRP 66  66  66  TRP TRP E . n 
A 1 67  VAL 67  67  67  VAL VAL E . n 
A 1 68  VAL 68  68  68  VAL VAL E . n 
A 1 69  LYS 69  69  69  LYS LYS E . n 
A 1 70  PHE 70  70  70  PHE PHE E . n 
A 1 71  ASN 71  71  71  ASN ASN E . n 
A 1 72  SER 72  72  72  SER SER E . n 
A 1 73  LEU 73  73  73  LEU LEU E . n 
A 1 74  ASN 74  74  74  ASN ASN E . n 
A 1 75  GLU 75  75  75  GLU GLU E . n 
A 1 76  LEU 76  76  76  LEU LEU E . n 
A 1 77  VAL 77  77  77  VAL VAL E . n 
A 1 78  ASP 78  78  78  ASP ASP E . n 
A 1 79  TYR 79  79  79  TYR TYR E . n 
A 1 80  HIS 80  80  80  HIS HIS E . n 
A 1 81  ARG 81  81  81  ARG ARG E . n 
A 1 82  SER 82  82  82  SER SER E . n 
A 1 83  THR 83  83  83  THR THR E . n 
A 1 84  SER 84  84  84  SER SER E . n 
A 1 85  VAL 85  85  85  VAL VAL E . n 
A 1 86  SER 86  86  86  SER SER E . n 
A 1 87  ARG 87  87  87  ARG ARG E . n 
A 1 88  ASN 88  88  88  ASN ASN E . n 
A 1 89  GLN 89  89  89  GLN GLN E . n 
A 1 90  GLN 90  90  90  GLN GLN E . n 
A 1 91  ILE 91  91  91  ILE ILE E . n 
A 1 92  PHE 92  92  92  PHE PHE E . n 
A 1 93  LEU 93  93  93  LEU LEU E . n 
A 1 94  ARG 94  94  94  ARG ARG E . n 
A 1 95  ASP 95  95  95  ASP ASP E . n 
A 1 96  ILE 96  96  96  ILE ILE E . n 
A 1 97  GLU 97  97  97  GLU GLU E . n 
A 1 98  GLN 98  98  98  GLN GLN E . n 
A 1 99  VAL 99  99  99  VAL VAL E . n 
A 1 100 PRO 100 100 100 PRO PRO E . n 
A 1 101 GLN 101 101 101 GLN GLN E . n 
A 1 102 GLN 102 102 102 GLN GLN E . n 
A 1 103 PRO 103 103 103 PRO PRO E . n 
A 1 104 THR 104 104 104 THR THR E . n 
B 2 1   ASP 1   1   1   ASP ASP I . n 
B 2 2   ASP 2   2   2   ASP ASP I . n 
B 2 3   PRO 3   3   3   PRO PRO I . n 
B 2 4   SER 4   4   4   SER SER I . n 
B 2 5   PTR 5   5   5   PTR PTR I . n 
B 2 6   VAL 6   6   6   VAL VAL I . n 
B 2 7   ASN 7   7   7   ASN ASN I . n 
B 2 8   VAL 8   8   8   VAL VAL I . n 
B 2 9   GLN 9   9   9   GLN GLN I . n 
B 2 10  ASN 10  10  10  ASN ASN I . n 
B 2 11  LEU 11  11  11  LEU LEU I . n 
B 2 12  ASP 12  12  12  ASP ASP I . n 
B 2 13  LYS 13  13  13  LYS LYS I . n 
# 
_cell.entry_id           1QG1 
_cell.length_a           1.000 
_cell.length_b           1.000 
_cell.length_c           1.000 
_cell.angle_alpha        90.00 
_cell.angle_beta         90.00 
_cell.angle_gamma        90.00 
_cell.Z_PDB              1 
_cell.pdbx_unique_axis   ? 
# 
_symmetry.entry_id                         1QG1 
_symmetry.space_group_name_H-M             'P 1' 
_symmetry.pdbx_full_space_group_name_H-M   ? 
_symmetry.cell_setting                     ? 
_symmetry.Int_Tables_number                1 
# 
_exptl.entry_id          1QG1 
_exptl.method            'SOLUTION NMR' 
_exptl.crystals_number   ? 
# 
_struct.entry_id                  1QG1 
_struct.title                     'GROWTH FACTOR RECEPTOR BINDING PROTEIN SH2 DOMAIN COMPLEXED WITH AN SHC-DERIVED PEPTIDE' 
_struct.pdbx_model_details        ? 
_struct.pdbx_CASP_flag            ? 
_struct.pdbx_model_type_details   ? 
# 
_struct_keywords.entry_id        1QG1 
_struct_keywords.pdbx_keywords   'HORMONE/GROWTH FACTOR' 
_struct_keywords.text            
'SIGNAL TRANSDUCTION, SH2 DOMAIN, PHOSPHOTYROSYL PEPTIDE, COMPLEX (SIGNAL TRANSDUCTION-PEPTIDE), HORMONE-GROWTH FACTOR COMPLEX' 
# 
loop_
_struct_asym.id 
_struct_asym.pdbx_blank_PDB_chainid_flag 
_struct_asym.pdbx_modified 
_struct_asym.entity_id 
_struct_asym.details 
A N N 1 ? 
B N N 2 ? 
# 
loop_
_struct_ref.id 
_struct_ref.db_name 
_struct_ref.db_code 
_struct_ref.entity_id 
_struct_ref.pdbx_db_accession 
_struct_ref.pdbx_db_isoform 
_struct_ref.pdbx_seq_one_letter_code 
_struct_ref.pdbx_align_begin 
1 UNP GRB2_HUMAN 1 P62993 ? ? ? 
2 UNP SHC1_HUMAN 2 P29353 ? ? ? 
# 
loop_
_struct_ref_seq.align_id 
_struct_ref_seq.ref_id 
_struct_ref_seq.pdbx_PDB_id_code 
_struct_ref_seq.pdbx_strand_id 
_struct_ref_seq.seq_align_beg 
_struct_ref_seq.pdbx_seq_align_beg_ins_code 
_struct_ref_seq.seq_align_end 
_struct_ref_seq.pdbx_seq_align_end_ins_code 
_struct_ref_seq.pdbx_db_accession 
_struct_ref_seq.db_align_beg 
_struct_ref_seq.pdbx_db_align_beg_ins_code 
_struct_ref_seq.db_align_end 
_struct_ref_seq.pdbx_db_align_end_ins_code 
_struct_ref_seq.pdbx_auth_seq_align_beg 
_struct_ref_seq.pdbx_auth_seq_align_end 
1 1 1QG1 E 3 ? 104 ? P62993 58  ? 159 ? 3 104 
2 2 1QG1 I 1 ? 13  ? P29353 423 ? 435 ? 1 13  
# 
loop_
_struct_ref_seq_dif.align_id 
_struct_ref_seq_dif.pdbx_pdb_id_code 
_struct_ref_seq_dif.mon_id 
_struct_ref_seq_dif.pdbx_pdb_strand_id 
_struct_ref_seq_dif.seq_num 
_struct_ref_seq_dif.pdbx_pdb_ins_code 
_struct_ref_seq_dif.pdbx_seq_db_name 
_struct_ref_seq_dif.pdbx_seq_db_accession_code 
_struct_ref_seq_dif.db_mon_id 
_struct_ref_seq_dif.pdbx_seq_db_seq_num 
_struct_ref_seq_dif.details 
_struct_ref_seq_dif.pdbx_auth_seq_num 
_struct_ref_seq_dif.pdbx_ordinal 
1 1QG1 GLY E 1 ? UNP P62993 ?   ?   'cloning artifact' 1 1 
1 1QG1 SER E 2 ? UNP P62993 ?   ?   'cloning artifact' 2 2 
2 1QG1 PTR I 5 ? UNP P29353 TYR 427 'modified residue' 5 3 
# 
_pdbx_struct_assembly.id                   1 
_pdbx_struct_assembly.details              author_defined_assembly 
_pdbx_struct_assembly.method_details       ? 
_pdbx_struct_assembly.oligomeric_details   dimeric 
_pdbx_struct_assembly.oligomeric_count     2 
# 
_pdbx_struct_assembly_gen.assembly_id       1 
_pdbx_struct_assembly_gen.oper_expression   1 
_pdbx_struct_assembly_gen.asym_id_list      A,B 
# 
_pdbx_struct_oper_list.id                   1 
_pdbx_struct_oper_list.type                 'identity operation' 
_pdbx_struct_oper_list.name                 1_555 
_pdbx_struct_oper_list.symmetry_operation   x,y,z 
_pdbx_struct_oper_list.matrix[1][1]         1.0000000000 
_pdbx_struct_oper_list.matrix[1][2]         0.0000000000 
_pdbx_struct_oper_list.matrix[1][3]         0.0000000000 
_pdbx_struct_oper_list.vector[1]            0.0000000000 
_pdbx_struct_oper_list.matrix[2][1]         0.0000000000 
_pdbx_struct_oper_list.matrix[2][2]         1.0000000000 
_pdbx_struct_oper_list.matrix[2][3]         0.0000000000 
_pdbx_struct_oper_list.vector[2]            0.0000000000 
_pdbx_struct_oper_list.matrix[3][1]         0.0000000000 
_pdbx_struct_oper_list.matrix[3][2]         0.0000000000 
_pdbx_struct_oper_list.matrix[3][3]         1.0000000000 
_pdbx_struct_oper_list.vector[3]            0.0000000000 
# 
_struct_biol.id   1 
# 
loop_
_struct_conf.conf_type_id 
_struct_conf.id 
_struct_conf.pdbx_PDB_helix_id 
_struct_conf.beg_label_comp_id 
_struct_conf.beg_label_asym_id 
_struct_conf.beg_label_seq_id 
_struct_conf.pdbx_beg_PDB_ins_code 
_struct_conf.end_label_comp_id 
_struct_conf.end_label_asym_id 
_struct_conf.end_label_seq_id 
_struct_conf.pdbx_end_PDB_ins_code 
_struct_conf.beg_auth_comp_id 
_struct_conf.beg_auth_asym_id 
_struct_conf.beg_auth_seq_id 
_struct_conf.end_auth_comp_id 
_struct_conf.end_auth_asym_id 
_struct_conf.end_auth_seq_id 
_struct_conf.pdbx_PDB_helix_class 
_struct_conf.details 
_struct_conf.pdbx_PDB_helix_length 
HELX_P HELX_P1 1 PRO A 11 ? LEU A 19 ? PRO E 11 LEU E 19 1 ? 9  
HELX_P HELX_P2 2 SER A 72 ? THR A 83 ? SER E 72 THR E 83 1 ? 12 
# 
_struct_conf_type.id          HELX_P 
_struct_conf_type.criteria    ? 
_struct_conf_type.reference   ? 
# 
loop_
_struct_conn.id 
_struct_conn.conn_type_id 
_struct_conn.pdbx_leaving_atom_flag 
_struct_conn.pdbx_PDB_id 
_struct_conn.ptnr1_label_asym_id 
_struct_conn.ptnr1_label_comp_id 
_struct_conn.ptnr1_label_seq_id 
_struct_conn.ptnr1_label_atom_id 
_struct_conn.pdbx_ptnr1_label_alt_id 
_struct_conn.pdbx_ptnr1_PDB_ins_code 
_struct_conn.pdbx_ptnr1_standard_comp_id 
_struct_conn.ptnr1_symmetry 
_struct_conn.ptnr2_label_asym_id 
_struct_conn.ptnr2_label_comp_id 
_struct_conn.ptnr2_label_seq_id 
_struct_conn.ptnr2_label_atom_id 
_struct_conn.pdbx_ptnr2_label_alt_id 
_struct_conn.pdbx_ptnr2_PDB_ins_code 
_struct_conn.ptnr1_auth_asym_id 
_struct_conn.ptnr1_auth_comp_id 
_struct_conn.ptnr1_auth_seq_id 
_struct_conn.ptnr2_auth_asym_id 
_struct_conn.ptnr2_auth_comp_id 
_struct_conn.ptnr2_auth_seq_id 
_struct_conn.ptnr2_symmetry 
_struct_conn.pdbx_ptnr3_label_atom_id 
_struct_conn.pdbx_ptnr3_label_seq_id 
_struct_conn.pdbx_ptnr3_label_comp_id 
_struct_conn.pdbx_ptnr3_label_asym_id 
_struct_conn.pdbx_ptnr3_label_alt_id 
_struct_conn.pdbx_ptnr3_PDB_ins_code 
_struct_conn.details 
_struct_conn.pdbx_dist_value 
_struct_conn.pdbx_value_order 
_struct_conn.pdbx_role 
covale1 covale both ? B SER 4 C ? ? ? 1_555 B PTR 5 N ? ? I SER 4 I PTR 5 1_555 ? ? ? ? ? ? ? 1.302 ? ? 
covale2 covale both ? B PTR 5 C ? ? ? 1_555 B VAL 6 N ? ? I PTR 5 I VAL 6 1_555 ? ? ? ? ? ? ? 1.308 ? ? 
# 
_struct_conn_type.id          covale 
_struct_conn_type.criteria    ? 
_struct_conn_type.reference   ? 
# 
_pdbx_modification_feature.ordinal                            1 
_pdbx_modification_feature.label_comp_id                      PTR 
_pdbx_modification_feature.label_asym_id                      B 
_pdbx_modification_feature.label_seq_id                       5 
_pdbx_modification_feature.label_alt_id                       ? 
_pdbx_modification_feature.modified_residue_label_comp_id     . 
_pdbx_modification_feature.modified_residue_label_asym_id     . 
_pdbx_modification_feature.modified_residue_label_seq_id      . 
_pdbx_modification_feature.modified_residue_label_alt_id      . 
_pdbx_modification_feature.auth_comp_id                       PTR 
_pdbx_modification_feature.auth_asym_id                       I 
_pdbx_modification_feature.auth_seq_id                        5 
_pdbx_modification_feature.PDB_ins_code                       ? 
_pdbx_modification_feature.symmetry                           1_555 
_pdbx_modification_feature.modified_residue_auth_comp_id      . 
_pdbx_modification_feature.modified_residue_auth_asym_id      . 
_pdbx_modification_feature.modified_residue_auth_seq_id       . 
_pdbx_modification_feature.modified_residue_PDB_ins_code      . 
_pdbx_modification_feature.modified_residue_symmetry          . 
_pdbx_modification_feature.comp_id_linking_atom               . 
_pdbx_modification_feature.modified_residue_id_linking_atom   . 
_pdbx_modification_feature.modified_residue_id                TYR 
_pdbx_modification_feature.ref_pcm_id                         1 
_pdbx_modification_feature.ref_comp_id                        PTR 
_pdbx_modification_feature.type                               Phosphorylation 
_pdbx_modification_feature.category                           'Named protein modification' 
# 
loop_
_struct_sheet.id 
_struct_sheet.type 
_struct_sheet.number_strands 
_struct_sheet.details 
A  ? 4 ? 
A1 ? 4 ? 
B  ? 3 ? 
# 
loop_
_struct_sheet_order.sheet_id 
_struct_sheet_order.range_id_1 
_struct_sheet_order.range_id_2 
_struct_sheet_order.offset 
_struct_sheet_order.sense 
A  1 2 ? anti-parallel 
A  2 3 ? anti-parallel 
A  3 4 ? parallel      
A1 1 2 ? anti-parallel 
A1 2 3 ? anti-parallel 
A1 3 4 ? parallel      
B  1 2 ? anti-parallel 
B  2 3 ? anti-parallel 
# 
loop_
_struct_sheet_range.sheet_id 
_struct_sheet_range.id 
_struct_sheet_range.beg_label_comp_id 
_struct_sheet_range.beg_label_asym_id 
_struct_sheet_range.beg_label_seq_id 
_struct_sheet_range.pdbx_beg_PDB_ins_code 
_struct_sheet_range.end_label_comp_id 
_struct_sheet_range.end_label_asym_id 
_struct_sheet_range.end_label_seq_id 
_struct_sheet_range.pdbx_end_PDB_ins_code 
_struct_sheet_range.beg_auth_comp_id 
_struct_sheet_range.beg_auth_asym_id 
_struct_sheet_range.beg_auth_seq_id 
_struct_sheet_range.end_auth_comp_id 
_struct_sheet_range.end_auth_asym_id 
_struct_sheet_range.end_auth_seq_id 
A  1 ASP A 49 ? LYS A 54 ? ASP E 49 LYS E 54 
A  2 SER A 41 ? PHE A 46 ? SER E 41 PHE E 46 
A  3 ALA A 27 ? ARG A 31 ? ALA E 27 ARG E 31 
A  4 PHE A 6  ? GLY A 8  ? PHE E 6  GLY E 8  
A1 1 ASP A 49 ? LYS A 54 ? ASP E 49 LYS E 54 
A1 2 SER A 41 ? PHE A 46 ? SER E 41 PHE E 46 
A1 3 ALA A 27 ? ARG A 31 ? ALA E 27 ARG E 31 
A1 4 ARG A 94 ? ASP A 95 ? ARG E 94 ASP E 95 
B  1 LEU A 56 ? ARG A 57 ? LEU E 56 ARG E 57 
B  2 TYR A 63 ? PHE A 64 ? TYR E 63 PHE E 64 
B  3 LYS A 69 ? PHE A 70 ? LYS E 69 PHE E 70 
# 
loop_
_pdbx_struct_sheet_hbond.sheet_id 
_pdbx_struct_sheet_hbond.range_id_1 
_pdbx_struct_sheet_hbond.range_id_2 
_pdbx_struct_sheet_hbond.range_1_label_atom_id 
_pdbx_struct_sheet_hbond.range_1_label_comp_id 
_pdbx_struct_sheet_hbond.range_1_label_asym_id 
_pdbx_struct_sheet_hbond.range_1_label_seq_id 
_pdbx_struct_sheet_hbond.range_1_PDB_ins_code 
_pdbx_struct_sheet_hbond.range_1_auth_atom_id 
_pdbx_struct_sheet_hbond.range_1_auth_comp_id 
_pdbx_struct_sheet_hbond.range_1_auth_asym_id 
_pdbx_struct_sheet_hbond.range_1_auth_seq_id 
_pdbx_struct_sheet_hbond.range_2_label_atom_id 
_pdbx_struct_sheet_hbond.range_2_label_comp_id 
_pdbx_struct_sheet_hbond.range_2_label_asym_id 
_pdbx_struct_sheet_hbond.range_2_label_seq_id 
_pdbx_struct_sheet_hbond.range_2_PDB_ins_code 
_pdbx_struct_sheet_hbond.range_2_auth_atom_id 
_pdbx_struct_sheet_hbond.range_2_auth_comp_id 
_pdbx_struct_sheet_hbond.range_2_auth_asym_id 
_pdbx_struct_sheet_hbond.range_2_auth_seq_id 
A  1 2 N PHE A 53 ? N PHE E 53 O LEU A 42 ? O LEU E 42 
A  2 3 N LYS A 45 ? N LYS E 45 O ALA A 27 ? O ALA E 27 
A  3 4 O ILE A 30 ? O ILE E 30 N PHE A 7  ? N PHE E 7  
A1 1 2 N PHE A 53 ? N PHE E 53 O LEU A 42 ? O LEU E 42 
A1 2 3 N LYS A 45 ? N LYS E 45 O ALA A 27 ? O ALA E 27 
A1 3 4 N PHE A 28 ? N PHE E 28 O ARG A 94 ? O ARG E 94 
B  1 2 N LEU A 56 ? N LEU E 56 O PHE A 64 ? O PHE E 64 
B  2 3 N TYR A 63 ? N TYR E 63 O PHE A 70 ? O PHE E 70 
# 
_pdbx_entry_details.entry_id                   1QG1 
_pdbx_entry_details.compound_details           ? 
_pdbx_entry_details.source_details             ? 
_pdbx_entry_details.nonpolymer_details         ? 
_pdbx_entry_details.sequence_details           ? 
_pdbx_entry_details.has_ligand_of_interest     ? 
_pdbx_entry_details.has_protein_modification   Y 
# 
_pdbx_validate_rmsd_angle.id                         1 
_pdbx_validate_rmsd_angle.PDB_model_num              1 
_pdbx_validate_rmsd_angle.auth_atom_id_1             N 
_pdbx_validate_rmsd_angle.auth_asym_id_1             E 
_pdbx_validate_rmsd_angle.auth_comp_id_1             GLY 
_pdbx_validate_rmsd_angle.auth_seq_id_1              1 
_pdbx_validate_rmsd_angle.PDB_ins_code_1             ? 
_pdbx_validate_rmsd_angle.label_alt_id_1             ? 
_pdbx_validate_rmsd_angle.auth_atom_id_2             CA 
_pdbx_validate_rmsd_angle.auth_asym_id_2             E 
_pdbx_validate_rmsd_angle.auth_comp_id_2             GLY 
_pdbx_validate_rmsd_angle.auth_seq_id_2              1 
_pdbx_validate_rmsd_angle.PDB_ins_code_2             ? 
_pdbx_validate_rmsd_angle.label_alt_id_2             ? 
_pdbx_validate_rmsd_angle.auth_atom_id_3             C 
_pdbx_validate_rmsd_angle.auth_asym_id_3             E 
_pdbx_validate_rmsd_angle.auth_comp_id_3             GLY 
_pdbx_validate_rmsd_angle.auth_seq_id_3              1 
_pdbx_validate_rmsd_angle.PDB_ins_code_3             ? 
_pdbx_validate_rmsd_angle.label_alt_id_3             ? 
_pdbx_validate_rmsd_angle.angle_value                137.38 
_pdbx_validate_rmsd_angle.angle_target_value         113.10 
_pdbx_validate_rmsd_angle.angle_deviation            24.28 
_pdbx_validate_rmsd_angle.angle_standard_deviation   2.50 
_pdbx_validate_rmsd_angle.linker_flag                N 
# 
loop_
_pdbx_validate_torsion.id 
_pdbx_validate_torsion.PDB_model_num 
_pdbx_validate_torsion.auth_comp_id 
_pdbx_validate_torsion.auth_asym_id 
_pdbx_validate_torsion.auth_seq_id 
_pdbx_validate_torsion.PDB_ins_code 
_pdbx_validate_torsion.label_alt_id 
_pdbx_validate_torsion.phi 
_pdbx_validate_torsion.psi 
1  1 SER E 2   ? ? -162.15 -147.83 
2  1 TRP E 5   ? ? -149.88 -37.80  
3  1 LYS E 9   ? ? -118.72 68.77   
4  1 GLN E 22  ? ? -51.53  177.35  
5  1 ALA E 27  ? ? -36.48  137.34  
6  1 GLU E 32  ? ? -96.62  57.66   
7  1 SER E 33  ? ? 34.53   94.84   
8  1 SER E 41  ? ? -170.71 -177.85 
9  1 ASN E 48  ? ? 158.47  -23.33  
10 1 LEU E 65  ? ? -176.41 57.22   
11 1 TRP E 66  ? ? 159.18  -78.01  
12 1 VAL E 67  ? ? -133.58 -74.02  
13 1 SER E 84  ? ? -52.55  -170.55 
14 1 VAL E 85  ? ? -138.93 -36.62  
15 1 GLU E 97  ? ? 41.34   -175.93 
16 1 GLN E 98  ? ? 73.99   -14.05  
17 1 VAL E 99  ? ? 48.12   169.47  
18 1 GLN E 101 ? ? 1.10    112.33  
19 1 GLN E 102 ? ? 98.69   10.73   
20 1 SER I 4   ? ? 77.53   -177.27 
21 1 VAL I 6   ? ? -5.77   -68.82  
22 1 VAL I 8   ? ? -9.30   123.18  
23 1 ASN I 10  ? ? -43.03  166.57  
# 
loop_
_pdbx_validate_planes.id 
_pdbx_validate_planes.PDB_model_num 
_pdbx_validate_planes.auth_comp_id 
_pdbx_validate_planes.auth_asym_id 
_pdbx_validate_planes.auth_seq_id 
_pdbx_validate_planes.PDB_ins_code 
_pdbx_validate_planes.label_alt_id 
_pdbx_validate_planes.rmsd 
_pdbx_validate_planes.type 
1 1 ARG E 12 ? ? 0.318 'SIDE CHAIN' 
2 1 ARG E 81 ? ? 0.279 'SIDE CHAIN' 
3 1 ARG E 87 ? ? 0.221 'SIDE CHAIN' 
4 1 ARG E 94 ? ? 0.269 'SIDE CHAIN' 
# 
_pdbx_struct_mod_residue.id               1 
_pdbx_struct_mod_residue.label_asym_id    B 
_pdbx_struct_mod_residue.label_comp_id    PTR 
_pdbx_struct_mod_residue.label_seq_id     5 
_pdbx_struct_mod_residue.auth_asym_id     I 
_pdbx_struct_mod_residue.auth_comp_id     PTR 
_pdbx_struct_mod_residue.auth_seq_id      5 
_pdbx_struct_mod_residue.PDB_ins_code     ? 
_pdbx_struct_mod_residue.parent_comp_id   TYR 
_pdbx_struct_mod_residue.details          O-PHOSPHOTYROSINE 
# 
_pdbx_nmr_ensemble.entry_id                                      1QG1 
_pdbx_nmr_ensemble.conformers_calculated_total_number            100 
_pdbx_nmr_ensemble.conformers_submitted_total_number             1 
_pdbx_nmr_ensemble.conformer_selection_criteria                  'LOWEST ENERGY' 
_pdbx_nmr_ensemble.average_constraints_per_residue               ? 
_pdbx_nmr_ensemble.average_constraint_violations_per_residue     ? 
_pdbx_nmr_ensemble.maximum_distance_constraint_violation         ? 
_pdbx_nmr_ensemble.average_distance_constraint_violation         ? 
_pdbx_nmr_ensemble.maximum_upper_distance_constraint_violation   ? 
_pdbx_nmr_ensemble.maximum_lower_distance_constraint_violation   ? 
_pdbx_nmr_ensemble.distance_constraint_violation_method          ? 
_pdbx_nmr_ensemble.maximum_torsion_angle_constraint_violation    ? 
_pdbx_nmr_ensemble.average_torsion_angle_constraint_violation    ? 
_pdbx_nmr_ensemble.torsion_angle_constraint_violation_method     ? 
# 
_pdbx_nmr_exptl_sample_conditions.conditions_id       1 
_pdbx_nmr_exptl_sample_conditions.temperature         301 
_pdbx_nmr_exptl_sample_conditions.pressure            ? 
_pdbx_nmr_exptl_sample_conditions.pH                  6.3 
_pdbx_nmr_exptl_sample_conditions.ionic_strength      ? 
_pdbx_nmr_exptl_sample_conditions.pressure_units      ? 
_pdbx_nmr_exptl_sample_conditions.temperature_units   K 
# 
_pdbx_nmr_details.entry_id   1QG1 
_pdbx_nmr_details.text       'MEAN STRUCTURE. NULL' 
# 
loop_
_pdbx_nmr_software.classification 
_pdbx_nmr_software.name 
_pdbx_nmr_software.version 
_pdbx_nmr_software.authors 
_pdbx_nmr_software.ordinal 
refinement           X-PLOR 3.1 BRUNGER 1 
'structure solution' X-PLOR ?   ?       2 
# 
loop_
_chem_comp_atom.comp_id 
_chem_comp_atom.atom_id 
_chem_comp_atom.type_symbol 
_chem_comp_atom.pdbx_aromatic_flag 
_chem_comp_atom.pdbx_stereo_config 
_chem_comp_atom.pdbx_ordinal 
ALA N    N N N 1   
ALA CA   C N S 2   
ALA C    C N N 3   
ALA O    O N N 4   
ALA CB   C N N 5   
ALA OXT  O N N 6   
ALA H    H N N 7   
ALA H2   H N N 8   
ALA HA   H N N 9   
ALA HB1  H N N 10  
ALA HB2  H N N 11  
ALA HB3  H N N 12  
ALA HXT  H N N 13  
ARG N    N N N 14  
ARG CA   C N S 15  
ARG C    C N N 16  
ARG O    O N N 17  
ARG CB   C N N 18  
ARG CG   C N N 19  
ARG CD   C N N 20  
ARG NE   N N N 21  
ARG CZ   C N N 22  
ARG NH1  N N N 23  
ARG NH2  N N N 24  
ARG OXT  O N N 25  
ARG H    H N N 26  
ARG H2   H N N 27  
ARG HA   H N N 28  
ARG HB2  H N N 29  
ARG HB3  H N N 30  
ARG HG2  H N N 31  
ARG HG3  H N N 32  
ARG HD2  H N N 33  
ARG HD3  H N N 34  
ARG HE   H N N 35  
ARG HH11 H N N 36  
ARG HH12 H N N 37  
ARG HH21 H N N 38  
ARG HH22 H N N 39  
ARG HXT  H N N 40  
ASN N    N N N 41  
ASN CA   C N S 42  
ASN C    C N N 43  
ASN O    O N N 44  
ASN CB   C N N 45  
ASN CG   C N N 46  
ASN OD1  O N N 47  
ASN ND2  N N N 48  
ASN OXT  O N N 49  
ASN H    H N N 50  
ASN H2   H N N 51  
ASN HA   H N N 52  
ASN HB2  H N N 53  
ASN HB3  H N N 54  
ASN HD21 H N N 55  
ASN HD22 H N N 56  
ASN HXT  H N N 57  
ASP N    N N N 58  
ASP CA   C N S 59  
ASP C    C N N 60  
ASP O    O N N 61  
ASP CB   C N N 62  
ASP CG   C N N 63  
ASP OD1  O N N 64  
ASP OD2  O N N 65  
ASP OXT  O N N 66  
ASP H    H N N 67  
ASP H2   H N N 68  
ASP HA   H N N 69  
ASP HB2  H N N 70  
ASP HB3  H N N 71  
ASP HD2  H N N 72  
ASP HXT  H N N 73  
GLN N    N N N 74  
GLN CA   C N S 75  
GLN C    C N N 76  
GLN O    O N N 77  
GLN CB   C N N 78  
GLN CG   C N N 79  
GLN CD   C N N 80  
GLN OE1  O N N 81  
GLN NE2  N N N 82  
GLN OXT  O N N 83  
GLN H    H N N 84  
GLN H2   H N N 85  
GLN HA   H N N 86  
GLN HB2  H N N 87  
GLN HB3  H N N 88  
GLN HG2  H N N 89  
GLN HG3  H N N 90  
GLN HE21 H N N 91  
GLN HE22 H N N 92  
GLN HXT  H N N 93  
GLU N    N N N 94  
GLU CA   C N S 95  
GLU C    C N N 96  
GLU O    O N N 97  
GLU CB   C N N 98  
GLU CG   C N N 99  
GLU CD   C N N 100 
GLU OE1  O N N 101 
GLU OE2  O N N 102 
GLU OXT  O N N 103 
GLU H    H N N 104 
GLU H2   H N N 105 
GLU HA   H N N 106 
GLU HB2  H N N 107 
GLU HB3  H N N 108 
GLU HG2  H N N 109 
GLU HG3  H N N 110 
GLU HE2  H N N 111 
GLU HXT  H N N 112 
GLY N    N N N 113 
GLY CA   C N N 114 
GLY C    C N N 115 
GLY O    O N N 116 
GLY OXT  O N N 117 
GLY H    H N N 118 
GLY H2   H N N 119 
GLY HA2  H N N 120 
GLY HA3  H N N 121 
GLY HXT  H N N 122 
HIS N    N N N 123 
HIS CA   C N S 124 
HIS C    C N N 125 
HIS O    O N N 126 
HIS CB   C N N 127 
HIS CG   C Y N 128 
HIS ND1  N Y N 129 
HIS CD2  C Y N 130 
HIS CE1  C Y N 131 
HIS NE2  N Y N 132 
HIS OXT  O N N 133 
HIS H    H N N 134 
HIS H2   H N N 135 
HIS HA   H N N 136 
HIS HB2  H N N 137 
HIS HB3  H N N 138 
HIS HD1  H N N 139 
HIS HD2  H N N 140 
HIS HE1  H N N 141 
HIS HE2  H N N 142 
HIS HXT  H N N 143 
ILE N    N N N 144 
ILE CA   C N S 145 
ILE C    C N N 146 
ILE O    O N N 147 
ILE CB   C N S 148 
ILE CG1  C N N 149 
ILE CG2  C N N 150 
ILE CD1  C N N 151 
ILE OXT  O N N 152 
ILE H    H N N 153 
ILE H2   H N N 154 
ILE HA   H N N 155 
ILE HB   H N N 156 
ILE HG12 H N N 157 
ILE HG13 H N N 158 
ILE HG21 H N N 159 
ILE HG22 H N N 160 
ILE HG23 H N N 161 
ILE HD11 H N N 162 
ILE HD12 H N N 163 
ILE HD13 H N N 164 
ILE HXT  H N N 165 
LEU N    N N N 166 
LEU CA   C N S 167 
LEU C    C N N 168 
LEU O    O N N 169 
LEU CB   C N N 170 
LEU CG   C N N 171 
LEU CD1  C N N 172 
LEU CD2  C N N 173 
LEU OXT  O N N 174 
LEU H    H N N 175 
LEU H2   H N N 176 
LEU HA   H N N 177 
LEU HB2  H N N 178 
LEU HB3  H N N 179 
LEU HG   H N N 180 
LEU HD11 H N N 181 
LEU HD12 H N N 182 
LEU HD13 H N N 183 
LEU HD21 H N N 184 
LEU HD22 H N N 185 
LEU HD23 H N N 186 
LEU HXT  H N N 187 
LYS N    N N N 188 
LYS CA   C N S 189 
LYS C    C N N 190 
LYS O    O N N 191 
LYS CB   C N N 192 
LYS CG   C N N 193 
LYS CD   C N N 194 
LYS CE   C N N 195 
LYS NZ   N N N 196 
LYS OXT  O N N 197 
LYS H    H N N 198 
LYS H2   H N N 199 
LYS HA   H N N 200 
LYS HB2  H N N 201 
LYS HB3  H N N 202 
LYS HG2  H N N 203 
LYS HG3  H N N 204 
LYS HD2  H N N 205 
LYS HD3  H N N 206 
LYS HE2  H N N 207 
LYS HE3  H N N 208 
LYS HZ1  H N N 209 
LYS HZ2  H N N 210 
LYS HZ3  H N N 211 
LYS HXT  H N N 212 
MET N    N N N 213 
MET CA   C N S 214 
MET C    C N N 215 
MET O    O N N 216 
MET CB   C N N 217 
MET CG   C N N 218 
MET SD   S N N 219 
MET CE   C N N 220 
MET OXT  O N N 221 
MET H    H N N 222 
MET H2   H N N 223 
MET HA   H N N 224 
MET HB2  H N N 225 
MET HB3  H N N 226 
MET HG2  H N N 227 
MET HG3  H N N 228 
MET HE1  H N N 229 
MET HE2  H N N 230 
MET HE3  H N N 231 
MET HXT  H N N 232 
PHE N    N N N 233 
PHE CA   C N S 234 
PHE C    C N N 235 
PHE O    O N N 236 
PHE CB   C N N 237 
PHE CG   C Y N 238 
PHE CD1  C Y N 239 
PHE CD2  C Y N 240 
PHE CE1  C Y N 241 
PHE CE2  C Y N 242 
PHE CZ   C Y N 243 
PHE OXT  O N N 244 
PHE H    H N N 245 
PHE H2   H N N 246 
PHE HA   H N N 247 
PHE HB2  H N N 248 
PHE HB3  H N N 249 
PHE HD1  H N N 250 
PHE HD2  H N N 251 
PHE HE1  H N N 252 
PHE HE2  H N N 253 
PHE HZ   H N N 254 
PHE HXT  H N N 255 
PRO N    N N N 256 
PRO CA   C N S 257 
PRO C    C N N 258 
PRO O    O N N 259 
PRO CB   C N N 260 
PRO CG   C N N 261 
PRO CD   C N N 262 
PRO OXT  O N N 263 
PRO H    H N N 264 
PRO HA   H N N 265 
PRO HB2  H N N 266 
PRO HB3  H N N 267 
PRO HG2  H N N 268 
PRO HG3  H N N 269 
PRO HD2  H N N 270 
PRO HD3  H N N 271 
PRO HXT  H N N 272 
PTR N    N N N 273 
PTR CA   C N S 274 
PTR C    C N N 275 
PTR O    O N N 276 
PTR OXT  O N N 277 
PTR CB   C N N 278 
PTR CG   C Y N 279 
PTR CD1  C Y N 280 
PTR CD2  C Y N 281 
PTR CE1  C Y N 282 
PTR CE2  C Y N 283 
PTR CZ   C Y N 284 
PTR OH   O N N 285 
PTR P    P N N 286 
PTR O1P  O N N 287 
PTR O2P  O N N 288 
PTR O3P  O N N 289 
PTR H    H N N 290 
PTR H2   H N N 291 
PTR HA   H N N 292 
PTR HXT  H N N 293 
PTR HB2  H N N 294 
PTR HB3  H N N 295 
PTR HD1  H N N 296 
PTR HD2  H N N 297 
PTR HE1  H N N 298 
PTR HE2  H N N 299 
PTR HO2P H N N 300 
PTR HO3P H N N 301 
SER N    N N N 302 
SER CA   C N S 303 
SER C    C N N 304 
SER O    O N N 305 
SER CB   C N N 306 
SER OG   O N N 307 
SER OXT  O N N 308 
SER H    H N N 309 
SER H2   H N N 310 
SER HA   H N N 311 
SER HB2  H N N 312 
SER HB3  H N N 313 
SER HG   H N N 314 
SER HXT  H N N 315 
THR N    N N N 316 
THR CA   C N S 317 
THR C    C N N 318 
THR O    O N N 319 
THR CB   C N R 320 
THR OG1  O N N 321 
THR CG2  C N N 322 
THR OXT  O N N 323 
THR H    H N N 324 
THR H2   H N N 325 
THR HA   H N N 326 
THR HB   H N N 327 
THR HG1  H N N 328 
THR HG21 H N N 329 
THR HG22 H N N 330 
THR HG23 H N N 331 
THR HXT  H N N 332 
TRP N    N N N 333 
TRP CA   C N S 334 
TRP C    C N N 335 
TRP O    O N N 336 
TRP CB   C N N 337 
TRP CG   C Y N 338 
TRP CD1  C Y N 339 
TRP CD2  C Y N 340 
TRP NE1  N Y N 341 
TRP CE2  C Y N 342 
TRP CE3  C Y N 343 
TRP CZ2  C Y N 344 
TRP CZ3  C Y N 345 
TRP CH2  C Y N 346 
TRP OXT  O N N 347 
TRP H    H N N 348 
TRP H2   H N N 349 
TRP HA   H N N 350 
TRP HB2  H N N 351 
TRP HB3  H N N 352 
TRP HD1  H N N 353 
TRP HE1  H N N 354 
TRP HE3  H N N 355 
TRP HZ2  H N N 356 
TRP HZ3  H N N 357 
TRP HH2  H N N 358 
TRP HXT  H N N 359 
TYR N    N N N 360 
TYR CA   C N S 361 
TYR C    C N N 362 
TYR O    O N N 363 
TYR CB   C N N 364 
TYR CG   C Y N 365 
TYR CD1  C Y N 366 
TYR CD2  C Y N 367 
TYR CE1  C Y N 368 
TYR CE2  C Y N 369 
TYR CZ   C Y N 370 
TYR OH   O N N 371 
TYR OXT  O N N 372 
TYR H    H N N 373 
TYR H2   H N N 374 
TYR HA   H N N 375 
TYR HB2  H N N 376 
TYR HB3  H N N 377 
TYR HD1  H N N 378 
TYR HD2  H N N 379 
TYR HE1  H N N 380 
TYR HE2  H N N 381 
TYR HH   H N N 382 
TYR HXT  H N N 383 
VAL N    N N N 384 
VAL CA   C N S 385 
VAL C    C N N 386 
VAL O    O N N 387 
VAL CB   C N N 388 
VAL CG1  C N N 389 
VAL CG2  C N N 390 
VAL OXT  O N N 391 
VAL H    H N N 392 
VAL H2   H N N 393 
VAL HA   H N N 394 
VAL HB   H N N 395 
VAL HG11 H N N 396 
VAL HG12 H N N 397 
VAL HG13 H N N 398 
VAL HG21 H N N 399 
VAL HG22 H N N 400 
VAL HG23 H N N 401 
VAL HXT  H N N 402 
# 
loop_
_chem_comp_bond.comp_id 
_chem_comp_bond.atom_id_1 
_chem_comp_bond.atom_id_2 
_chem_comp_bond.value_order 
_chem_comp_bond.pdbx_aromatic_flag 
_chem_comp_bond.pdbx_stereo_config 
_chem_comp_bond.pdbx_ordinal 
ALA N   CA   sing N N 1   
ALA N   H    sing N N 2   
ALA N   H2   sing N N 3   
ALA CA  C    sing N N 4   
ALA CA  CB   sing N N 5   
ALA CA  HA   sing N N 6   
ALA C   O    doub N N 7   
ALA C   OXT  sing N N 8   
ALA CB  HB1  sing N N 9   
ALA CB  HB2  sing N N 10  
ALA CB  HB3  sing N N 11  
ALA OXT HXT  sing N N 12  
ARG N   CA   sing N N 13  
ARG N   H    sing N N 14  
ARG N   H2   sing N N 15  
ARG CA  C    sing N N 16  
ARG CA  CB   sing N N 17  
ARG CA  HA   sing N N 18  
ARG C   O    doub N N 19  
ARG C   OXT  sing N N 20  
ARG CB  CG   sing N N 21  
ARG CB  HB2  sing N N 22  
ARG CB  HB3  sing N N 23  
ARG CG  CD   sing N N 24  
ARG CG  HG2  sing N N 25  
ARG CG  HG3  sing N N 26  
ARG CD  NE   sing N N 27  
ARG CD  HD2  sing N N 28  
ARG CD  HD3  sing N N 29  
ARG NE  CZ   sing N N 30  
ARG NE  HE   sing N N 31  
ARG CZ  NH1  sing N N 32  
ARG CZ  NH2  doub N N 33  
ARG NH1 HH11 sing N N 34  
ARG NH1 HH12 sing N N 35  
ARG NH2 HH21 sing N N 36  
ARG NH2 HH22 sing N N 37  
ARG OXT HXT  sing N N 38  
ASN N   CA   sing N N 39  
ASN N   H    sing N N 40  
ASN N   H2   sing N N 41  
ASN CA  C    sing N N 42  
ASN CA  CB   sing N N 43  
ASN CA  HA   sing N N 44  
ASN C   O    doub N N 45  
ASN C   OXT  sing N N 46  
ASN CB  CG   sing N N 47  
ASN CB  HB2  sing N N 48  
ASN CB  HB3  sing N N 49  
ASN CG  OD1  doub N N 50  
ASN CG  ND2  sing N N 51  
ASN ND2 HD21 sing N N 52  
ASN ND2 HD22 sing N N 53  
ASN OXT HXT  sing N N 54  
ASP N   CA   sing N N 55  
ASP N   H    sing N N 56  
ASP N   H2   sing N N 57  
ASP CA  C    sing N N 58  
ASP CA  CB   sing N N 59  
ASP CA  HA   sing N N 60  
ASP C   O    doub N N 61  
ASP C   OXT  sing N N 62  
ASP CB  CG   sing N N 63  
ASP CB  HB2  sing N N 64  
ASP CB  HB3  sing N N 65  
ASP CG  OD1  doub N N 66  
ASP CG  OD2  sing N N 67  
ASP OD2 HD2  sing N N 68  
ASP OXT HXT  sing N N 69  
GLN N   CA   sing N N 70  
GLN N   H    sing N N 71  
GLN N   H2   sing N N 72  
GLN CA  C    sing N N 73  
GLN CA  CB   sing N N 74  
GLN CA  HA   sing N N 75  
GLN C   O    doub N N 76  
GLN C   OXT  sing N N 77  
GLN CB  CG   sing N N 78  
GLN CB  HB2  sing N N 79  
GLN CB  HB3  sing N N 80  
GLN CG  CD   sing N N 81  
GLN CG  HG2  sing N N 82  
GLN CG  HG3  sing N N 83  
GLN CD  OE1  doub N N 84  
GLN CD  NE2  sing N N 85  
GLN NE2 HE21 sing N N 86  
GLN NE2 HE22 sing N N 87  
GLN OXT HXT  sing N N 88  
GLU N   CA   sing N N 89  
GLU N   H    sing N N 90  
GLU N   H2   sing N N 91  
GLU CA  C    sing N N 92  
GLU CA  CB   sing N N 93  
GLU CA  HA   sing N N 94  
GLU C   O    doub N N 95  
GLU C   OXT  sing N N 96  
GLU CB  CG   sing N N 97  
GLU CB  HB2  sing N N 98  
GLU CB  HB3  sing N N 99  
GLU CG  CD   sing N N 100 
GLU CG  HG2  sing N N 101 
GLU CG  HG3  sing N N 102 
GLU CD  OE1  doub N N 103 
GLU CD  OE2  sing N N 104 
GLU OE2 HE2  sing N N 105 
GLU OXT HXT  sing N N 106 
GLY N   CA   sing N N 107 
GLY N   H    sing N N 108 
GLY N   H2   sing N N 109 
GLY CA  C    sing N N 110 
GLY CA  HA2  sing N N 111 
GLY CA  HA3  sing N N 112 
GLY C   O    doub N N 113 
GLY C   OXT  sing N N 114 
GLY OXT HXT  sing N N 115 
HIS N   CA   sing N N 116 
HIS N   H    sing N N 117 
HIS N   H2   sing N N 118 
HIS CA  C    sing N N 119 
HIS CA  CB   sing N N 120 
HIS CA  HA   sing N N 121 
HIS C   O    doub N N 122 
HIS C   OXT  sing N N 123 
HIS CB  CG   sing N N 124 
HIS CB  HB2  sing N N 125 
HIS CB  HB3  sing N N 126 
HIS CG  ND1  sing Y N 127 
HIS CG  CD2  doub Y N 128 
HIS ND1 CE1  doub Y N 129 
HIS ND1 HD1  sing N N 130 
HIS CD2 NE2  sing Y N 131 
HIS CD2 HD2  sing N N 132 
HIS CE1 NE2  sing Y N 133 
HIS CE1 HE1  sing N N 134 
HIS NE2 HE2  sing N N 135 
HIS OXT HXT  sing N N 136 
ILE N   CA   sing N N 137 
ILE N   H    sing N N 138 
ILE N   H2   sing N N 139 
ILE CA  C    sing N N 140 
ILE CA  CB   sing N N 141 
ILE CA  HA   sing N N 142 
ILE C   O    doub N N 143 
ILE C   OXT  sing N N 144 
ILE CB  CG1  sing N N 145 
ILE CB  CG2  sing N N 146 
ILE CB  HB   sing N N 147 
ILE CG1 CD1  sing N N 148 
ILE CG1 HG12 sing N N 149 
ILE CG1 HG13 sing N N 150 
ILE CG2 HG21 sing N N 151 
ILE CG2 HG22 sing N N 152 
ILE CG2 HG23 sing N N 153 
ILE CD1 HD11 sing N N 154 
ILE CD1 HD12 sing N N 155 
ILE CD1 HD13 sing N N 156 
ILE OXT HXT  sing N N 157 
LEU N   CA   sing N N 158 
LEU N   H    sing N N 159 
LEU N   H2   sing N N 160 
LEU CA  C    sing N N 161 
LEU CA  CB   sing N N 162 
LEU CA  HA   sing N N 163 
LEU C   O    doub N N 164 
LEU C   OXT  sing N N 165 
LEU CB  CG   sing N N 166 
LEU CB  HB2  sing N N 167 
LEU CB  HB3  sing N N 168 
LEU CG  CD1  sing N N 169 
LEU CG  CD2  sing N N 170 
LEU CG  HG   sing N N 171 
LEU CD1 HD11 sing N N 172 
LEU CD1 HD12 sing N N 173 
LEU CD1 HD13 sing N N 174 
LEU CD2 HD21 sing N N 175 
LEU CD2 HD22 sing N N 176 
LEU CD2 HD23 sing N N 177 
LEU OXT HXT  sing N N 178 
LYS N   CA   sing N N 179 
LYS N   H    sing N N 180 
LYS N   H2   sing N N 181 
LYS CA  C    sing N N 182 
LYS CA  CB   sing N N 183 
LYS CA  HA   sing N N 184 
LYS C   O    doub N N 185 
LYS C   OXT  sing N N 186 
LYS CB  CG   sing N N 187 
LYS CB  HB2  sing N N 188 
LYS CB  HB3  sing N N 189 
LYS CG  CD   sing N N 190 
LYS CG  HG2  sing N N 191 
LYS CG  HG3  sing N N 192 
LYS CD  CE   sing N N 193 
LYS CD  HD2  sing N N 194 
LYS CD  HD3  sing N N 195 
LYS CE  NZ   sing N N 196 
LYS CE  HE2  sing N N 197 
LYS CE  HE3  sing N N 198 
LYS NZ  HZ1  sing N N 199 
LYS NZ  HZ2  sing N N 200 
LYS NZ  HZ3  sing N N 201 
LYS OXT HXT  sing N N 202 
MET N   CA   sing N N 203 
MET N   H    sing N N 204 
MET N   H2   sing N N 205 
MET CA  C    sing N N 206 
MET CA  CB   sing N N 207 
MET CA  HA   sing N N 208 
MET C   O    doub N N 209 
MET C   OXT  sing N N 210 
MET CB  CG   sing N N 211 
MET CB  HB2  sing N N 212 
MET CB  HB3  sing N N 213 
MET CG  SD   sing N N 214 
MET CG  HG2  sing N N 215 
MET CG  HG3  sing N N 216 
MET SD  CE   sing N N 217 
MET CE  HE1  sing N N 218 
MET CE  HE2  sing N N 219 
MET CE  HE3  sing N N 220 
MET OXT HXT  sing N N 221 
PHE N   CA   sing N N 222 
PHE N   H    sing N N 223 
PHE N   H2   sing N N 224 
PHE CA  C    sing N N 225 
PHE CA  CB   sing N N 226 
PHE CA  HA   sing N N 227 
PHE C   O    doub N N 228 
PHE C   OXT  sing N N 229 
PHE CB  CG   sing N N 230 
PHE CB  HB2  sing N N 231 
PHE CB  HB3  sing N N 232 
PHE CG  CD1  doub Y N 233 
PHE CG  CD2  sing Y N 234 
PHE CD1 CE1  sing Y N 235 
PHE CD1 HD1  sing N N 236 
PHE CD2 CE2  doub Y N 237 
PHE CD2 HD2  sing N N 238 
PHE CE1 CZ   doub Y N 239 
PHE CE1 HE1  sing N N 240 
PHE CE2 CZ   sing Y N 241 
PHE CE2 HE2  sing N N 242 
PHE CZ  HZ   sing N N 243 
PHE OXT HXT  sing N N 244 
PRO N   CA   sing N N 245 
PRO N   CD   sing N N 246 
PRO N   H    sing N N 247 
PRO CA  C    sing N N 248 
PRO CA  CB   sing N N 249 
PRO CA  HA   sing N N 250 
PRO C   O    doub N N 251 
PRO C   OXT  sing N N 252 
PRO CB  CG   sing N N 253 
PRO CB  HB2  sing N N 254 
PRO CB  HB3  sing N N 255 
PRO CG  CD   sing N N 256 
PRO CG  HG2  sing N N 257 
PRO CG  HG3  sing N N 258 
PRO CD  HD2  sing N N 259 
PRO CD  HD3  sing N N 260 
PRO OXT HXT  sing N N 261 
PTR N   CA   sing N N 262 
PTR N   H    sing N N 263 
PTR N   H2   sing N N 264 
PTR CA  C    sing N N 265 
PTR CA  CB   sing N N 266 
PTR CA  HA   sing N N 267 
PTR C   O    doub N N 268 
PTR C   OXT  sing N N 269 
PTR OXT HXT  sing N N 270 
PTR CB  CG   sing N N 271 
PTR CB  HB2  sing N N 272 
PTR CB  HB3  sing N N 273 
PTR CG  CD1  doub Y N 274 
PTR CG  CD2  sing Y N 275 
PTR CD1 CE1  sing Y N 276 
PTR CD1 HD1  sing N N 277 
PTR CD2 CE2  doub Y N 278 
PTR CD2 HD2  sing N N 279 
PTR CE1 CZ   doub Y N 280 
PTR CE1 HE1  sing N N 281 
PTR CE2 CZ   sing Y N 282 
PTR CE2 HE2  sing N N 283 
PTR CZ  OH   sing N N 284 
PTR OH  P    sing N N 285 
PTR P   O1P  doub N N 286 
PTR P   O2P  sing N N 287 
PTR P   O3P  sing N N 288 
PTR O2P HO2P sing N N 289 
PTR O3P HO3P sing N N 290 
SER N   CA   sing N N 291 
SER N   H    sing N N 292 
SER N   H2   sing N N 293 
SER CA  C    sing N N 294 
SER CA  CB   sing N N 295 
SER CA  HA   sing N N 296 
SER C   O    doub N N 297 
SER C   OXT  sing N N 298 
SER CB  OG   sing N N 299 
SER CB  HB2  sing N N 300 
SER CB  HB3  sing N N 301 
SER OG  HG   sing N N 302 
SER OXT HXT  sing N N 303 
THR N   CA   sing N N 304 
THR N   H    sing N N 305 
THR N   H2   sing N N 306 
THR CA  C    sing N N 307 
THR CA  CB   sing N N 308 
THR CA  HA   sing N N 309 
THR C   O    doub N N 310 
THR C   OXT  sing N N 311 
THR CB  OG1  sing N N 312 
THR CB  CG2  sing N N 313 
THR CB  HB   sing N N 314 
THR OG1 HG1  sing N N 315 
THR CG2 HG21 sing N N 316 
THR CG2 HG22 sing N N 317 
THR CG2 HG23 sing N N 318 
THR OXT HXT  sing N N 319 
TRP N   CA   sing N N 320 
TRP N   H    sing N N 321 
TRP N   H2   sing N N 322 
TRP CA  C    sing N N 323 
TRP CA  CB   sing N N 324 
TRP CA  HA   sing N N 325 
TRP C   O    doub N N 326 
TRP C   OXT  sing N N 327 
TRP CB  CG   sing N N 328 
TRP CB  HB2  sing N N 329 
TRP CB  HB3  sing N N 330 
TRP CG  CD1  doub Y N 331 
TRP CG  CD2  sing Y N 332 
TRP CD1 NE1  sing Y N 333 
TRP CD1 HD1  sing N N 334 
TRP CD2 CE2  doub Y N 335 
TRP CD2 CE3  sing Y N 336 
TRP NE1 CE2  sing Y N 337 
TRP NE1 HE1  sing N N 338 
TRP CE2 CZ2  sing Y N 339 
TRP CE3 CZ3  doub Y N 340 
TRP CE3 HE3  sing N N 341 
TRP CZ2 CH2  doub Y N 342 
TRP CZ2 HZ2  sing N N 343 
TRP CZ3 CH2  sing Y N 344 
TRP CZ3 HZ3  sing N N 345 
TRP CH2 HH2  sing N N 346 
TRP OXT HXT  sing N N 347 
TYR N   CA   sing N N 348 
TYR N   H    sing N N 349 
TYR N   H2   sing N N 350 
TYR CA  C    sing N N 351 
TYR CA  CB   sing N N 352 
TYR CA  HA   sing N N 353 
TYR C   O    doub N N 354 
TYR C   OXT  sing N N 355 
TYR CB  CG   sing N N 356 
TYR CB  HB2  sing N N 357 
TYR CB  HB3  sing N N 358 
TYR CG  CD1  doub Y N 359 
TYR CG  CD2  sing Y N 360 
TYR CD1 CE1  sing Y N 361 
TYR CD1 HD1  sing N N 362 
TYR CD2 CE2  doub Y N 363 
TYR CD2 HD2  sing N N 364 
TYR CE1 CZ   doub Y N 365 
TYR CE1 HE1  sing N N 366 
TYR CE2 CZ   sing Y N 367 
TYR CE2 HE2  sing N N 368 
TYR CZ  OH   sing N N 369 
TYR OH  HH   sing N N 370 
TYR OXT HXT  sing N N 371 
VAL N   CA   sing N N 372 
VAL N   H    sing N N 373 
VAL N   H2   sing N N 374 
VAL CA  C    sing N N 375 
VAL CA  CB   sing N N 376 
VAL CA  HA   sing N N 377 
VAL C   O    doub N N 378 
VAL C   OXT  sing N N 379 
VAL CB  CG1  sing N N 380 
VAL CB  CG2  sing N N 381 
VAL CB  HB   sing N N 382 
VAL CG1 HG11 sing N N 383 
VAL CG1 HG12 sing N N 384 
VAL CG1 HG13 sing N N 385 
VAL CG2 HG21 sing N N 386 
VAL CG2 HG22 sing N N 387 
VAL CG2 HG23 sing N N 388 
VAL OXT HXT  sing N N 389 
# 
_atom_sites.entry_id                    1QG1 
_atom_sites.fract_transf_matrix[1][1]   1.000000 
_atom_sites.fract_transf_matrix[1][2]   0.000000 
_atom_sites.fract_transf_matrix[1][3]   0.000000 
_atom_sites.fract_transf_matrix[2][1]   0.000000 
_atom_sites.fract_transf_matrix[2][2]   1.000000 
_atom_sites.fract_transf_matrix[2][3]   0.000000 
_atom_sites.fract_transf_matrix[3][1]   0.000000 
_atom_sites.fract_transf_matrix[3][2]   0.000000 
_atom_sites.fract_transf_matrix[3][3]   1.000000 
_atom_sites.fract_transf_vector[1]      0.00000 
_atom_sites.fract_transf_vector[2]      0.00000 
_atom_sites.fract_transf_vector[3]      0.00000 
# 
loop_
_atom_type.symbol 
C 
H 
N 
O 
P 
S 
# 
loop_
_atom_site.group_PDB 
_atom_site.id 
_atom_site.type_symbol 
_atom_site.label_atom_id 
_atom_site.label_alt_id 
_atom_site.label_comp_id 
_atom_site.label_asym_id 
_atom_site.label_entity_id 
_atom_site.label_seq_id 
_atom_site.pdbx_PDB_ins_code 
_atom_site.Cartn_x 
_atom_site.Cartn_y 
_atom_site.Cartn_z 
_atom_site.occupancy 
_atom_site.B_iso_or_equiv 
_atom_site.pdbx_formal_charge 
_atom_site.auth_seq_id 
_atom_site.auth_comp_id 
_atom_site.auth_asym_id 
_atom_site.auth_atom_id 
_atom_site.pdbx_PDB_model_num 
ATOM   1    N N    . GLY A 1 1   ? 8.607   2.222   -17.697 1.00 0.00 ? 1   GLY E N    1 
ATOM   2    C CA   . GLY A 1 1   ? 8.366   1.013   -16.872 1.00 0.00 ? 1   GLY E CA   1 
ATOM   3    C C    . GLY A 1 1   ? 9.038   0.299   -15.708 1.00 0.00 ? 1   GLY E C    1 
ATOM   4    O O    . GLY A 1 1   ? 9.989   -0.437  -15.883 1.00 0.00 ? 1   GLY E O    1 
ATOM   5    H H1   . GLY A 1 1   ? 9.506   2.661   -17.415 1.00 0.00 ? 1   GLY E H1   1 
ATOM   6    H H2   . GLY A 1 1   ? 8.650   1.953   -18.701 1.00 0.00 ? 1   GLY E H2   1 
ATOM   7    H H3   . GLY A 1 1   ? 7.832   2.901   -17.551 1.00 0.00 ? 1   GLY E H3   1 
ATOM   8    H HA2  . GLY A 1 1   ? 8.232   1.775   -16.104 1.00 0.00 ? 1   GLY E HA2  1 
ATOM   9    H HA3  . GLY A 1 1   ? 9.307   0.732   -17.343 1.00 0.00 ? 1   GLY E HA3  1 
ATOM   10   N N    . SER A 1 2   ? 8.552   0.506   -14.513 1.00 0.00 ? 2   SER E N    1 
ATOM   11   C CA   . SER A 1 2   ? 9.166   -0.163  -13.332 1.00 0.00 ? 2   SER E CA   1 
ATOM   12   C C    . SER A 1 2   ? 8.184   -0.127  -12.158 1.00 0.00 ? 2   SER E C    1 
ATOM   13   O O    . SER A 1 2   ? 6.984   -0.171  -12.340 1.00 0.00 ? 2   SER E O    1 
ATOM   14   C CB   . SER A 1 2   ? 10.451  0.569   -12.944 1.00 0.00 ? 2   SER E CB   1 
ATOM   15   O OG   . SER A 1 2   ? 10.923  1.312   -14.060 1.00 0.00 ? 2   SER E OG   1 
ATOM   16   H H    . SER A 1 2   ? 7.784   1.103   -14.395 1.00 0.00 ? 2   SER E H    1 
ATOM   17   H HA   . SER A 1 2   ? 9.396   -1.189  -13.578 1.00 0.00 ? 2   SER E HA   1 
ATOM   18   H HB2  . SER A 1 2   ? 10.254  1.242   -12.127 1.00 0.00 ? 2   SER E HB2  1 
ATOM   19   H HB3  . SER A 1 2   ? 11.198  -0.155  -12.638 1.00 0.00 ? 2   SER E HB3  1 
ATOM   20   H HG   . SER A 1 2   ? 10.241  1.940   -14.308 1.00 0.00 ? 2   SER E HG   1 
ATOM   21   N N    . HIS A 1 3   ? 8.684   -0.048  -10.955 1.00 0.00 ? 3   HIS E N    1 
ATOM   22   C CA   . HIS A 1 3   ? 7.780   -0.011  -9.773  1.00 0.00 ? 3   HIS E CA   1 
ATOM   23   C C    . HIS A 1 3   ? 8.431   0.815   -8.659  1.00 0.00 ? 3   HIS E C    1 
ATOM   24   O O    . HIS A 1 3   ? 9.198   0.297   -7.873  1.00 0.00 ? 3   HIS E O    1 
ATOM   25   C CB   . HIS A 1 3   ? 7.540   -1.438  -9.276  1.00 0.00 ? 3   HIS E CB   1 
ATOM   26   C CG   . HIS A 1 3   ? 6.609   -2.146  -10.220 1.00 0.00 ? 3   HIS E CG   1 
ATOM   27   N ND1  . HIS A 1 3   ? 7.061   -2.772  -11.371 1.00 0.00 ? 3   HIS E ND1  1 
ATOM   28   C CD2  . HIS A 1 3   ? 5.250   -2.339  -10.196 1.00 0.00 ? 3   HIS E CD2  1 
ATOM   29   C CE1  . HIS A 1 3   ? 5.990   -3.305  -11.989 1.00 0.00 ? 3   HIS E CE1  1 
ATOM   30   N NE2  . HIS A 1 3   ? 4.861   -3.071  -11.315 1.00 0.00 ? 3   HIS E NE2  1 
ATOM   31   H H    . HIS A 1 3   ? 9.655   -0.015  -10.830 1.00 0.00 ? 3   HIS E H    1 
ATOM   32   H HA   . HIS A 1 3   ? 6.836   0.434   -10.053 1.00 0.00 ? 3   HIS E HA   1 
ATOM   33   H HB2  . HIS A 1 3   ? 8.481   -1.966  -9.233  1.00 0.00 ? 3   HIS E HB2  1 
ATOM   34   H HB3  . HIS A 1 3   ? 7.100   -1.406  -8.291  1.00 0.00 ? 3   HIS E HB3  1 
ATOM   35   H HD1  . HIS A 1 3   ? 7.989   -2.814  -11.682 1.00 0.00 ? 3   HIS E HD1  1 
ATOM   36   H HD2  . HIS A 1 3   ? 4.583   -1.980  -9.426  1.00 0.00 ? 3   HIS E HD2  1 
ATOM   37   H HE1  . HIS A 1 3   ? 6.039   -3.858  -12.916 1.00 0.00 ? 3   HIS E HE1  1 
ATOM   38   N N    . PRO A 1 4   ? 8.101   2.079   -8.630  1.00 0.00 ? 4   PRO E N    1 
ATOM   39   C CA   . PRO A 1 4   ? 8.633   3.021   -7.630  1.00 0.00 ? 4   PRO E CA   1 
ATOM   40   C C    . PRO A 1 4   ? 7.925   2.837   -6.284  1.00 0.00 ? 4   PRO E C    1 
ATOM   41   O O    . PRO A 1 4   ? 8.162   3.566   -5.341  1.00 0.00 ? 4   PRO E O    1 
ATOM   42   C CB   . PRO A 1 4   ? 8.324   4.394   -8.229  1.00 0.00 ? 4   PRO E CB   1 
ATOM   43   C CG   . PRO A 1 4   ? 7.165   4.182   -9.228  1.00 0.00 ? 4   PRO E CG   1 
ATOM   44   C CD   . PRO A 1 4   ? 7.164   2.686   -9.594  1.00 0.00 ? 4   PRO E CD   1 
ATOM   45   H HA   . PRO A 1 4   ? 9.696   2.901   -7.523  1.00 0.00 ? 4   PRO E HA   1 
ATOM   46   H HB2  . PRO A 1 4   ? 8.025   5.080   -7.447  1.00 0.00 ? 4   PRO E HB2  1 
ATOM   47   H HB3  . PRO A 1 4   ? 9.187   4.777   -8.749  1.00 0.00 ? 4   PRO E HB3  1 
ATOM   48   H HG2  . PRO A 1 4   ? 6.228   4.454   -8.766  1.00 0.00 ? 4   PRO E HG2  1 
ATOM   49   H HG3  . PRO A 1 4   ? 7.329   4.773   -10.114 1.00 0.00 ? 4   PRO E HG3  1 
ATOM   50   H HD2  . PRO A 1 4   ? 6.172   2.270   -9.474  1.00 0.00 ? 4   PRO E HD2  1 
ATOM   51   H HD3  . PRO A 1 4   ? 7.518   2.541   -10.602 1.00 0.00 ? 4   PRO E HD3  1 
ATOM   52   N N    . TRP A 1 5   ? 7.059   1.866   -6.189  1.00 0.00 ? 5   TRP E N    1 
ATOM   53   C CA   . TRP A 1 5   ? 6.335   1.633   -4.908  1.00 0.00 ? 5   TRP E CA   1 
ATOM   54   C C    . TRP A 1 5   ? 6.008   0.143   -4.773  1.00 0.00 ? 5   TRP E C    1 
ATOM   55   O O    . TRP A 1 5   ? 6.068   -0.418  -3.699  1.00 0.00 ? 5   TRP E O    1 
ATOM   56   C CB   . TRP A 1 5   ? 5.035   2.440   -4.903  1.00 0.00 ? 5   TRP E CB   1 
ATOM   57   C CG   . TRP A 1 5   ? 4.389   2.313   -6.240  1.00 0.00 ? 5   TRP E CG   1 
ATOM   58   C CD1  . TRP A 1 5   ? 4.582   3.158   -7.277  1.00 0.00 ? 5   TRP E CD1  1 
ATOM   59   C CD2  . TRP A 1 5   ? 3.454   1.297   -6.705  1.00 0.00 ? 5   TRP E CD2  1 
ATOM   60   N NE1  . TRP A 1 5   ? 3.833   2.719   -8.353  1.00 0.00 ? 5   TRP E NE1  1 
ATOM   61   C CE2  . TRP A 1 5   ? 3.126   1.575   -8.051  1.00 0.00 ? 5   TRP E CE2  1 
ATOM   62   C CE3  . TRP A 1 5   ? 2.867   0.169   -6.099  1.00 0.00 ? 5   TRP E CE3  1 
ATOM   63   C CZ2  . TRP A 1 5   ? 2.254   0.762   -8.772  1.00 0.00 ? 5   TRP E CZ2  1 
ATOM   64   C CZ3  . TRP A 1 5   ? 1.992   -0.647  -6.826  1.00 0.00 ? 5   TRP E CZ3  1 
ATOM   65   C CH2  . TRP A 1 5   ? 1.692   -0.352  -8.161  1.00 0.00 ? 5   TRP E CH2  1 
ATOM   66   H H    . TRP A 1 5   ? 6.884   1.292   -6.962  1.00 0.00 ? 5   TRP E H    1 
ATOM   67   H HA   . TRP A 1 5   ? 6.955   1.943   -4.079  1.00 0.00 ? 5   TRP E HA   1 
ATOM   68   H HB2  . TRP A 1 5   ? 4.373   2.059   -4.141  1.00 0.00 ? 5   TRP E HB2  1 
ATOM   69   H HB3  . TRP A 1 5   ? 5.255   3.479   -4.705  1.00 0.00 ? 5   TRP E HB3  1 
ATOM   70   H HD1  . TRP A 1 5   ? 5.215   4.031   -7.266  1.00 0.00 ? 5   TRP E HD1  1 
ATOM   71   H HE1  . TRP A 1 5   ? 3.797   3.152   -9.229  1.00 0.00 ? 5   TRP E HE1  1 
ATOM   72   H HE3  . TRP A 1 5   ? 3.075   -0.063  -5.064  1.00 0.00 ? 5   TRP E HE3  1 
ATOM   73   H HZ2  . TRP A 1 5   ? 2.022   0.985   -9.799  1.00 0.00 ? 5   TRP E HZ2  1 
ATOM   74   H HZ3  . TRP A 1 5   ? 1.559   -1.516  -6.356  1.00 0.00 ? 5   TRP E HZ3  1 
ATOM   75   H HH2  . TRP A 1 5   ? 1.023   -0.981  -8.718  1.00 0.00 ? 5   TRP E HH2  1 
ATOM   76   N N    . PHE A 1 6   ? 5.662   -0.504  -5.856  1.00 0.00 ? 6   PHE E N    1 
ATOM   77   C CA   . PHE A 1 6   ? 5.334   -1.956  -5.773  1.00 0.00 ? 6   PHE E CA   1 
ATOM   78   C C    . PHE A 1 6   ? 6.585   -2.737  -5.381  1.00 0.00 ? 6   PHE E C    1 
ATOM   79   O O    . PHE A 1 6   ? 7.699   -2.328  -5.644  1.00 0.00 ? 6   PHE E O    1 
ATOM   80   C CB   . PHE A 1 6   ? 4.822   -2.467  -7.123  1.00 0.00 ? 6   PHE E CB   1 
ATOM   81   C CG   . PHE A 1 6   ? 4.332   -3.892  -6.967  1.00 0.00 ? 6   PHE E CG   1 
ATOM   82   C CD1  . PHE A 1 6   ? 3.593   -4.255  -5.836  1.00 0.00 ? 6   PHE E CD1  1 
ATOM   83   C CD2  . PHE A 1 6   ? 4.615   -4.849  -7.951  1.00 0.00 ? 6   PHE E CD2  1 
ATOM   84   C CE1  . PHE A 1 6   ? 3.133   -5.570  -5.683  1.00 0.00 ? 6   PHE E CE1  1 
ATOM   85   C CE2  . PHE A 1 6   ? 4.156   -6.166  -7.800  1.00 0.00 ? 6   PHE E CE2  1 
ATOM   86   C CZ   . PHE A 1 6   ? 3.416   -6.525  -6.665  1.00 0.00 ? 6   PHE E CZ   1 
ATOM   87   H H    . PHE A 1 6   ? 5.616   -0.039  -6.717  1.00 0.00 ? 6   PHE E H    1 
ATOM   88   H HA   . PHE A 1 6   ? 4.574   -2.104  -5.023  1.00 0.00 ? 6   PHE E HA   1 
ATOM   89   H HB2  . PHE A 1 6   ? 4.008   -1.841  -7.459  1.00 0.00 ? 6   PHE E HB2  1 
ATOM   90   H HB3  . PHE A 1 6   ? 5.621   -2.439  -7.849  1.00 0.00 ? 6   PHE E HB3  1 
ATOM   91   H HD1  . PHE A 1 6   ? 3.379   -3.522  -5.078  1.00 0.00 ? 6   PHE E HD1  1 
ATOM   92   H HD2  . PHE A 1 6   ? 5.186   -4.573  -8.825  1.00 0.00 ? 6   PHE E HD2  1 
ATOM   93   H HE1  . PHE A 1 6   ? 2.557   -5.847  -4.806  1.00 0.00 ? 6   PHE E HE1  1 
ATOM   94   H HE2  . PHE A 1 6   ? 4.374   -6.903  -8.558  1.00 0.00 ? 6   PHE E HE2  1 
ATOM   95   H HZ   . PHE A 1 6   ? 3.064   -7.539  -6.548  1.00 0.00 ? 6   PHE E HZ   1 
ATOM   96   N N    . PHE A 1 7   ? 6.405   -3.862  -4.758  1.00 0.00 ? 7   PHE E N    1 
ATOM   97   C CA   . PHE A 1 7   ? 7.568   -4.687  -4.345  1.00 0.00 ? 7   PHE E CA   1 
ATOM   98   C C    . PHE A 1 7   ? 7.515   -6.026  -5.073  1.00 0.00 ? 7   PHE E C    1 
ATOM   99   O O    . PHE A 1 7   ? 8.329   -6.313  -5.928  1.00 0.00 ? 7   PHE E O    1 
ATOM   100  C CB   . PHE A 1 7   ? 7.517   -4.920  -2.836  1.00 0.00 ? 7   PHE E CB   1 
ATOM   101  C CG   . PHE A 1 7   ? 8.426   -3.932  -2.147  1.00 0.00 ? 7   PHE E CG   1 
ATOM   102  C CD1  . PHE A 1 7   ? 9.739   -3.759  -2.599  1.00 0.00 ? 7   PHE E CD1  1 
ATOM   103  C CD2  . PHE A 1 7   ? 7.957   -3.191  -1.054  1.00 0.00 ? 7   PHE E CD2  1 
ATOM   104  C CE1  . PHE A 1 7   ? 10.585  -2.846  -1.960  1.00 0.00 ? 7   PHE E CE1  1 
ATOM   105  C CE2  . PHE A 1 7   ? 8.805   -2.278  -0.414  1.00 0.00 ? 7   PHE E CE2  1 
ATOM   106  C CZ   . PHE A 1 7   ? 10.119  -2.106  -0.867  1.00 0.00 ? 7   PHE E CZ   1 
ATOM   107  H H    . PHE A 1 7   ? 5.498   -4.165  -4.564  1.00 0.00 ? 7   PHE E H    1 
ATOM   108  H HA   . PHE A 1 7   ? 8.477   -4.180  -4.600  1.00 0.00 ? 7   PHE E HA   1 
ATOM   109  H HB2  . PHE A 1 7   ? 6.504   -4.788  -2.483  1.00 0.00 ? 7   PHE E HB2  1 
ATOM   110  H HB3  . PHE A 1 7   ? 7.848   -5.923  -2.618  1.00 0.00 ? 7   PHE E HB3  1 
ATOM   111  H HD1  . PHE A 1 7   ? 10.099  -4.330  -3.441  1.00 0.00 ? 7   PHE E HD1  1 
ATOM   112  H HD2  . PHE A 1 7   ? 6.942   -3.322  -0.705  1.00 0.00 ? 7   PHE E HD2  1 
ATOM   113  H HE1  . PHE A 1 7   ? 11.598  -2.712  -2.309  1.00 0.00 ? 7   PHE E HE1  1 
ATOM   114  H HE2  . PHE A 1 7   ? 8.446   -1.708  0.428   1.00 0.00 ? 7   PHE E HE2  1 
ATOM   115  H HZ   . PHE A 1 7   ? 10.772  -1.403  -0.373  1.00 0.00 ? 7   PHE E HZ   1 
ATOM   116  N N    . GLY A 1 8   ? 6.561   -6.843  -4.743  1.00 0.00 ? 8   GLY E N    1 
ATOM   117  C CA   . GLY A 1 8   ? 6.449   -8.163  -5.418  1.00 0.00 ? 8   GLY E CA   1 
ATOM   118  C C    . GLY A 1 8   ? 6.064   -9.230  -4.398  1.00 0.00 ? 8   GLY E C    1 
ATOM   119  O O    . GLY A 1 8   ? 4.906   -9.406  -4.080  1.00 0.00 ? 8   GLY E O    1 
ATOM   120  H H    . GLY A 1 8   ? 5.916   -6.587  -4.053  1.00 0.00 ? 8   GLY E H    1 
ATOM   121  H HA2  . GLY A 1 8   ? 5.690   -8.109  -6.185  1.00 0.00 ? 8   GLY E HA2  1 
ATOM   122  H HA3  . GLY A 1 8   ? 7.397   -8.422  -5.866  1.00 0.00 ? 8   GLY E HA3  1 
ATOM   123  N N    . LYS A 1 9   ? 7.021   -9.953  -3.887  1.00 0.00 ? 9   LYS E N    1 
ATOM   124  C CA   . LYS A 1 9   ? 6.692   -11.014 -2.898  1.00 0.00 ? 9   LYS E CA   1 
ATOM   125  C C    . LYS A 1 9   ? 7.368   -10.725 -1.561  1.00 0.00 ? 9   LYS E C    1 
ATOM   126  O O    . LYS A 1 9   ? 8.262   -11.436 -1.146  1.00 0.00 ? 9   LYS E O    1 
ATOM   127  C CB   . LYS A 1 9   ? 7.185   -12.362 -3.415  1.00 0.00 ? 9   LYS E CB   1 
ATOM   128  C CG   . LYS A 1 9   ? 6.779   -12.529 -4.881  1.00 0.00 ? 9   LYS E CG   1 
ATOM   129  C CD   . LYS A 1 9   ? 5.438   -13.261 -4.958  1.00 0.00 ? 9   LYS E CD   1 
ATOM   130  C CE   . LYS A 1 9   ? 4.398   -12.358 -5.624  1.00 0.00 ? 9   LYS E CE   1 
ATOM   131  N NZ   . LYS A 1 9   ? 4.419   -12.583 -7.097  1.00 0.00 ? 9   LYS E NZ   1 
ATOM   132  H H    . LYS A 1 9   ? 7.951   -9.804  -4.160  1.00 0.00 ? 9   LYS E H    1 
ATOM   133  H HA   . LYS A 1 9   ? 5.623   -11.055 -2.758  1.00 0.00 ? 9   LYS E HA   1 
ATOM   134  H HB2  . LYS A 1 9   ? 8.261   -12.405 -3.326  1.00 0.00 ? 9   LYS E HB2  1 
ATOM   135  H HB3  . LYS A 1 9   ? 6.745   -13.153 -2.827  1.00 0.00 ? 9   LYS E HB3  1 
ATOM   136  H HG2  . LYS A 1 9   ? 6.687   -11.557 -5.343  1.00 0.00 ? 9   LYS E HG2  1 
ATOM   137  H HG3  . LYS A 1 9   ? 7.531   -13.105 -5.399  1.00 0.00 ? 9   LYS E HG3  1 
ATOM   138  H HD2  . LYS A 1 9   ? 5.555   -14.166 -5.537  1.00 0.00 ? 9   LYS E HD2  1 
ATOM   139  H HD3  . LYS A 1 9   ? 5.107   -13.512 -3.961  1.00 0.00 ? 9   LYS E HD3  1 
ATOM   140  H HE2  . LYS A 1 9   ? 3.416   -12.594 -5.239  1.00 0.00 ? 9   LYS E HE2  1 
ATOM   141  H HE3  . LYS A 1 9   ? 4.629   -11.325 -5.413  1.00 0.00 ? 9   LYS E HE3  1 
ATOM   142  H HZ1  . LYS A 1 9   ? 4.737   -13.553 -7.296  1.00 0.00 ? 9   LYS E HZ1  1 
ATOM   143  H HZ2  . LYS A 1 9   ? 3.463   -12.444 -7.484  1.00 0.00 ? 9   LYS E HZ2  1 
ATOM   144  H HZ3  . LYS A 1 9   ? 5.070   -11.906 -7.543  1.00 0.00 ? 9   LYS E HZ3  1 
ATOM   145  N N    . ILE A 1 10  ? 6.948   -9.704  -0.870  1.00 0.00 ? 10  ILE E N    1 
ATOM   146  C CA   . ILE A 1 10  ? 7.572   -9.406  0.441   1.00 0.00 ? 10  ILE E CA   1 
ATOM   147  C C    . ILE A 1 10  ? 6.526   -9.464  1.545   1.00 0.00 ? 10  ILE E C    1 
ATOM   148  O O    . ILE A 1 10  ? 5.338   -9.520  1.301   1.00 0.00 ? 10  ILE E O    1 
ATOM   149  C CB   . ILE A 1 10  ? 8.189   -8.022  0.412   1.00 0.00 ? 10  ILE E CB   1 
ATOM   150  C CG1  . ILE A 1 10  ? 7.308   -7.051  1.200   1.00 0.00 ? 10  ILE E CG1  1 
ATOM   151  C CG2  . ILE A 1 10  ? 8.293   -7.573  -1.030  1.00 0.00 ? 10  ILE E CG2  1 
ATOM   152  C CD1  . ILE A 1 10  ? 7.745   -5.614  0.910   1.00 0.00 ? 10  ILE E CD1  1 
ATOM   153  H H    . ILE A 1 10  ? 6.225   -9.139  -1.207  1.00 0.00 ? 10  ILE E H    1 
ATOM   154  H HA   . ILE A 1 10  ? 8.343   -10.134 0.643   1.00 0.00 ? 10  ILE E HA   1 
ATOM   155  H HB   . ILE A 1 10  ? 9.172   -8.059  0.845   1.00 0.00 ? 10  ILE E HB   1 
ATOM   156  H HG12 . ILE A 1 10  ? 6.277   -7.181  0.905   1.00 0.00 ? 10  ILE E HG12 1 
ATOM   157  H HG13 . ILE A 1 10  ? 7.409   -7.250  2.258   1.00 0.00 ? 10  ILE E HG13 1 
ATOM   158  H HG21 . ILE A 1 10  ? 8.546   -8.424  -1.642  1.00 0.00 ? 10  ILE E HG21 1 
ATOM   159  H HG22 . ILE A 1 10  ? 7.346   -7.169  -1.345  1.00 0.00 ? 10  ILE E HG22 1 
ATOM   160  H HG23 . ILE A 1 10  ? 9.060   -6.821  -1.116  1.00 0.00 ? 10  ILE E HG23 1 
ATOM   161  H HD11 . ILE A 1 10  ? 8.815   -5.584  0.772   1.00 0.00 ? 10  ILE E HD11 1 
ATOM   162  H HD12 . ILE A 1 10  ? 7.256   -5.263  0.013   1.00 0.00 ? 10  ILE E HD12 1 
ATOM   163  H HD13 . ILE A 1 10  ? 7.471   -4.980  1.740   1.00 0.00 ? 10  ILE E HD13 1 
ATOM   164  N N    . PRO A 1 11  ? 7.040   -9.458  2.726   1.00 0.00 ? 11  PRO E N    1 
ATOM   165  C CA   . PRO A 1 11  ? 6.258   -9.521  3.964   1.00 0.00 ? 11  PRO E CA   1 
ATOM   166  C C    . PRO A 1 11  ? 5.695   -8.152  4.330   1.00 0.00 ? 11  PRO E C    1 
ATOM   167  O O    . PRO A 1 11  ? 6.381   -7.152  4.260   1.00 0.00 ? 11  PRO E O    1 
ATOM   168  C CB   . PRO A 1 11  ? 7.279   -9.962  5.004   1.00 0.00 ? 11  PRO E CB   1 
ATOM   169  C CG   . PRO A 1 11  ? 8.664   -9.596  4.436   1.00 0.00 ? 11  PRO E CG   1 
ATOM   170  C CD   . PRO A 1 11  ? 8.488   -9.385  2.924   1.00 0.00 ? 11  PRO E CD   1 
ATOM   171  H HA   . PRO A 1 11  ? 5.484   -10.253 3.889   1.00 0.00 ? 11  PRO E HA   1 
ATOM   172  H HB2  . PRO A 1 11  ? 7.105   -9.429  5.930   1.00 0.00 ? 11  PRO E HB2  1 
ATOM   173  H HB3  . PRO A 1 11  ? 7.216   -11.026 5.164   1.00 0.00 ? 11  PRO E HB3  1 
ATOM   174  H HG2  . PRO A 1 11  ? 9.017   -8.694  4.899   1.00 0.00 ? 11  PRO E HG2  1 
ATOM   175  H HG3  . PRO A 1 11  ? 9.351   -10.402 4.608   1.00 0.00 ? 11  PRO E HG3  1 
ATOM   176  H HD2  . PRO A 1 11  ? 8.859   -8.413  2.623   1.00 0.00 ? 11  PRO E HD2  1 
ATOM   177  H HD3  . PRO A 1 11  ? 8.977   -10.166 2.367   1.00 0.00 ? 11  PRO E HD3  1 
ATOM   178  N N    . ARG A 1 12  ? 4.460   -8.094  4.737   1.00 0.00 ? 12  ARG E N    1 
ATOM   179  C CA   . ARG A 1 12  ? 3.889   -6.778  5.123   1.00 0.00 ? 12  ARG E CA   1 
ATOM   180  C C    . ARG A 1 12  ? 4.860   -6.103  6.084   1.00 0.00 ? 12  ARG E C    1 
ATOM   181  O O    . ARG A 1 12  ? 5.066   -4.913  6.025   1.00 0.00 ? 12  ARG E O    1 
ATOM   182  C CB   . ARG A 1 12  ? 2.528   -6.955  5.808   1.00 0.00 ? 12  ARG E CB   1 
ATOM   183  C CG   . ARG A 1 12  ? 2.446   -8.328  6.477   1.00 0.00 ? 12  ARG E CG   1 
ATOM   184  C CD   . ARG A 1 12  ? 1.239   -8.363  7.417   1.00 0.00 ? 12  ARG E CD   1 
ATOM   185  N NE   . ARG A 1 12  ? 0.668   -9.739  7.436   1.00 0.00 ? 12  ARG E NE   1 
ATOM   186  C CZ   . ARG A 1 12  ? 1.447   -10.770 7.251   1.00 0.00 ? 12  ARG E CZ   1 
ATOM   187  N NH1  . ARG A 1 12  ? 2.033   -11.334 8.272   1.00 0.00 ? 12  ARG E NH1  1 
ATOM   188  N NH2  . ARG A 1 12  ? 1.642   -11.233 6.047   1.00 0.00 ? 12  ARG E NH2  1 
ATOM   189  H H    . ARG A 1 12  ? 3.922   -8.909  4.799   1.00 0.00 ? 12  ARG E H    1 
ATOM   190  H HA   . ARG A 1 12  ? 3.775   -6.162  4.244   1.00 0.00 ? 12  ARG E HA   1 
ATOM   191  H HB2  . ARG A 1 12  ? 2.406   -6.186  6.556   1.00 0.00 ? 12  ARG E HB2  1 
ATOM   192  H HB3  . ARG A 1 12  ? 1.743   -6.868  5.072   1.00 0.00 ? 12  ARG E HB3  1 
ATOM   193  H HG2  . ARG A 1 12  ? 2.333   -9.092  5.720   1.00 0.00 ? 12  ARG E HG2  1 
ATOM   194  H HG3  . ARG A 1 12  ? 3.346   -8.509  7.043   1.00 0.00 ? 12  ARG E HG3  1 
ATOM   195  H HD2  . ARG A 1 12  ? 1.552   -8.089  8.412   1.00 0.00 ? 12  ARG E HD2  1 
ATOM   196  H HD3  . ARG A 1 12  ? 0.489   -7.666  7.070   1.00 0.00 ? 12  ARG E HD3  1 
ATOM   197  H HE   . ARG A 1 12  ? -0.291  -9.869  7.585   1.00 0.00 ? 12  ARG E HE   1 
ATOM   198  H HH11 . ARG A 1 12  ? 1.885   -10.978 9.194   1.00 0.00 ? 12  ARG E HH11 1 
ATOM   199  H HH12 . ARG A 1 12  ? 2.630   -12.124 8.131   1.00 0.00 ? 12  ARG E HH12 1 
ATOM   200  H HH21 . ARG A 1 12  ? 1.194   -10.799 5.265   1.00 0.00 ? 12  ARG E HH21 1 
ATOM   201  H HH22 . ARG A 1 12  ? 2.239   -12.022 5.906   1.00 0.00 ? 12  ARG E HH22 1 
ATOM   202  N N    . ALA A 1 13  ? 5.463   -6.864  6.962   1.00 0.00 ? 13  ALA E N    1 
ATOM   203  C CA   . ALA A 1 13  ? 6.434   -6.273  7.929   1.00 0.00 ? 13  ALA E CA   1 
ATOM   204  C C    . ALA A 1 13  ? 7.570   -5.591  7.163   1.00 0.00 ? 13  ALA E C    1 
ATOM   205  O O    . ALA A 1 13  ? 7.985   -4.501  7.501   1.00 0.00 ? 13  ALA E O    1 
ATOM   206  C CB   . ALA A 1 13  ? 7.013   -7.373  8.817   1.00 0.00 ? 13  ALA E CB   1 
ATOM   207  H H    . ALA A 1 13  ? 5.280   -7.825  6.979   1.00 0.00 ? 13  ALA E H    1 
ATOM   208  H HA   . ALA A 1 13  ? 5.928   -5.544  8.544   1.00 0.00 ? 13  ALA E HA   1 
ATOM   209  H HB1  . ALA A 1 13  ? 6.255   -8.118  9.011   1.00 0.00 ? 13  ALA E HB1  1 
ATOM   210  H HB2  . ALA A 1 13  ? 7.852   -7.835  8.318   1.00 0.00 ? 13  ALA E HB2  1 
ATOM   211  H HB3  . ALA A 1 13  ? 7.342   -6.941  9.750   1.00 0.00 ? 13  ALA E HB3  1 
ATOM   212  N N    . LYS A 1 14  ? 8.075   -6.215  6.130   1.00 0.00 ? 14  LYS E N    1 
ATOM   213  C CA   . LYS A 1 14  ? 9.170   -5.571  5.350   1.00 0.00 ? 14  LYS E CA   1 
ATOM   214  C C    . LYS A 1 14  ? 8.655   -4.227  4.862   1.00 0.00 ? 14  LYS E C    1 
ATOM   215  O O    . LYS A 1 14  ? 9.344   -3.231  4.897   1.00 0.00 ? 14  LYS E O    1 
ATOM   216  C CB   . LYS A 1 14  ? 9.550   -6.441  4.144   1.00 0.00 ? 14  LYS E CB   1 
ATOM   217  C CG   . LYS A 1 14  ? 10.416  -5.630  3.175   1.00 0.00 ? 14  LYS E CG   1 
ATOM   218  C CD   . LYS A 1 14  ? 11.811  -5.435  3.774   1.00 0.00 ? 14  LYS E CD   1 
ATOM   219  C CE   . LYS A 1 14  ? 12.536  -6.780  3.825   1.00 0.00 ? 14  LYS E CE   1 
ATOM   220  N NZ   . LYS A 1 14  ? 14.006  -6.555  3.731   1.00 0.00 ? 14  LYS E NZ   1 
ATOM   221  H H    . LYS A 1 14  ? 7.729   -7.092  5.865   1.00 0.00 ? 14  LYS E H    1 
ATOM   222  H HA   . LYS A 1 14  ? 10.030  -5.416  5.985   1.00 0.00 ? 14  LYS E HA   1 
ATOM   223  H HB2  . LYS A 1 14  ? 10.105  -7.302  4.483   1.00 0.00 ? 14  LYS E HB2  1 
ATOM   224  H HB3  . LYS A 1 14  ? 8.652   -6.767  3.634   1.00 0.00 ? 14  LYS E HB3  1 
ATOM   225  H HG2  . LYS A 1 14  ? 10.499  -6.162  2.238   1.00 0.00 ? 14  LYS E HG2  1 
ATOM   226  H HG3  . LYS A 1 14  ? 9.963   -4.666  3.001   1.00 0.00 ? 14  LYS E HG3  1 
ATOM   227  H HD2  . LYS A 1 14  ? 12.372  -4.744  3.161   1.00 0.00 ? 14  LYS E HD2  1 
ATOM   228  H HD3  . LYS A 1 14  ? 11.721  -5.039  4.774   1.00 0.00 ? 14  LYS E HD3  1 
ATOM   229  H HE2  . LYS A 1 14  ? 12.306  -7.278  4.755   1.00 0.00 ? 14  LYS E HE2  1 
ATOM   230  H HE3  . LYS A 1 14  ? 12.212  -7.393  2.997   1.00 0.00 ? 14  LYS E HE3  1 
ATOM   231  H HZ1  . LYS A 1 14  ? 14.284  -5.801  4.393   1.00 0.00 ? 14  LYS E HZ1  1 
ATOM   232  H HZ2  . LYS A 1 14  ? 14.508  -7.433  3.975   1.00 0.00 ? 14  LYS E HZ2  1 
ATOM   233  H HZ3  . LYS A 1 14  ? 14.254  -6.276  2.762   1.00 0.00 ? 14  LYS E HZ3  1 
ATOM   234  N N    . ALA A 1 15  ? 7.432   -4.197  4.422   1.00 0.00 ? 15  ALA E N    1 
ATOM   235  C CA   . ALA A 1 15  ? 6.844   -2.920  3.944   1.00 0.00 ? 15  ALA E CA   1 
ATOM   236  C C    . ALA A 1 15  ? 6.593   -2.023  5.158   1.00 0.00 ? 15  ALA E C    1 
ATOM   237  O O    . ALA A 1 15  ? 6.540   -0.813  5.058   1.00 0.00 ? 15  ALA E O    1 
ATOM   238  C CB   . ALA A 1 15  ? 5.528   -3.213  3.220   1.00 0.00 ? 15  ALA E CB   1 
ATOM   239  H H    . ALA A 1 15  ? 6.895   -5.019  4.418   1.00 0.00 ? 15  ALA E H    1 
ATOM   240  H HA   . ALA A 1 15  ? 7.533   -2.431  3.270   1.00 0.00 ? 15  ALA E HA   1 
ATOM   241  H HB1  . ALA A 1 15  ? 4.872   -3.764  3.876   1.00 0.00 ? 15  ALA E HB1  1 
ATOM   242  H HB2  . ALA A 1 15  ? 5.058   -2.285  2.937   1.00 0.00 ? 15  ALA E HB2  1 
ATOM   243  H HB3  . ALA A 1 15  ? 5.731   -3.803  2.335   1.00 0.00 ? 15  ALA E HB3  1 
ATOM   244  N N    . GLU A 1 16  ? 6.470   -2.620  6.313   1.00 0.00 ? 16  GLU E N    1 
ATOM   245  C CA   . GLU A 1 16  ? 6.260   -1.833  7.559   1.00 0.00 ? 16  GLU E CA   1 
ATOM   246  C C    . GLU A 1 16  ? 7.615   -1.335  8.044   1.00 0.00 ? 16  GLU E C    1 
ATOM   247  O O    . GLU A 1 16  ? 7.711   -0.500  8.921   1.00 0.00 ? 16  GLU E O    1 
ATOM   248  C CB   . GLU A 1 16  ? 5.648   -2.727  8.639   1.00 0.00 ? 16  GLU E CB   1 
ATOM   249  C CG   . GLU A 1 16  ? 4.309   -3.268  8.153   1.00 0.00 ? 16  GLU E CG   1 
ATOM   250  C CD   . GLU A 1 16  ? 3.271   -3.159  9.272   1.00 0.00 ? 16  GLU E CD   1 
ATOM   251  O OE1  . GLU A 1 16  ? 3.177   -2.099  9.867   1.00 0.00 ? 16  GLU E OE1  1 
ATOM   252  O OE2  . GLU A 1 16  ? 2.590   -4.141  9.517   1.00 0.00 ? 16  GLU E OE2  1 
ATOM   253  H H    . GLU A 1 16  ? 6.543   -3.591  6.363   1.00 0.00 ? 16  GLU E H    1 
ATOM   254  H HA   . GLU A 1 16  ? 5.609   -0.995  7.362   1.00 0.00 ? 16  GLU E HA   1 
ATOM   255  H HB2  . GLU A 1 16  ? 6.318   -3.553  8.844   1.00 0.00 ? 16  GLU E HB2  1 
ATOM   256  H HB3  . GLU A 1 16  ? 5.498   -2.153  9.541   1.00 0.00 ? 16  GLU E HB3  1 
ATOM   257  H HG2  . GLU A 1 16  ? 3.983   -2.697  7.297   1.00 0.00 ? 16  GLU E HG2  1 
ATOM   258  H HG3  . GLU A 1 16  ? 4.424   -4.302  7.873   1.00 0.00 ? 16  GLU E HG3  1 
ATOM   259  N N    . GLU A 1 17  ? 8.669   -1.850  7.473   1.00 0.00 ? 17  GLU E N    1 
ATOM   260  C CA   . GLU A 1 17  ? 10.027  -1.416  7.895   1.00 0.00 ? 17  GLU E CA   1 
ATOM   261  C C    . GLU A 1 17  ? 10.491  -0.290  6.981   1.00 0.00 ? 17  GLU E C    1 
ATOM   262  O O    . GLU A 1 17  ? 10.911  0.758   7.431   1.00 0.00 ? 17  GLU E O    1 
ATOM   263  C CB   . GLU A 1 17  ? 10.998  -2.594  7.789   1.00 0.00 ? 17  GLU E CB   1 
ATOM   264  C CG   . GLU A 1 17  ? 11.164  -3.238  9.165   1.00 0.00 ? 17  GLU E CG   1 
ATOM   265  C CD   . GLU A 1 17  ? 12.619  -3.672  9.356   1.00 0.00 ? 17  GLU E CD   1 
ATOM   266  O OE1  . GLU A 1 17  ? 13.470  -2.802  9.438   1.00 0.00 ? 17  GLU E OE1  1 
ATOM   267  O OE2  . GLU A 1 17  ? 12.856  -4.867  9.417   1.00 0.00 ? 17  GLU E OE2  1 
ATOM   268  H H    . GLU A 1 17  ? 8.562   -2.524  6.763   1.00 0.00 ? 17  GLU E H    1 
ATOM   269  H HA   . GLU A 1 17  ? 9.995   -1.064  8.915   1.00 0.00 ? 17  GLU E HA   1 
ATOM   270  H HB2  . GLU A 1 17  ? 10.606  -3.322  7.093   1.00 0.00 ? 17  GLU E HB2  1 
ATOM   271  H HB3  . GLU A 1 17  ? 11.956  -2.241  7.440   1.00 0.00 ? 17  GLU E HB3  1 
ATOM   272  H HG2  . GLU A 1 17  ? 10.897  -2.523  9.930   1.00 0.00 ? 17  GLU E HG2  1 
ATOM   273  H HG3  . GLU A 1 17  ? 10.520  -4.101  9.239   1.00 0.00 ? 17  GLU E HG3  1 
ATOM   274  N N    . MET A 1 18  ? 10.407  -0.491  5.699   1.00 0.00 ? 18  MET E N    1 
ATOM   275  C CA   . MET A 1 18  ? 10.831  0.572   4.760   1.00 0.00 ? 18  MET E CA   1 
ATOM   276  C C    . MET A 1 18  ? 9.899   1.761   4.917   1.00 0.00 ? 18  MET E C    1 
ATOM   277  O O    . MET A 1 18  ? 10.224  2.870   4.557   1.00 0.00 ? 18  MET E O    1 
ATOM   278  C CB   . MET A 1 18  ? 10.762  0.046   3.329   1.00 0.00 ? 18  MET E CB   1 
ATOM   279  C CG   . MET A 1 18  ? 11.720  -1.138  3.188   1.00 0.00 ? 18  MET E CG   1 
ATOM   280  S SD   . MET A 1 18  ? 13.384  -0.631  3.702   1.00 0.00 ? 18  MET E SD   1 
ATOM   281  C CE   . MET A 1 18  ? 13.207  -0.946  5.480   1.00 0.00 ? 18  MET E CE   1 
ATOM   282  H H    . MET A 1 18  ? 10.059  -1.341  5.356   1.00 0.00 ? 18  MET E H    1 
ATOM   283  H HA   . MET A 1 18  ? 11.838  0.876   4.992   1.00 0.00 ? 18  MET E HA   1 
ATOM   284  H HB2  . MET A 1 18  ? 9.749   -0.272  3.111   1.00 0.00 ? 18  MET E HB2  1 
ATOM   285  H HB3  . MET A 1 18  ? 11.049  0.827   2.642   1.00 0.00 ? 18  MET E HB3  1 
ATOM   286  H HG2  . MET A 1 18  ? 11.381  -1.953  3.811   1.00 0.00 ? 18  MET E HG2  1 
ATOM   287  H HG3  . MET A 1 18  ? 11.745  -1.459  2.158   1.00 0.00 ? 18  MET E HG3  1 
ATOM   288  H HE1  . MET A 1 18  ? 12.325  -1.547  5.653   1.00 0.00 ? 18  MET E HE1  1 
ATOM   289  H HE2  . MET A 1 18  ? 14.082  -1.470  5.839   1.00 0.00 ? 18  MET E HE2  1 
ATOM   290  H HE3  . MET A 1 18  ? 13.113  -0.008  6.010   1.00 0.00 ? 18  MET E HE3  1 
ATOM   291  N N    . LEU A 1 19  ? 8.746   1.540   5.464   1.00 0.00 ? 19  LEU E N    1 
ATOM   292  C CA   . LEU A 1 19  ? 7.801   2.661   5.658   1.00 0.00 ? 19  LEU E CA   1 
ATOM   293  C C    . LEU A 1 19  ? 8.112   3.348   6.975   1.00 0.00 ? 19  LEU E C    1 
ATOM   294  O O    . LEU A 1 19  ? 7.776   4.496   7.192   1.00 0.00 ? 19  LEU E O    1 
ATOM   295  C CB   . LEU A 1 19  ? 6.384   2.118   5.708   1.00 0.00 ? 19  LEU E CB   1 
ATOM   296  C CG   . LEU A 1 19  ? 5.827   2.132   4.306   1.00 0.00 ? 19  LEU E CG   1 
ATOM   297  C CD1  . LEU A 1 19  ? 4.391   1.617   4.312   1.00 0.00 ? 19  LEU E CD1  1 
ATOM   298  C CD2  . LEU A 1 19  ? 5.872   3.569   3.806   1.00 0.00 ? 19  LEU E CD2  1 
ATOM   299  H H    . LEU A 1 19  ? 8.503   0.637   5.754   1.00 0.00 ? 19  LEU E H    1 
ATOM   300  H HA   . LEU A 1 19  ? 7.897   3.361   4.840   1.00 0.00 ? 19  LEU E HA   1 
ATOM   301  H HB2  . LEU A 1 19  ? 6.391   1.108   6.089   1.00 0.00 ? 19  LEU E HB2  1 
ATOM   302  H HB3  . LEU A 1 19  ? 5.777   2.748   6.341   1.00 0.00 ? 19  LEU E HB3  1 
ATOM   303  H HG   . LEU A 1 19  ? 6.438   1.505   3.675   1.00 0.00 ? 19  LEU E HG   1 
ATOM   304  H HD11 . LEU A 1 19  ? 3.835   2.106   5.098   1.00 0.00 ? 19  LEU E HD11 1 
ATOM   305  H HD12 . LEU A 1 19  ? 3.930   1.827   3.359   1.00 0.00 ? 19  LEU E HD12 1 
ATOM   306  H HD13 . LEU A 1 19  ? 4.393   0.549   4.484   1.00 0.00 ? 19  LEU E HD13 1 
ATOM   307  H HD21 . LEU A 1 19  ? 5.915   4.240   4.652   1.00 0.00 ? 19  LEU E HD21 1 
ATOM   308  H HD22 . LEU A 1 19  ? 6.755   3.711   3.201   1.00 0.00 ? 19  LEU E HD22 1 
ATOM   309  H HD23 . LEU A 1 19  ? 4.993   3.777   3.220   1.00 0.00 ? 19  LEU E HD23 1 
ATOM   310  N N    . SER A 1 20  ? 8.734   2.640   7.867   1.00 0.00 ? 20  SER E N    1 
ATOM   311  C CA   . SER A 1 20  ? 9.050   3.231   9.189   1.00 0.00 ? 20  SER E CA   1 
ATOM   312  C C    . SER A 1 20  ? 10.192  4.241   9.065   1.00 0.00 ? 20  SER E C    1 
ATOM   313  O O    . SER A 1 20  ? 10.263  5.185   9.828   1.00 0.00 ? 20  SER E O    1 
ATOM   314  C CB   . SER A 1 20  ? 9.449   2.127   10.168  1.00 0.00 ? 20  SER E CB   1 
ATOM   315  O OG   . SER A 1 20  ? 9.580   2.680   11.471  1.00 0.00 ? 20  SER E OG   1 
ATOM   316  H H    . SER A 1 20  ? 8.975   1.711   7.669   1.00 0.00 ? 20  SER E H    1 
ATOM   317  H HA   . SER A 1 20  ? 8.166   3.739   9.559   1.00 0.00 ? 20  SER E HA   1 
ATOM   318  H HB2  . SER A 1 20  ? 8.690   1.363   10.182  1.00 0.00 ? 20  SER E HB2  1 
ATOM   319  H HB3  . SER A 1 20  ? 10.388  1.692   9.854   1.00 0.00 ? 20  SER E HB3  1 
ATOM   320  H HG   . SER A 1 20  ? 8.726   2.619   11.907  1.00 0.00 ? 20  SER E HG   1 
ATOM   321  N N    . LYS A 1 21  ? 11.083  4.090   8.116   1.00 0.00 ? 21  LYS E N    1 
ATOM   322  C CA   . LYS A 1 21  ? 12.168  5.110   8.015   1.00 0.00 ? 21  LYS E CA   1 
ATOM   323  C C    . LYS A 1 21  ? 11.708  6.212   7.063   1.00 0.00 ? 21  LYS E C    1 
ATOM   324  O O    . LYS A 1 21  ? 12.337  7.244   6.938   1.00 0.00 ? 21  LYS E O    1 
ATOM   325  C CB   . LYS A 1 21  ? 13.500  4.521   7.518   1.00 0.00 ? 21  LYS E CB   1 
ATOM   326  C CG   . LYS A 1 21  ? 13.347  3.056   7.131   1.00 0.00 ? 21  LYS E CG   1 
ATOM   327  C CD   . LYS A 1 21  ? 12.946  2.980   5.665   1.00 0.00 ? 21  LYS E CD   1 
ATOM   328  C CE   . LYS A 1 21  ? 13.996  2.182   4.891   1.00 0.00 ? 21  LYS E CE   1 
ATOM   329  N NZ   . LYS A 1 21  ? 15.183  3.047   4.640   1.00 0.00 ? 21  LYS E NZ   1 
ATOM   330  H H    . LYS A 1 21  ? 11.023  3.340   7.473   1.00 0.00 ? 21  LYS E H    1 
ATOM   331  H HA   . LYS A 1 21  ? 12.323  5.536   8.992   1.00 0.00 ? 21  LYS E HA   1 
ATOM   332  H HB2  . LYS A 1 21  ? 13.832  5.081   6.655   1.00 0.00 ? 21  LYS E HB2  1 
ATOM   333  H HB3  . LYS A 1 21  ? 14.239  4.607   8.301   1.00 0.00 ? 21  LYS E HB3  1 
ATOM   334  H HG2  . LYS A 1 21  ? 14.288  2.545   7.274   1.00 0.00 ? 21  LYS E HG2  1 
ATOM   335  H HG3  . LYS A 1 21  ? 12.593  2.592   7.741   1.00 0.00 ? 21  LYS E HG3  1 
ATOM   336  H HD2  . LYS A 1 21  ? 11.988  2.503   5.582   1.00 0.00 ? 21  LYS E HD2  1 
ATOM   337  H HD3  . LYS A 1 21  ? 12.885  3.977   5.256   1.00 0.00 ? 21  LYS E HD3  1 
ATOM   338  H HE2  . LYS A 1 21  ? 14.295  1.321   5.471   1.00 0.00 ? 21  LYS E HE2  1 
ATOM   339  H HE3  . LYS A 1 21  ? 13.582  1.857   3.950   1.00 0.00 ? 21  LYS E HE3  1 
ATOM   340  H HZ1  . LYS A 1 21  ? 15.335  3.671   5.457   1.00 0.00 ? 21  LYS E HZ1  1 
ATOM   341  H HZ2  . LYS A 1 21  ? 16.023  2.449   4.498   1.00 0.00 ? 21  LYS E HZ2  1 
ATOM   342  H HZ3  . LYS A 1 21  ? 15.018  3.624   3.791   1.00 0.00 ? 21  LYS E HZ3  1 
ATOM   343  N N    . GLN A 1 22  ? 10.601  6.005   6.398   1.00 0.00 ? 22  GLN E N    1 
ATOM   344  C CA   . GLN A 1 22  ? 10.085  7.036   5.465   1.00 0.00 ? 22  GLN E CA   1 
ATOM   345  C C    . GLN A 1 22  ? 10.014  8.377   6.186   1.00 0.00 ? 22  GLN E C    1 
ATOM   346  O O    . GLN A 1 22  ? 10.324  8.480   7.356   1.00 0.00 ? 22  GLN E O    1 
ATOM   347  C CB   . GLN A 1 22  ? 8.689   6.615   4.991   1.00 0.00 ? 22  GLN E CB   1 
ATOM   348  C CG   . GLN A 1 22  ? 8.704   6.304   3.488   1.00 0.00 ? 22  GLN E CG   1 
ATOM   349  C CD   . GLN A 1 22  ? 10.097  5.854   3.041   1.00 0.00 ? 22  GLN E CD   1 
ATOM   350  O OE1  . GLN A 1 22  ? 10.490  4.733   3.274   1.00 0.00 ? 22  GLN E OE1  1 
ATOM   351  N NE2  . GLN A 1 22  ? 10.871  6.697   2.419   1.00 0.00 ? 22  GLN E NE2  1 
ATOM   352  H H    . GLN A 1 22  ? 10.100  5.168   6.515   1.00 0.00 ? 22  GLN E H    1 
ATOM   353  H HA   . GLN A 1 22  ? 10.753  7.130   4.629   1.00 0.00 ? 22  GLN E HA   1 
ATOM   354  H HB2  . GLN A 1 22  ? 8.381   5.728   5.535   1.00 0.00 ? 22  GLN E HB2  1 
ATOM   355  H HB3  . GLN A 1 22  ? 7.984   7.413   5.187   1.00 0.00 ? 22  GLN E HB3  1 
ATOM   356  H HG2  . GLN A 1 22  ? 7.998   5.515   3.288   1.00 0.00 ? 22  GLN E HG2  1 
ATOM   357  H HG3  . GLN A 1 22  ? 8.419   7.188   2.937   1.00 0.00 ? 22  GLN E HG3  1 
ATOM   358  H HE21 . GLN A 1 22  ? 10.560  7.610   2.243   1.00 0.00 ? 22  GLN E HE21 1 
ATOM   359  H HE22 . GLN A 1 22  ? 11.764  6.419   2.126   1.00 0.00 ? 22  GLN E HE22 1 
ATOM   360  N N    . ARG A 1 23  ? 9.629   9.411   5.494   1.00 0.00 ? 23  ARG E N    1 
ATOM   361  C CA   . ARG A 1 23  ? 9.565   10.743  6.146   1.00 0.00 ? 23  ARG E CA   1 
ATOM   362  C C    . ARG A 1 23  ? 8.218   11.402  5.868   1.00 0.00 ? 23  ARG E C    1 
ATOM   363  O O    . ARG A 1 23  ? 7.716   12.161  6.674   1.00 0.00 ? 23  ARG E O    1 
ATOM   364  C CB   . ARG A 1 23  ? 10.689  11.620  5.603   1.00 0.00 ? 23  ARG E CB   1 
ATOM   365  C CG   . ARG A 1 23  ? 10.296  12.178  4.235   1.00 0.00 ? 23  ARG E CG   1 
ATOM   366  C CD   . ARG A 1 23  ? 11.512  12.159  3.309   1.00 0.00 ? 23  ARG E CD   1 
ATOM   367  N NE   . ARG A 1 23  ? 12.197  13.480  3.359   1.00 0.00 ? 23  ARG E NE   1 
ATOM   368  C CZ   . ARG A 1 23  ? 12.984  13.847  2.384   1.00 0.00 ? 23  ARG E CZ   1 
ATOM   369  N NH1  . ARG A 1 23  ? 13.212  13.039  1.382   1.00 0.00 ? 23  ARG E NH1  1 
ATOM   370  N NH2  . ARG A 1 23  ? 13.545  15.026  2.409   1.00 0.00 ? 23  ARG E NH2  1 
ATOM   371  H H    . ARG A 1 23  ? 9.399   9.314   4.547   1.00 0.00 ? 23  ARG E H    1 
ATOM   372  H HA   . ARG A 1 23  ? 9.688   10.621  7.212   1.00 0.00 ? 23  ARG E HA   1 
ATOM   373  H HB2  . ARG A 1 23  ? 10.869  12.434  6.284   1.00 0.00 ? 23  ARG E HB2  1 
ATOM   374  H HB3  . ARG A 1 23  ? 11.581  11.028  5.500   1.00 0.00 ? 23  ARG E HB3  1 
ATOM   375  H HG2  . ARG A 1 23  ? 9.512   11.570  3.810   1.00 0.00 ? 23  ARG E HG2  1 
ATOM   376  H HG3  . ARG A 1 23  ? 9.946   13.193  4.346   1.00 0.00 ? 23  ARG E HG3  1 
ATOM   377  H HD2  . ARG A 1 23  ? 12.195  11.385  3.627   1.00 0.00 ? 23  ARG E HD2  1 
ATOM   378  H HD3  . ARG A 1 23  ? 11.188  11.959  2.297   1.00 0.00 ? 23  ARG E HD3  1 
ATOM   379  H HE   . ARG A 1 23  ? 12.058  14.074  4.125   1.00 0.00 ? 23  ARG E HE   1 
ATOM   380  H HH11 . ARG A 1 23  ? 12.785  12.136  1.360   1.00 0.00 ? 23  ARG E HH11 1 
ATOM   381  H HH12 . ARG A 1 23  ? 13.816  13.325  0.639   1.00 0.00 ? 23  ARG E HH12 1 
ATOM   382  H HH21 . ARG A 1 23  ? 13.372  15.646  3.173   1.00 0.00 ? 23  ARG E HH21 1 
ATOM   383  H HH22 . ARG A 1 23  ? 14.149  15.308  1.662   1.00 0.00 ? 23  ARG E HH22 1 
ATOM   384  N N    . HIS A 1 24  ? 7.611   11.118  4.751   1.00 0.00 ? 24  HIS E N    1 
ATOM   385  C CA   . HIS A 1 24  ? 6.294   11.737  4.474   1.00 0.00 ? 24  HIS E CA   1 
ATOM   386  C C    . HIS A 1 24  ? 5.217   10.751  4.868   1.00 0.00 ? 24  HIS E C    1 
ATOM   387  O O    . HIS A 1 24  ? 5.188   9.634   4.395   1.00 0.00 ? 24  HIS E O    1 
ATOM   388  C CB   . HIS A 1 24  ? 6.124   12.055  2.990   1.00 0.00 ? 24  HIS E CB   1 
ATOM   389  C CG   . HIS A 1 24  ? 7.410   12.551  2.393   1.00 0.00 ? 24  HIS E CG   1 
ATOM   390  N ND1  . HIS A 1 24  ? 8.178   13.537  2.992   1.00 0.00 ? 24  HIS E ND1  1 
ATOM   391  C CD2  . HIS A 1 24  ? 8.061   12.223  1.230   1.00 0.00 ? 24  HIS E CD2  1 
ATOM   392  C CE1  . HIS A 1 24  ? 9.237   13.767  2.192   1.00 0.00 ? 24  HIS E CE1  1 
ATOM   393  N NE2  . HIS A 1 24  ? 9.213   12.992  1.105   1.00 0.00 ? 24  HIS E NE2  1 
ATOM   394  H H    . HIS A 1 24  ? 8.010   10.491  4.111   1.00 0.00 ? 24  HIS E H    1 
ATOM   395  H HA   . HIS A 1 24  ? 6.189   12.642  5.055   1.00 0.00 ? 24  HIS E HA   1 
ATOM   396  H HB2  . HIS A 1 24  ? 5.811   11.162  2.471   1.00 0.00 ? 24  HIS E HB2  1 
ATOM   397  H HB3  . HIS A 1 24  ? 5.362   12.814  2.883   1.00 0.00 ? 24  HIS E HB3  1 
ATOM   398  H HD1  . HIS A 1 24  ? 7.986   13.984  3.843   1.00 0.00 ? 24  HIS E HD1  1 
ATOM   399  H HD2  . HIS A 1 24  ? 7.722   11.484  0.515   1.00 0.00 ? 24  HIS E HD2  1 
ATOM   400  H HE1  . HIS A 1 24  ? 10.008  14.493  2.402   1.00 0.00 ? 24  HIS E HE1  1 
ATOM   401  N N    . ASP A 1 25  ? 4.312   11.142  5.705   1.00 0.00 ? 25  ASP E N    1 
ATOM   402  C CA   . ASP A 1 25  ? 3.244   10.190  6.068   1.00 0.00 ? 25  ASP E CA   1 
ATOM   403  C C    . ASP A 1 25  ? 2.365   10.023  4.845   1.00 0.00 ? 25  ASP E C    1 
ATOM   404  O O    . ASP A 1 25  ? 1.538   10.850  4.522   1.00 0.00 ? 25  ASP E O    1 
ATOM   405  C CB   . ASP A 1 25  ? 2.446   10.694  7.260   1.00 0.00 ? 25  ASP E CB   1 
ATOM   406  C CG   . ASP A 1 25  ? 2.273   12.212  7.166   1.00 0.00 ? 25  ASP E CG   1 
ATOM   407  O OD1  . ASP A 1 25  ? 1.442   12.645  6.385   1.00 0.00 ? 25  ASP E OD1  1 
ATOM   408  O OD2  . ASP A 1 25  ? 2.973   12.913  7.876   1.00 0.00 ? 25  ASP E OD2  1 
ATOM   409  H H    . ASP A 1 25  ? 4.326   12.050  6.067   1.00 0.00 ? 25  ASP E H    1 
ATOM   410  H HA   . ASP A 1 25  ? 3.690   9.236   6.306   1.00 0.00 ? 25  ASP E HA   1 
ATOM   411  H HB2  . ASP A 1 25  ? 1.476   10.213  7.266   1.00 0.00 ? 25  ASP E HB2  1 
ATOM   412  H HB3  . ASP A 1 25  ? 2.984   10.444  8.169   1.00 0.00 ? 25  ASP E HB3  1 
ATOM   413  N N    . GLY A 1 26  ? 2.596   8.964   4.143   1.00 0.00 ? 26  GLY E N    1 
ATOM   414  C CA   . GLY A 1 26  ? 1.854   8.688   2.892   1.00 0.00 ? 26  GLY E CA   1 
ATOM   415  C C    . GLY A 1 26  ? 2.685   7.684   2.108   1.00 0.00 ? 26  GLY E C    1 
ATOM   416  O O    . GLY A 1 26  ? 2.166   6.902   1.339   1.00 0.00 ? 26  GLY E O    1 
ATOM   417  H H    . GLY A 1 26  ? 3.297   8.346   4.432   1.00 0.00 ? 26  GLY E H    1 
ATOM   418  H HA2  . GLY A 1 26  ? 0.883   8.272   3.122   1.00 0.00 ? 26  GLY E HA2  1 
ATOM   419  H HA3  . GLY A 1 26  ? 1.745   9.594   2.317   1.00 0.00 ? 26  GLY E HA3  1 
ATOM   420  N N    . ALA A 1 27  ? 3.983   7.692   2.336   1.00 0.00 ? 27  ALA E N    1 
ATOM   421  C CA   . ALA A 1 27  ? 4.883   6.726   1.653   1.00 0.00 ? 27  ALA E CA   1 
ATOM   422  C C    . ALA A 1 27  ? 4.155   5.387   1.518   1.00 0.00 ? 27  ALA E C    1 
ATOM   423  O O    . ALA A 1 27  ? 3.478   4.956   2.427   1.00 0.00 ? 27  ALA E O    1 
ATOM   424  C CB   . ALA A 1 27  ? 6.128   6.575   2.517   1.00 0.00 ? 27  ALA E CB   1 
ATOM   425  H H    . ALA A 1 27  ? 4.368   8.330   2.987   1.00 0.00 ? 27  ALA E H    1 
ATOM   426  H HA   . ALA A 1 27  ? 5.158   7.094   0.676   1.00 0.00 ? 27  ALA E HA   1 
ATOM   427  H HB1  . ALA A 1 27  ? 6.309   7.500   3.051   1.00 0.00 ? 27  ALA E HB1  1 
ATOM   428  H HB2  . ALA A 1 27  ? 5.980   5.781   3.231   1.00 0.00 ? 27  ALA E HB2  1 
ATOM   429  H HB3  . ALA A 1 27  ? 6.980   6.349   1.894   1.00 0.00 ? 27  ALA E HB3  1 
ATOM   430  N N    . PHE A 1 28  ? 4.250   4.735   0.391   1.00 0.00 ? 28  PHE E N    1 
ATOM   431  C CA   . PHE A 1 28  ? 3.508   3.452   0.238   1.00 0.00 ? 28  PHE E CA   1 
ATOM   432  C C    . PHE A 1 28  ? 4.247   2.477   -0.678  1.00 0.00 ? 28  PHE E C    1 
ATOM   433  O O    . PHE A 1 28  ? 5.099   2.841   -1.462  1.00 0.00 ? 28  PHE E O    1 
ATOM   434  C CB   . PHE A 1 28  ? 2.144   3.736   -0.368  1.00 0.00 ? 28  PHE E CB   1 
ATOM   435  C CG   . PHE A 1 28  ? 2.204   3.532   -1.863  1.00 0.00 ? 28  PHE E CG   1 
ATOM   436  C CD1  . PHE A 1 28  ? 1.938   2.272   -2.419  1.00 0.00 ? 28  PHE E CD1  1 
ATOM   437  C CD2  . PHE A 1 28  ? 2.501   4.613   -2.696  1.00 0.00 ? 28  PHE E CD2  1 
ATOM   438  C CE1  . PHE A 1 28  ? 1.969   2.100   -3.807  1.00 0.00 ? 28  PHE E CE1  1 
ATOM   439  C CE2  . PHE A 1 28  ? 2.537   4.441   -4.082  1.00 0.00 ? 28  PHE E CE2  1 
ATOM   440  C CZ   . PHE A 1 28  ? 2.268   3.185   -4.638  1.00 0.00 ? 28  PHE E CZ   1 
ATOM   441  H H    . PHE A 1 28  ? 4.780   5.094   -0.348  1.00 0.00 ? 28  PHE E H    1 
ATOM   442  H HA   . PHE A 1 28  ? 3.369   3.005   1.209   1.00 0.00 ? 28  PHE E HA   1 
ATOM   443  H HB2  . PHE A 1 28  ? 1.412   3.066   0.058   1.00 0.00 ? 28  PHE E HB2  1 
ATOM   444  H HB3  . PHE A 1 28  ? 1.863   4.757   -0.158  1.00 0.00 ? 28  PHE E HB3  1 
ATOM   445  H HD1  . PHE A 1 28  ? 1.709   1.434   -1.779  1.00 0.00 ? 28  PHE E HD1  1 
ATOM   446  H HD2  . PHE A 1 28  ? 2.703   5.584   -2.268  1.00 0.00 ? 28  PHE E HD2  1 
ATOM   447  H HE1  . PHE A 1 28  ? 1.765   1.130   -4.236  1.00 0.00 ? 28  PHE E HE1  1 
ATOM   448  H HE2  . PHE A 1 28  ? 2.768   5.278   -4.724  1.00 0.00 ? 28  PHE E HE2  1 
ATOM   449  H HZ   . PHE A 1 28  ? 2.283   3.055   -5.709  1.00 0.00 ? 28  PHE E HZ   1 
ATOM   450  N N    . LEU A 1 29  ? 3.882   1.235   -0.590  1.00 0.00 ? 29  LEU E N    1 
ATOM   451  C CA   . LEU A 1 29  ? 4.494   0.189   -1.438  1.00 0.00 ? 29  LEU E CA   1 
ATOM   452  C C    . LEU A 1 29  ? 3.439   -0.881  -1.592  1.00 0.00 ? 29  LEU E C    1 
ATOM   453  O O    . LEU A 1 29  ? 2.555   -0.994  -0.770  1.00 0.00 ? 29  LEU E O    1 
ATOM   454  C CB   . LEU A 1 29  ? 5.726   -0.412  -0.756  1.00 0.00 ? 29  LEU E CB   1 
ATOM   455  C CG   . LEU A 1 29  ? 5.304   -1.101  0.544   1.00 0.00 ? 29  LEU E CG   1 
ATOM   456  C CD1  . LEU A 1 29  ? 4.884   -2.545  0.246   1.00 0.00 ? 29  LEU E CD1  1 
ATOM   457  C CD2  . LEU A 1 29  ? 6.481   -1.103  1.526   1.00 0.00 ? 29  LEU E CD2  1 
ATOM   458  H H    . LEU A 1 29  ? 3.165   0.984   0.028   1.00 0.00 ? 29  LEU E H    1 
ATOM   459  H HA   . LEU A 1 29  ? 4.760   0.598   -2.400  1.00 0.00 ? 29  LEU E HA   1 
ATOM   460  H HB2  . LEU A 1 29  ? 6.178   -1.139  -1.416  1.00 0.00 ? 29  LEU E HB2  1 
ATOM   461  H HB3  . LEU A 1 29  ? 6.438   0.366   -0.539  1.00 0.00 ? 29  LEU E HB3  1 
ATOM   462  H HG   . LEU A 1 29  ? 4.471   -0.567  0.978   1.00 0.00 ? 29  LEU E HG   1 
ATOM   463  H HD11 . LEU A 1 29  ? 4.754   -2.676  -0.819  1.00 0.00 ? 29  LEU E HD11 1 
ATOM   464  H HD12 . LEU A 1 29  ? 5.647   -3.222  0.599   1.00 0.00 ? 29  LEU E HD12 1 
ATOM   465  H HD13 . LEU A 1 29  ? 3.954   -2.762  0.750   1.00 0.00 ? 29  LEU E HD13 1 
ATOM   466  H HD21 . LEU A 1 29  ? 7.221   -0.387  1.203   1.00 0.00 ? 29  LEU E HD21 1 
ATOM   467  H HD22 . LEU A 1 29  ? 6.130   -0.838  2.514   1.00 0.00 ? 29  LEU E HD22 1 
ATOM   468  H HD23 . LEU A 1 29  ? 6.922   -2.087  1.556   1.00 0.00 ? 29  LEU E HD23 1 
ATOM   469  N N    . ILE A 1 30  ? 3.483   -1.665  -2.611  1.00 0.00 ? 30  ILE E N    1 
ATOM   470  C CA   . ILE A 1 30  ? 2.429   -2.685  -2.730  1.00 0.00 ? 30  ILE E CA   1 
ATOM   471  C C    . ILE A 1 30  ? 3.037   -4.061  -2.615  1.00 0.00 ? 30  ILE E C    1 
ATOM   472  O O    . ILE A 1 30  ? 4.059   -4.370  -3.182  1.00 0.00 ? 30  ILE E O    1 
ATOM   473  C CB   . ILE A 1 30  ? 1.660   -2.452  -4.021  1.00 0.00 ? 30  ILE E CB   1 
ATOM   474  C CG1  . ILE A 1 30  ? 0.528   -1.515  -3.649  1.00 0.00 ? 30  ILE E CG1  1 
ATOM   475  C CG2  . ILE A 1 30  ? 1.075   -3.750  -4.592  1.00 0.00 ? 30  ILE E CG2  1 
ATOM   476  C CD1  . ILE A 1 30  ? -0.156  -0.964  -4.898  1.00 0.00 ? 30  ILE E CD1  1 
ATOM   477  H H    . ILE A 1 30  ? 4.185   -1.583  -3.289  1.00 0.00 ? 30  ILE E H    1 
ATOM   478  H HA   . ILE A 1 30  ? 1.745   -2.555  -1.905  1.00 0.00 ? 30  ILE E HA   1 
ATOM   479  H HB   . ILE A 1 30  ? 2.302   -1.982  -4.749  1.00 0.00 ? 30  ILE E HB   1 
ATOM   480  H HG12 . ILE A 1 30  ? -0.186  -2.070  -3.052  1.00 0.00 ? 30  ILE E HG12 1 
ATOM   481  H HG13 . ILE A 1 30  ? 0.928   -0.696  -3.058  1.00 0.00 ? 30  ILE E HG13 1 
ATOM   482  H HG21 . ILE A 1 30  ? 1.461   -4.600  -4.062  1.00 0.00 ? 30  ILE E HG21 1 
ATOM   483  H HG22 . ILE A 1 30  ? 0.001   -3.727  -4.494  1.00 0.00 ? 30  ILE E HG22 1 
ATOM   484  H HG23 . ILE A 1 30  ? 1.334   -3.827  -5.636  1.00 0.00 ? 30  ILE E HG23 1 
ATOM   485  H HD11 . ILE A 1 30  ? -0.153  -1.716  -5.672  1.00 0.00 ? 30  ILE E HD11 1 
ATOM   486  H HD12 . ILE A 1 30  ? -1.174  -0.695  -4.661  1.00 0.00 ? 30  ILE E HD12 1 
ATOM   487  H HD13 . ILE A 1 30  ? 0.377   -0.089  -5.240  1.00 0.00 ? 30  ILE E HD13 1 
ATOM   488  N N    . ARG A 1 31  ? 2.418   -4.869  -1.827  1.00 0.00 ? 31  ARG E N    1 
ATOM   489  C CA   . ARG A 1 31  ? 2.958   -6.236  -1.596  1.00 0.00 ? 31  ARG E CA   1 
ATOM   490  C C    . ARG A 1 31  ? 1.990   -7.296  -2.114  1.00 0.00 ? 31  ARG E C    1 
ATOM   491  O O    . ARG A 1 31  ? 0.787   -7.144  -2.059  1.00 0.00 ? 31  ARG E O    1 
ATOM   492  C CB   . ARG A 1 31  ? 3.184   -6.431  -0.097  1.00 0.00 ? 31  ARG E CB   1 
ATOM   493  C CG   . ARG A 1 31  ? 2.440   -5.338  0.673   1.00 0.00 ? 31  ARG E CG   1 
ATOM   494  C CD   . ARG A 1 31  ? 2.685   -5.517  2.170   1.00 0.00 ? 31  ARG E CD   1 
ATOM   495  N NE   . ARG A 1 31  ? 2.865   -6.964  2.467   1.00 0.00 ? 31  ARG E NE   1 
ATOM   496  C CZ   . ARG A 1 31  ? 1.838   -7.766  2.462   1.00 0.00 ? 31  ARG E CZ   1 
ATOM   497  N NH1  . ARG A 1 31  ? 0.632   -7.288  2.312   1.00 0.00 ? 31  ARG E NH1  1 
ATOM   498  N NH2  . ARG A 1 31  ? 2.017   -9.050  2.607   1.00 0.00 ? 31  ARG E NH2  1 
ATOM   499  H H    . ARG A 1 31  ? 1.607   -4.557  -1.362  1.00 0.00 ? 31  ARG E H    1 
ATOM   500  H HA   . ARG A 1 31  ? 3.900   -6.338  -2.113  1.00 0.00 ? 31  ARG E HA   1 
ATOM   501  H HB2  . ARG A 1 31  ? 2.815   -7.401  0.201   1.00 0.00 ? 31  ARG E HB2  1 
ATOM   502  H HB3  . ARG A 1 31  ? 4.240   -6.363  0.121   1.00 0.00 ? 31  ARG E HB3  1 
ATOM   503  H HG2  . ARG A 1 31  ? 2.799   -4.368  0.361   1.00 0.00 ? 31  ARG E HG2  1 
ATOM   504  H HG3  . ARG A 1 31  ? 1.381   -5.413  0.473   1.00 0.00 ? 31  ARG E HG3  1 
ATOM   505  H HD2  . ARG A 1 31  ? 3.577   -4.978  2.455   1.00 0.00 ? 31  ARG E HD2  1 
ATOM   506  H HD3  . ARG A 1 31  ? 1.841   -5.136  2.723   1.00 0.00 ? 31  ARG E HD3  1 
ATOM   507  H HE   . ARG A 1 31  ? 3.758   -7.315  2.669   1.00 0.00 ? 31  ARG E HE   1 
ATOM   508  H HH11 . ARG A 1 31  ? 0.492   -6.306  2.202   1.00 0.00 ? 31  ARG E HH11 1 
ATOM   509  H HH12 . ARG A 1 31  ? -0.152  -7.907  2.308   1.00 0.00 ? 31  ARG E HH12 1 
ATOM   510  H HH21 . ARG A 1 31  ? 2.941   -9.414  2.722   1.00 0.00 ? 31  ARG E HH21 1 
ATOM   511  H HH22 . ARG A 1 31  ? 1.233   -9.666  2.605   1.00 0.00 ? 31  ARG E HH22 1 
ATOM   512  N N    . GLU A 1 32  ? 2.523   -8.373  -2.619  1.00 0.00 ? 32  GLU E N    1 
ATOM   513  C CA   . GLU A 1 32  ? 1.666   -9.465  -3.152  1.00 0.00 ? 32  GLU E CA   1 
ATOM   514  C C    . GLU A 1 32  ? 1.485   -10.545 -2.085  1.00 0.00 ? 32  GLU E C    1 
ATOM   515  O O    . GLU A 1 32  ? 1.807   -11.696 -2.301  1.00 0.00 ? 32  GLU E O    1 
ATOM   516  C CB   . GLU A 1 32  ? 2.358   -10.066 -4.370  1.00 0.00 ? 32  GLU E CB   1 
ATOM   517  C CG   . GLU A 1 32  ? 1.390   -10.998 -5.105  1.00 0.00 ? 32  GLU E CG   1 
ATOM   518  C CD   . GLU A 1 32  ? 1.776   -11.072 -6.583  1.00 0.00 ? 32  GLU E CD   1 
ATOM   519  O OE1  . GLU A 1 32  ? 2.778   -10.478 -6.944  1.00 0.00 ? 32  GLU E OE1  1 
ATOM   520  O OE2  . GLU A 1 32  ? 1.062   -11.722 -7.329  1.00 0.00 ? 32  GLU E OE2  1 
ATOM   521  H H    . GLU A 1 32  ? 3.499   -8.463  -2.650  1.00 0.00 ? 32  GLU E H    1 
ATOM   522  H HA   . GLU A 1 32  ? 0.704   -9.068  -3.440  1.00 0.00 ? 32  GLU E HA   1 
ATOM   523  H HB2  . GLU A 1 32  ? 2.673   -9.269  -5.028  1.00 0.00 ? 32  GLU E HB2  1 
ATOM   524  H HB3  . GLU A 1 32  ? 3.221   -10.626 -4.045  1.00 0.00 ? 32  GLU E HB3  1 
ATOM   525  H HG2  . GLU A 1 32  ? 1.441   -11.986 -4.669  1.00 0.00 ? 32  GLU E HG2  1 
ATOM   526  H HG3  . GLU A 1 32  ? 0.384   -10.617 -5.015  1.00 0.00 ? 32  GLU E HG3  1 
ATOM   527  N N    . SER A 1 33  ? 0.970   -10.175 -0.942  1.00 0.00 ? 33  SER E N    1 
ATOM   528  C CA   . SER A 1 33  ? 0.757   -11.162 0.166   1.00 0.00 ? 33  SER E CA   1 
ATOM   529  C C    . SER A 1 33  ? 1.869   -12.216 0.165   1.00 0.00 ? 33  SER E C    1 
ATOM   530  O O    . SER A 1 33  ? 1.797   -13.205 -0.538  1.00 0.00 ? 33  SER E O    1 
ATOM   531  C CB   . SER A 1 33  ? -0.589  -11.859 -0.017  1.00 0.00 ? 33  SER E CB   1 
ATOM   532  O OG   . SER A 1 33  ? -1.556  -11.244 0.821   1.00 0.00 ? 33  SER E OG   1 
ATOM   533  H H    . SER A 1 33  ? 0.717   -9.236  -0.811  1.00 0.00 ? 33  SER E H    1 
ATOM   534  H HA   . SER A 1 33  ? 0.761   -10.642 1.110   1.00 0.00 ? 33  SER E HA   1 
ATOM   535  H HB2  . SER A 1 33  ? -0.902  -11.775 -1.040  1.00 0.00 ? 33  SER E HB2  1 
ATOM   536  H HB3  . SER A 1 33  ? -0.486  -12.903 0.241   1.00 0.00 ? 33  SER E HB3  1 
ATOM   537  H HG   . SER A 1 33  ? -1.647  -11.781 1.613   1.00 0.00 ? 33  SER E HG   1 
ATOM   538  N N    . GLU A 1 34  ? 2.894   -12.021 0.949   1.00 0.00 ? 34  GLU E N    1 
ATOM   539  C CA   . GLU A 1 34  ? 3.998   -13.021 0.984   1.00 0.00 ? 34  GLU E CA   1 
ATOM   540  C C    . GLU A 1 34  ? 3.499   -14.319 1.623   1.00 0.00 ? 34  GLU E C    1 
ATOM   541  O O    . GLU A 1 34  ? 4.092   -15.368 1.463   1.00 0.00 ? 34  GLU E O    1 
ATOM   542  C CB   . GLU A 1 34  ? 5.170   -12.465 1.794   1.00 0.00 ? 34  GLU E CB   1 
ATOM   543  C CG   . GLU A 1 34  ? 6.324   -12.138 0.846   1.00 0.00 ? 34  GLU E CG   1 
ATOM   544  C CD   . GLU A 1 34  ? 6.780   -13.414 0.136   1.00 0.00 ? 34  GLU E CD   1 
ATOM   545  O OE1  . GLU A 1 34  ? 6.178   -13.757 -0.869  1.00 0.00 ? 34  GLU E OE1  1 
ATOM   546  O OE2  . GLU A 1 34  ? 7.724   -14.026 0.608   1.00 0.00 ? 34  GLU E OE2  1 
ATOM   547  H H    . GLU A 1 34  ? 2.936   -11.221 1.513   1.00 0.00 ? 34  GLU E H    1 
ATOM   548  H HA   . GLU A 1 34  ? 4.326   -13.225 -0.025  1.00 0.00 ? 34  GLU E HA   1 
ATOM   549  H HB2  . GLU A 1 34  ? 4.859   -11.568 2.308   1.00 0.00 ? 34  GLU E HB2  1 
ATOM   550  H HB3  . GLU A 1 34  ? 5.495   -13.201 2.513   1.00 0.00 ? 34  GLU E HB3  1 
ATOM   551  H HG2  . GLU A 1 34  ? 5.989   -11.415 0.116   1.00 0.00 ? 34  GLU E HG2  1 
ATOM   552  H HG3  . GLU A 1 34  ? 7.149   -11.724 1.406   1.00 0.00 ? 34  GLU E HG3  1 
ATOM   553  N N    . SER A 1 35  ? 2.410   -14.261 2.341   1.00 0.00 ? 35  SER E N    1 
ATOM   554  C CA   . SER A 1 35  ? 1.875   -15.496 2.982   1.00 0.00 ? 35  SER E CA   1 
ATOM   555  C C    . SER A 1 35  ? 0.926   -16.197 2.006   1.00 0.00 ? 35  SER E C    1 
ATOM   556  O O    . SER A 1 35  ? 0.755   -17.399 2.045   1.00 0.00 ? 35  SER E O    1 
ATOM   557  C CB   . SER A 1 35  ? 1.116   -15.124 4.257   1.00 0.00 ? 35  SER E CB   1 
ATOM   558  O OG   . SER A 1 35  ? 0.195   -14.080 3.968   1.00 0.00 ? 35  SER E OG   1 
ATOM   559  H H    . SER A 1 35  ? 1.943   -13.407 2.454   1.00 0.00 ? 35  SER E H    1 
ATOM   560  H HA   . SER A 1 35  ? 2.692   -16.157 3.227   1.00 0.00 ? 35  SER E HA   1 
ATOM   561  H HB2  . SER A 1 35  ? 0.577   -15.983 4.620   1.00 0.00 ? 35  SER E HB2  1 
ATOM   562  H HB3  . SER A 1 35  ? 1.821   -14.800 5.011   1.00 0.00 ? 35  SER E HB3  1 
ATOM   563  H HG   . SER A 1 35  ? 0.500   -13.285 4.413   1.00 0.00 ? 35  SER E HG   1 
ATOM   564  N N    . ALA A 1 36  ? 0.312   -15.451 1.129   1.00 0.00 ? 36  ALA E N    1 
ATOM   565  C CA   . ALA A 1 36  ? -0.624  -16.068 0.145   1.00 0.00 ? 36  ALA E CA   1 
ATOM   566  C C    . ALA A 1 36  ? 0.156   -16.496 -1.092  1.00 0.00 ? 36  ALA E C    1 
ATOM   567  O O    . ALA A 1 36  ? 1.316   -16.167 -1.241  1.00 0.00 ? 36  ALA E O    1 
ATOM   568  C CB   . ALA A 1 36  ? -1.669  -15.034 -0.280  1.00 0.00 ? 36  ALA E CB   1 
ATOM   569  H H    . ALA A 1 36  ? 0.468   -14.484 1.114   1.00 0.00 ? 36  ALA E H    1 
ATOM   570  H HA   . ALA A 1 36  ? -1.113  -16.922 0.586   1.00 0.00 ? 36  ALA E HA   1 
ATOM   571  H HB1  . ALA A 1 36  ? -1.716  -14.245 0.454   1.00 0.00 ? 36  ALA E HB1  1 
ATOM   572  H HB2  . ALA A 1 36  ? -1.390  -14.616 -1.244  1.00 0.00 ? 36  ALA E HB2  1 
ATOM   573  H HB3  . ALA A 1 36  ? -2.634  -15.509 -0.361  1.00 0.00 ? 36  ALA E HB3  1 
ATOM   574  N N    . PRO A 1 37  ? -0.521  -17.191 -1.963  1.00 0.00 ? 37  PRO E N    1 
ATOM   575  C CA   . PRO A 1 37  ? 0.062   -17.649 -3.224  1.00 0.00 ? 37  PRO E CA   1 
ATOM   576  C C    . PRO A 1 37  ? 0.119   -16.469 -4.195  1.00 0.00 ? 37  PRO E C    1 
ATOM   577  O O    . PRO A 1 37  ? 0.638   -16.569 -5.289  1.00 0.00 ? 37  PRO E O    1 
ATOM   578  C CB   . PRO A 1 37  ? -0.904  -18.728 -3.706  1.00 0.00 ? 37  PRO E CB   1 
ATOM   579  C CG   . PRO A 1 37  ? -2.245  -18.444 -3.005  1.00 0.00 ? 37  PRO E CG   1 
ATOM   580  C CD   . PRO A 1 37  ? -1.929  -17.578 -1.771  1.00 0.00 ? 37  PRO E CD   1 
ATOM   581  H HA   . PRO A 1 37  ? 1.032   -18.069 -3.064  1.00 0.00 ? 37  PRO E HA   1 
ATOM   582  H HB2  . PRO A 1 37  ? -1.020  -18.668 -4.780  1.00 0.00 ? 37  PRO E HB2  1 
ATOM   583  H HB3  . PRO A 1 37  ? -0.543  -19.704 -3.423  1.00 0.00 ? 37  PRO E HB3  1 
ATOM   584  H HG2  . PRO A 1 37  ? -2.901  -17.914 -3.674  1.00 0.00 ? 37  PRO E HG2  1 
ATOM   585  H HG3  . PRO A 1 37  ? -2.697  -19.369 -2.693  1.00 0.00 ? 37  PRO E HG3  1 
ATOM   586  H HD2  . PRO A 1 37  ? -2.567  -16.706 -1.754  1.00 0.00 ? 37  PRO E HD2  1 
ATOM   587  H HD3  . PRO A 1 37  ? -2.039  -18.151 -0.864  1.00 0.00 ? 37  PRO E HD3  1 
ATOM   588  N N    . GLY A 1 38  ? -0.409  -15.341 -3.786  1.00 0.00 ? 38  GLY E N    1 
ATOM   589  C CA   . GLY A 1 38  ? -0.389  -14.141 -4.656  1.00 0.00 ? 38  GLY E CA   1 
ATOM   590  C C    . GLY A 1 38  ? -1.569  -13.230 -4.312  1.00 0.00 ? 38  GLY E C    1 
ATOM   591  O O    . GLY A 1 38  ? -2.496  -13.077 -5.083  1.00 0.00 ? 38  GLY E O    1 
ATOM   592  H H    . GLY A 1 38  ? -0.814  -15.284 -2.897  1.00 0.00 ? 38  GLY E H    1 
ATOM   593  H HA2  . GLY A 1 38  ? 0.533   -13.606 -4.492  1.00 0.00 ? 38  GLY E HA2  1 
ATOM   594  H HA3  . GLY A 1 38  ? -0.457  -14.441 -5.689  1.00 0.00 ? 38  GLY E HA3  1 
ATOM   595  N N    . ASP A 1 39  ? -1.533  -12.616 -3.161  1.00 0.00 ? 39  ASP E N    1 
ATOM   596  C CA   . ASP A 1 39  ? -2.644  -11.703 -2.762  1.00 0.00 ? 39  ASP E CA   1 
ATOM   597  C C    . ASP A 1 39  ? -2.112  -10.269 -2.707  1.00 0.00 ? 39  ASP E C    1 
ATOM   598  O O    . ASP A 1 39  ? -1.312  -9.921  -1.862  1.00 0.00 ? 39  ASP E O    1 
ATOM   599  C CB   . ASP A 1 39  ? -3.180  -12.110 -1.387  1.00 0.00 ? 39  ASP E CB   1 
ATOM   600  C CG   . ASP A 1 39  ? -4.568  -12.734 -1.547  1.00 0.00 ? 39  ASP E CG   1 
ATOM   601  O OD1  . ASP A 1 39  ? -5.449  -12.049 -2.041  1.00 0.00 ? 39  ASP E OD1  1 
ATOM   602  O OD2  . ASP A 1 39  ? -4.725  -13.885 -1.176  1.00 0.00 ? 39  ASP E OD2  1 
ATOM   603  H H    . ASP A 1 39  ? -0.771  -12.750 -2.563  1.00 0.00 ? 39  ASP E H    1 
ATOM   604  H HA   . ASP A 1 39  ? -3.438  -11.763 -3.492  1.00 0.00 ? 39  ASP E HA   1 
ATOM   605  H HB2  . ASP A 1 39  ? -2.512  -12.830 -0.939  1.00 0.00 ? 39  ASP E HB2  1 
ATOM   606  H HB3  . ASP A 1 39  ? -3.251  -11.239 -0.753  1.00 0.00 ? 39  ASP E HB3  1 
ATOM   607  N N    . PHE A 1 40  ? -2.539  -9.437  -3.612  1.00 0.00 ? 40  PHE E N    1 
ATOM   608  C CA   . PHE A 1 40  ? -2.043  -8.032  -3.622  1.00 0.00 ? 40  PHE E CA   1 
ATOM   609  C C    . PHE A 1 40  ? -2.348  -7.346  -2.292  1.00 0.00 ? 40  PHE E C    1 
ATOM   610  O O    . PHE A 1 40  ? -3.244  -7.729  -1.565  1.00 0.00 ? 40  PHE E O    1 
ATOM   611  C CB   . PHE A 1 40  ? -2.722  -7.255  -4.753  1.00 0.00 ? 40  PHE E CB   1 
ATOM   612  C CG   . PHE A 1 40  ? -2.050  -7.578  -6.066  1.00 0.00 ? 40  PHE E CG   1 
ATOM   613  C CD1  . PHE A 1 40  ? -0.653  -7.582  -6.157  1.00 0.00 ? 40  PHE E CD1  1 
ATOM   614  C CD2  . PHE A 1 40  ? -2.826  -7.873  -7.192  1.00 0.00 ? 40  PHE E CD2  1 
ATOM   615  C CE1  . PHE A 1 40  ? -0.032  -7.881  -7.376  1.00 0.00 ? 40  PHE E CE1  1 
ATOM   616  C CE2  . PHE A 1 40  ? -2.206  -8.172  -8.411  1.00 0.00 ? 40  PHE E CE2  1 
ATOM   617  C CZ   . PHE A 1 40  ? -0.809  -8.176  -8.503  1.00 0.00 ? 40  PHE E CZ   1 
ATOM   618  H H    . PHE A 1 40  ? -3.175  -9.738  -4.294  1.00 0.00 ? 40  PHE E H    1 
ATOM   619  H HA   . PHE A 1 40  ? -0.973  -8.036  -3.780  1.00 0.00 ? 40  PHE E HA   1 
ATOM   620  H HB2  . PHE A 1 40  ? -3.766  -7.530  -4.803  1.00 0.00 ? 40  PHE E HB2  1 
ATOM   621  H HB3  . PHE A 1 40  ? -2.642  -6.196  -4.559  1.00 0.00 ? 40  PHE E HB3  1 
ATOM   622  H HD1  . PHE A 1 40  ? -0.053  -7.355  -5.288  1.00 0.00 ? 40  PHE E HD1  1 
ATOM   623  H HD2  . PHE A 1 40  ? -3.904  -7.871  -7.121  1.00 0.00 ? 40  PHE E HD2  1 
ATOM   624  H HE1  . PHE A 1 40  ? 1.046   -7.883  -7.447  1.00 0.00 ? 40  PHE E HE1  1 
ATOM   625  H HE2  . PHE A 1 40  ? -2.805  -8.399  -9.280  1.00 0.00 ? 40  PHE E HE2  1 
ATOM   626  H HZ   . PHE A 1 40  ? -0.331  -8.406  -9.443  1.00 0.00 ? 40  PHE E HZ   1 
ATOM   627  N N    . SER A 1 41  ? -1.607  -6.318  -1.989  1.00 0.00 ? 41  SER E N    1 
ATOM   628  C CA   . SER A 1 41  ? -1.826  -5.563  -0.720  1.00 0.00 ? 41  SER E CA   1 
ATOM   629  C C    . SER A 1 41  ? -0.966  -4.302  -0.781  1.00 0.00 ? 41  SER E C    1 
ATOM   630  O O    . SER A 1 41  ? -0.303  -4.059  -1.768  1.00 0.00 ? 41  SER E O    1 
ATOM   631  C CB   . SER A 1 41  ? -1.386  -6.420  0.467   1.00 0.00 ? 41  SER E CB   1 
ATOM   632  O OG   . SER A 1 41  ? -1.850  -7.752  0.288   1.00 0.00 ? 41  SER E OG   1 
ATOM   633  H H    . SER A 1 41  ? -0.896  -6.032  -2.611  1.00 0.00 ? 41  SER E H    1 
ATOM   634  H HA   . SER A 1 41  ? -2.870  -5.299  -0.619  1.00 0.00 ? 41  SER E HA   1 
ATOM   635  H HB2  . SER A 1 41  ? -0.312  -6.425  0.528   1.00 0.00 ? 41  SER E HB2  1 
ATOM   636  H HB3  . SER A 1 41  ? -1.795  -6.004  1.379   1.00 0.00 ? 41  SER E HB3  1 
ATOM   637  H HG   . SER A 1 41  ? -1.148  -8.349  0.558   1.00 0.00 ? 41  SER E HG   1 
ATOM   638  N N    . LEU A 1 42  ? -0.953  -3.490  0.242   1.00 0.00 ? 42  LEU E N    1 
ATOM   639  C CA   . LEU A 1 42  ? -0.092  -2.271  0.168   1.00 0.00 ? 42  LEU E CA   1 
ATOM   640  C C    . LEU A 1 42  ? 0.166   -1.687  1.550   1.00 0.00 ? 42  LEU E C    1 
ATOM   641  O O    . LEU A 1 42  ? -0.729  -1.502  2.330   1.00 0.00 ? 42  LEU E O    1 
ATOM   642  C CB   . LEU A 1 42  ? -0.758  -1.226  -0.725  1.00 0.00 ? 42  LEU E CB   1 
ATOM   643  C CG   . LEU A 1 42  ? -1.027  0.073   0.046   1.00 0.00 ? 42  LEU E CG   1 
ATOM   644  C CD1  . LEU A 1 42  ? 0.288   0.813   0.293   1.00 0.00 ? 42  LEU E CD1  1 
ATOM   645  C CD2  . LEU A 1 42  ? -1.945  0.965   -0.788  1.00 0.00 ? 42  LEU E CD2  1 
ATOM   646  H H    . LEU A 1 42  ? -1.495  -3.679  1.041   1.00 0.00 ? 42  LEU E H    1 
ATOM   647  H HA   . LEU A 1 42  ? 0.854   -2.544  -0.270  1.00 0.00 ? 42  LEU E HA   1 
ATOM   648  H HB2  . LEU A 1 42  ? -0.103  -1.014  -1.547  1.00 0.00 ? 42  LEU E HB2  1 
ATOM   649  H HB3  . LEU A 1 42  ? -1.688  -1.621  -1.101  1.00 0.00 ? 42  LEU E HB3  1 
ATOM   650  H HG   . LEU A 1 42  ? -1.498  -0.148  0.992   1.00 0.00 ? 42  LEU E HG   1 
ATOM   651  H HD11 . LEU A 1 42  ? 1.109   0.115   0.250   1.00 0.00 ? 42  LEU E HD11 1 
ATOM   652  H HD12 . LEU A 1 42  ? 0.419   1.571   -0.465  1.00 0.00 ? 42  LEU E HD12 1 
ATOM   653  H HD13 . LEU A 1 42  ? 0.262   1.280   1.266   1.00 0.00 ? 42  LEU E HD13 1 
ATOM   654  H HD21 . LEU A 1 42  ? -1.495  1.143   -1.753  1.00 0.00 ? 42  LEU E HD21 1 
ATOM   655  H HD22 . LEU A 1 42  ? -2.898  0.475   -0.922  1.00 0.00 ? 42  LEU E HD22 1 
ATOM   656  H HD23 . LEU A 1 42  ? -2.093  1.907   -0.280  1.00 0.00 ? 42  LEU E HD23 1 
ATOM   657  N N    . SER A 1 43  ? 1.396   -1.373  1.846   1.00 0.00 ? 43  SER E N    1 
ATOM   658  C CA   . SER A 1 43  ? 1.712   -0.773  3.169   1.00 0.00 ? 43  SER E CA   1 
ATOM   659  C C    . SER A 1 43  ? 1.914   0.729   2.984   1.00 0.00 ? 43  SER E C    1 
ATOM   660  O O    . SER A 1 43  ? 2.345   1.183   1.943   1.00 0.00 ? 43  SER E O    1 
ATOM   661  C CB   . SER A 1 43  ? 2.988   -1.396  3.731   1.00 0.00 ? 43  SER E CB   1 
ATOM   662  O OG   . SER A 1 43  ? 3.011   -2.784  3.422   1.00 0.00 ? 43  SER E OG   1 
ATOM   663  H H    . SER A 1 43  ? 2.109   -1.516  1.191   1.00 0.00 ? 43  SER E H    1 
ATOM   664  H HA   . SER A 1 43  ? 0.892   -0.948  3.851   1.00 0.00 ? 43  SER E HA   1 
ATOM   665  H HB2  . SER A 1 43  ? 3.847   -0.920  3.288   1.00 0.00 ? 43  SER E HB2  1 
ATOM   666  H HB3  . SER A 1 43  ? 3.014   -1.254  4.803   1.00 0.00 ? 43  SER E HB3  1 
ATOM   667  H HG   . SER A 1 43  ? 2.115   -3.056  3.210   1.00 0.00 ? 43  SER E HG   1 
ATOM   668  N N    . VAL A 1 44  ? 1.602   1.508   3.977   1.00 0.00 ? 44  VAL E N    1 
ATOM   669  C CA   . VAL A 1 44  ? 1.768   2.978   3.852   1.00 0.00 ? 44  VAL E CA   1 
ATOM   670  C C    . VAL A 1 44  ? 1.954   3.577   5.236   1.00 0.00 ? 44  VAL E C    1 
ATOM   671  O O    . VAL A 1 44  ? 1.393   3.123   6.212   1.00 0.00 ? 44  VAL E O    1 
ATOM   672  C CB   . VAL A 1 44  ? 0.527   3.562   3.185   1.00 0.00 ? 44  VAL E CB   1 
ATOM   673  C CG1  . VAL A 1 44  ? -0.709  3.131   3.962   1.00 0.00 ? 44  VAL E CG1  1 
ATOM   674  C CG2  . VAL A 1 44  ? 0.601   5.093   3.164   1.00 0.00 ? 44  VAL E CG2  1 
ATOM   675  H H    . VAL A 1 44  ? 1.252   1.126   4.801   1.00 0.00 ? 44  VAL E H    1 
ATOM   676  H HA   . VAL A 1 44  ? 2.643   3.197   3.253   1.00 0.00 ? 44  VAL E HA   1 
ATOM   677  H HB   . VAL A 1 44  ? 0.460   3.187   2.177   1.00 0.00 ? 44  VAL E HB   1 
ATOM   678  H HG11 . VAL A 1 44  ? -0.412  2.758   4.930   1.00 0.00 ? 44  VAL E HG11 1 
ATOM   679  H HG12 . VAL A 1 44  ? -1.360  3.981   4.090   1.00 0.00 ? 44  VAL E HG12 1 
ATOM   680  H HG13 . VAL A 1 44  ? -1.226  2.351   3.415   1.00 0.00 ? 44  VAL E HG13 1 
ATOM   681  H HG21 . VAL A 1 44  ? 1.489   5.407   2.645   1.00 0.00 ? 44  VAL E HG21 1 
ATOM   682  H HG22 . VAL A 1 44  ? -0.267  5.485   2.654   1.00 0.00 ? 44  VAL E HG22 1 
ATOM   683  H HG23 . VAL A 1 44  ? 0.622   5.472   4.176   1.00 0.00 ? 44  VAL E HG23 1 
ATOM   684  N N    . LYS A 1 45  ? 2.769   4.577   5.320   1.00 0.00 ? 45  LYS E N    1 
ATOM   685  C CA   . LYS A 1 45  ? 3.053   5.213   6.628   1.00 0.00 ? 45  LYS E CA   1 
ATOM   686  C C    . LYS A 1 45  ? 2.050   6.337   6.922   1.00 0.00 ? 45  LYS E C    1 
ATOM   687  O O    . LYS A 1 45  ? 2.062   7.373   6.285   1.00 0.00 ? 45  LYS E O    1 
ATOM   688  C CB   . LYS A 1 45  ? 4.461   5.780   6.555   1.00 0.00 ? 45  LYS E CB   1 
ATOM   689  C CG   . LYS A 1 45  ? 4.947   6.121   7.962   1.00 0.00 ? 45  LYS E CG   1 
ATOM   690  C CD   . LYS A 1 45  ? 5.363   7.587   8.004   1.00 0.00 ? 45  LYS E CD   1 
ATOM   691  C CE   . LYS A 1 45  ? 6.829   7.718   7.617   1.00 0.00 ? 45  LYS E CE   1 
ATOM   692  N NZ   . LYS A 1 45  ? 7.535   8.543   8.637   1.00 0.00 ? 45  LYS E NZ   1 
ATOM   693  H H    . LYS A 1 45  ? 3.225   4.898   4.514   1.00 0.00 ? 45  LYS E H    1 
ATOM   694  H HA   . LYS A 1 45  ? 3.006   4.472   7.412   1.00 0.00 ? 45  LYS E HA   1 
ATOM   695  H HB2  . LYS A 1 45  ? 5.113   5.042   6.109   1.00 0.00 ? 45  LYS E HB2  1 
ATOM   696  H HB3  . LYS A 1 45  ? 4.459   6.673   5.943   1.00 0.00 ? 45  LYS E HB3  1 
ATOM   697  H HG2  . LYS A 1 45  ? 4.148   5.952   8.669   1.00 0.00 ? 45  LYS E HG2  1 
ATOM   698  H HG3  . LYS A 1 45  ? 5.793   5.499   8.213   1.00 0.00 ? 45  LYS E HG3  1 
ATOM   699  H HD2  . LYS A 1 45  ? 4.763   8.145   7.306   1.00 0.00 ? 45  LYS E HD2  1 
ATOM   700  H HD3  . LYS A 1 45  ? 5.218   7.976   8.998   1.00 0.00 ? 45  LYS E HD3  1 
ATOM   701  H HE2  . LYS A 1 45  ? 7.280   6.734   7.569   1.00 0.00 ? 45  LYS E HE2  1 
ATOM   702  H HE3  . LYS A 1 45  ? 6.896   8.201   6.650   1.00 0.00 ? 45  LYS E HE3  1 
ATOM   703  H HZ1  . LYS A 1 45  ? 7.326   8.175   9.587   1.00 0.00 ? 45  LYS E HZ1  1 
ATOM   704  H HZ2  . LYS A 1 45  ? 8.560   8.503   8.467   1.00 0.00 ? 45  LYS E HZ2  1 
ATOM   705  H HZ3  . LYS A 1 45  ? 7.211   9.528   8.572   1.00 0.00 ? 45  LYS E HZ3  1 
ATOM   706  N N    . PHE A 1 46  ? 1.195   6.146   7.898   1.00 0.00 ? 46  PHE E N    1 
ATOM   707  C CA   . PHE A 1 46  ? 0.203   7.209   8.248   1.00 0.00 ? 46  PHE E CA   1 
ATOM   708  C C    . PHE A 1 46  ? 0.526   7.776   9.629   1.00 0.00 ? 46  PHE E C    1 
ATOM   709  O O    . PHE A 1 46  ? 0.122   7.245   10.645  1.00 0.00 ? 46  PHE E O    1 
ATOM   710  C CB   . PHE A 1 46  ? -1.214  6.631   8.271   1.00 0.00 ? 46  PHE E CB   1 
ATOM   711  C CG   . PHE A 1 46  ? -1.707  6.392   6.864   1.00 0.00 ? 46  PHE E CG   1 
ATOM   712  C CD1  . PHE A 1 46  ? -0.938  6.795   5.770   1.00 0.00 ? 46  PHE E CD1  1 
ATOM   713  C CD2  . PHE A 1 46  ? -2.942  5.766   6.658   1.00 0.00 ? 46  PHE E CD2  1 
ATOM   714  C CE1  . PHE A 1 46  ? -1.404  6.573   4.470   1.00 0.00 ? 46  PHE E CE1  1 
ATOM   715  C CE2  . PHE A 1 46  ? -3.407  5.542   5.355   1.00 0.00 ? 46  PHE E CE2  1 
ATOM   716  C CZ   . PHE A 1 46  ? -2.635  5.948   4.261   1.00 0.00 ? 46  PHE E CZ   1 
ATOM   717  H H    . PHE A 1 46  ? 1.214   5.310   8.407   1.00 0.00 ? 46  PHE E H    1 
ATOM   718  H HA   . PHE A 1 46  ? 0.257   8.006   7.524   1.00 0.00 ? 46  PHE E HA   1 
ATOM   719  H HB2  . PHE A 1 46  ? -1.215  5.699   8.813   1.00 0.00 ? 46  PHE E HB2  1 
ATOM   720  H HB3  . PHE A 1 46  ? -1.872  7.334   8.760   1.00 0.00 ? 46  PHE E HB3  1 
ATOM   721  H HD1  . PHE A 1 46  ? 0.014   7.286   5.926   1.00 0.00 ? 46  PHE E HD1  1 
ATOM   722  H HD2  . PHE A 1 46  ? -3.537  5.454   7.504   1.00 0.00 ? 46  PHE E HD2  1 
ATOM   723  H HE1  . PHE A 1 46  ? -0.812  6.892   3.628   1.00 0.00 ? 46  PHE E HE1  1 
ATOM   724  H HE2  . PHE A 1 46  ? -4.360  5.057   5.196   1.00 0.00 ? 46  PHE E HE2  1 
ATOM   725  H HZ   . PHE A 1 46  ? -2.991  5.784   3.251   1.00 0.00 ? 46  PHE E HZ   1 
ATOM   726  N N    . GLY A 1 47  ? 1.253   8.853   9.668   1.00 0.00 ? 47  GLY E N    1 
ATOM   727  C CA   . GLY A 1 47  ? 1.614   9.475   10.973  1.00 0.00 ? 47  GLY E CA   1 
ATOM   728  C C    . GLY A 1 47  ? 2.981   8.961   11.406  1.00 0.00 ? 47  GLY E C    1 
ATOM   729  O O    . GLY A 1 47  ? 3.774   9.680   11.981  1.00 0.00 ? 47  GLY E O    1 
ATOM   730  H H    . GLY A 1 47  ? 1.563   9.252   8.832   1.00 0.00 ? 47  GLY E H    1 
ATOM   731  H HA2  . GLY A 1 47  ? 1.647   10.550  10.863  1.00 0.00 ? 47  GLY E HA2  1 
ATOM   732  H HA3  . GLY A 1 47  ? 0.878   9.209   11.717  1.00 0.00 ? 47  GLY E HA3  1 
ATOM   733  N N    . ASN A 1 48  ? 3.257   7.718   11.122  1.00 0.00 ? 48  ASN E N    1 
ATOM   734  C CA   . ASN A 1 48  ? 4.569   7.122   11.498  1.00 0.00 ? 48  ASN E CA   1 
ATOM   735  C C    . ASN A 1 48  ? 4.426   5.607   11.545  1.00 0.00 ? 48  ASN E C    1 
ATOM   736  O O    . ASN A 1 48  ? 5.380   4.870   11.394  1.00 0.00 ? 48  ASN E O    1 
ATOM   737  C CB   . ASN A 1 48  ? 5.009   7.644   12.864  1.00 0.00 ? 48  ASN E CB   1 
ATOM   738  C CG   . ASN A 1 48  ? 6.069   6.710   13.450  1.00 0.00 ? 48  ASN E CG   1 
ATOM   739  O OD1  . ASN A 1 48  ? 6.872   6.154   12.727  1.00 0.00 ? 48  ASN E OD1  1 
ATOM   740  N ND2  . ASN A 1 48  ? 6.108   6.513   14.739  1.00 0.00 ? 48  ASN E ND2  1 
ATOM   741  H H    . ASN A 1 48  ? 2.594   7.172   10.650  1.00 0.00 ? 48  ASN E H    1 
ATOM   742  H HA   . ASN A 1 48  ? 5.298   7.382   10.758  1.00 0.00 ? 48  ASN E HA   1 
ATOM   743  H HB2  . ASN A 1 48  ? 5.421   8.637   12.750  1.00 0.00 ? 48  ASN E HB2  1 
ATOM   744  H HB3  . ASN A 1 48  ? 4.158   7.682   13.525  1.00 0.00 ? 48  ASN E HB3  1 
ATOM   745  H HD21 . ASN A 1 48  ? 5.462   6.960   15.324  1.00 0.00 ? 48  ASN E HD21 1 
ATOM   746  H HD22 . ASN A 1 48  ? 6.783   5.914   15.122  1.00 0.00 ? 48  ASN E HD22 1 
ATOM   747  N N    . ASP A 1 49  ? 3.229   5.144   11.733  1.00 0.00 ? 49  ASP E N    1 
ATOM   748  C CA   . ASP A 1 49  ? 2.990   3.676   11.769  1.00 0.00 ? 49  ASP E CA   1 
ATOM   749  C C    . ASP A 1 49  ? 2.803   3.191   10.343  1.00 0.00 ? 49  ASP E C    1 
ATOM   750  O O    . ASP A 1 49  ? 2.734   3.977   9.421   1.00 0.00 ? 49  ASP E O    1 
ATOM   751  C CB   . ASP A 1 49  ? 1.739   3.368   12.593  1.00 0.00 ? 49  ASP E CB   1 
ATOM   752  C CG   . ASP A 1 49  ? 2.150   2.849   13.971  1.00 0.00 ? 49  ASP E CG   1 
ATOM   753  O OD1  . ASP A 1 49  ? 3.297   2.461   14.118  1.00 0.00 ? 49  ASP E OD1  1 
ATOM   754  O OD2  . ASP A 1 49  ? 1.311   2.847   14.856  1.00 0.00 ? 49  ASP E OD2  1 
ATOM   755  H H    . ASP A 1 49  ? 2.485   5.766   11.833  1.00 0.00 ? 49  ASP E H    1 
ATOM   756  H HA   . ASP A 1 49  ? 3.843   3.179   12.194  1.00 0.00 ? 49  ASP E HA   1 
ATOM   757  H HB2  . ASP A 1 49  ? 1.151   4.268   12.706  1.00 0.00 ? 49  ASP E HB2  1 
ATOM   758  H HB3  . ASP A 1 49  ? 1.151   2.616   12.087  1.00 0.00 ? 49  ASP E HB3  1 
ATOM   759  N N    . VAL A 1 50  ? 2.740   1.911   10.138  1.00 0.00 ? 50  VAL E N    1 
ATOM   760  C CA   . VAL A 1 50  ? 2.580   1.428   8.750   1.00 0.00 ? 50  VAL E CA   1 
ATOM   761  C C    . VAL A 1 50  ? 1.297   0.609   8.597   1.00 0.00 ? 50  VAL E C    1 
ATOM   762  O O    . VAL A 1 50  ? 1.262   -0.577  8.861   1.00 0.00 ? 50  VAL E O    1 
ATOM   763  C CB   . VAL A 1 50  ? 3.784   0.576   8.364   1.00 0.00 ? 50  VAL E CB   1 
ATOM   764  C CG1  . VAL A 1 50  ? 3.674   0.205   6.885   1.00 0.00 ? 50  VAL E CG1  1 
ATOM   765  C CG2  . VAL A 1 50  ? 5.071   1.378   8.604   1.00 0.00 ? 50  VAL E CG2  1 
ATOM   766  H H    . VAL A 1 50  ? 2.810   1.279   10.884  1.00 0.00 ? 50  VAL E H    1 
ATOM   767  H HA   . VAL A 1 50  ? 2.534   2.283   8.097   1.00 0.00 ? 50  VAL E HA   1 
ATOM   768  H HB   . VAL A 1 50  ? 3.798   -0.323  8.962   1.00 0.00 ? 50  VAL E HB   1 
ATOM   769  H HG11 . VAL A 1 50  ? 2.803   0.687   6.461   1.00 0.00 ? 50  VAL E HG11 1 
ATOM   770  H HG12 . VAL A 1 50  ? 4.559   0.537   6.364   1.00 0.00 ? 50  VAL E HG12 1 
ATOM   771  H HG13 . VAL A 1 50  ? 3.577   -0.867  6.785   1.00 0.00 ? 50  VAL E HG13 1 
ATOM   772  H HG21 . VAL A 1 50  ? 4.847   2.434   8.589   1.00 0.00 ? 50  VAL E HG21 1 
ATOM   773  H HG22 . VAL A 1 50  ? 5.489   1.114   9.565   1.00 0.00 ? 50  VAL E HG22 1 
ATOM   774  H HG23 . VAL A 1 50  ? 5.787   1.153   7.829   1.00 0.00 ? 50  VAL E HG23 1 
ATOM   775  N N    . GLN A 1 51  ? 0.248   1.235   8.134   1.00 0.00 ? 51  GLN E N    1 
ATOM   776  C CA   . GLN A 1 51  ? -1.033  0.504   7.914   1.00 0.00 ? 51  GLN E CA   1 
ATOM   777  C C    . GLN A 1 51  ? -1.081  0.097   6.452   1.00 0.00 ? 51  GLN E C    1 
ATOM   778  O O    . GLN A 1 51  ? -0.619  0.805   5.586   1.00 0.00 ? 51  GLN E O    1 
ATOM   779  C CB   . GLN A 1 51  ? -2.223  1.409   8.262   1.00 0.00 ? 51  GLN E CB   1 
ATOM   780  C CG   . GLN A 1 51  ? -3.214  1.468   7.093   1.00 0.00 ? 51  GLN E CG   1 
ATOM   781  C CD   . GLN A 1 51  ? -2.785  2.570   6.121   1.00 0.00 ? 51  GLN E CD   1 
ATOM   782  O OE1  . GLN A 1 51  ? -2.006  3.430   6.476   1.00 0.00 ? 51  GLN E OE1  1 
ATOM   783  N NE2  . GLN A 1 51  ? -3.237  2.568   4.896   1.00 0.00 ? 51  GLN E NE2  1 
ATOM   784  H H    . GLN A 1 51  ? 0.315   2.183   7.901   1.00 0.00 ? 51  GLN E H    1 
ATOM   785  H HA   . GLN A 1 51  ? -1.066  -0.382  8.528   1.00 0.00 ? 51  GLN E HA   1 
ATOM   786  H HB2  . GLN A 1 51  ? -2.722  1.014   9.133   1.00 0.00 ? 51  GLN E HB2  1 
ATOM   787  H HB3  . GLN A 1 51  ? -1.864  2.405   8.476   1.00 0.00 ? 51  GLN E HB3  1 
ATOM   788  H HG2  . GLN A 1 51  ? -3.232  0.523   6.587   1.00 0.00 ? 51  GLN E HG2  1 
ATOM   789  H HG3  . GLN A 1 51  ? -4.206  1.685   7.473   1.00 0.00 ? 51  GLN E HG3  1 
ATOM   790  H HE21 . GLN A 1 51  ? -3.836  1.860   4.596   1.00 0.00 ? 51  GLN E HE21 1 
ATOM   791  H HE22 . GLN A 1 51  ? -2.994  3.288   4.281   1.00 0.00 ? 51  GLN E HE22 1 
ATOM   792  N N    . HIS A 1 52  ? -1.622  -1.044  6.162   1.00 0.00 ? 52  HIS E N    1 
ATOM   793  C CA   . HIS A 1 52  ? -1.667  -1.483  4.746   1.00 0.00 ? 52  HIS E CA   1 
ATOM   794  C C    . HIS A 1 52  ? -3.111  -1.748  4.309   1.00 0.00 ? 52  HIS E C    1 
ATOM   795  O O    . HIS A 1 52  ? -3.966  -2.062  5.107   1.00 0.00 ? 52  HIS E O    1 
ATOM   796  C CB   . HIS A 1 52  ? -0.838  -2.762  4.590   1.00 0.00 ? 52  HIS E CB   1 
ATOM   797  C CG   . HIS A 1 52  ? -0.252  -3.150  5.918   1.00 0.00 ? 52  HIS E CG   1 
ATOM   798  N ND1  . HIS A 1 52  ? -1.033  -3.602  6.969   1.00 0.00 ? 52  HIS E ND1  1 
ATOM   799  C CD2  . HIS A 1 52  ? 1.042   -3.173  6.376   1.00 0.00 ? 52  HIS E CD2  1 
ATOM   800  C CE1  . HIS A 1 52  ? -0.210  -3.876  7.997   1.00 0.00 ? 52  HIS E CE1  1 
ATOM   801  N NE2  . HIS A 1 52  ? 1.065   -3.632  7.689   1.00 0.00 ? 52  HIS E NE2  1 
ATOM   802  H H    . HIS A 1 52  ? -1.982  -1.611  6.871   1.00 0.00 ? 52  HIS E H    1 
ATOM   803  H HA   . HIS A 1 52  ? -1.245  -0.707  4.128   1.00 0.00 ? 52  HIS E HA   1 
ATOM   804  H HB2  . HIS A 1 52  ? -1.470  -3.558  4.228   1.00 0.00 ? 52  HIS E HB2  1 
ATOM   805  H HB3  . HIS A 1 52  ? -0.037  -2.591  3.888   1.00 0.00 ? 52  HIS E HB3  1 
ATOM   806  H HD1  . HIS A 1 52  ? -2.009  -3.699  6.965   1.00 0.00 ? 52  HIS E HD1  1 
ATOM   807  H HD2  . HIS A 1 52  ? 1.909   -2.881  5.803   1.00 0.00 ? 52  HIS E HD2  1 
ATOM   808  H HE1  . HIS A 1 52  ? -0.540  -4.258  8.951   1.00 0.00 ? 52  HIS E HE1  1 
ATOM   809  N N    . PHE A 1 53  ? -3.375  -1.626  3.036   1.00 0.00 ? 53  PHE E N    1 
ATOM   810  C CA   . PHE A 1 53  ? -4.739  -1.871  2.499   1.00 0.00 ? 53  PHE E CA   1 
ATOM   811  C C    . PHE A 1 53  ? -4.760  -3.223  1.793   1.00 0.00 ? 53  PHE E C    1 
ATOM   812  O O    . PHE A 1 53  ? -3.841  -3.561  1.073   1.00 0.00 ? 53  PHE E O    1 
ATOM   813  C CB   . PHE A 1 53  ? -5.048  -0.810  1.456   1.00 0.00 ? 53  PHE E CB   1 
ATOM   814  C CG   . PHE A 1 53  ? -5.105  0.560   2.084   1.00 0.00 ? 53  PHE E CG   1 
ATOM   815  C CD1  . PHE A 1 53  ? -6.003  0.828   3.124   1.00 0.00 ? 53  PHE E CD1  1 
ATOM   816  C CD2  . PHE A 1 53  ? -4.264  1.573   1.607   1.00 0.00 ? 53  PHE E CD2  1 
ATOM   817  C CE1  . PHE A 1 53  ? -6.052  2.112   3.684   1.00 0.00 ? 53  PHE E CE1  1 
ATOM   818  C CE2  . PHE A 1 53  ? -4.317  2.853   2.166   1.00 0.00 ? 53  PHE E CE2  1 
ATOM   819  C CZ   . PHE A 1 53  ? -5.211  3.122   3.206   1.00 0.00 ? 53  PHE E CZ   1 
ATOM   820  H H    . PHE A 1 53  ? -2.665  -1.373  2.420   1.00 0.00 ? 53  PHE E H    1 
ATOM   821  H HA   . PHE A 1 53  ? -5.476  -1.844  3.279   1.00 0.00 ? 53  PHE E HA   1 
ATOM   822  H HB2  . PHE A 1 53  ? -4.272  -0.829  0.709   1.00 0.00 ? 53  PHE E HB2  1 
ATOM   823  H HB3  . PHE A 1 53  ? -5.993  -1.032  0.993   1.00 0.00 ? 53  PHE E HB3  1 
ATOM   824  H HD1  . PHE A 1 53  ? -6.655  0.045   3.498   1.00 0.00 ? 53  PHE E HD1  1 
ATOM   825  H HD2  . PHE A 1 53  ? -3.574  1.365   0.806   1.00 0.00 ? 53  PHE E HD2  1 
ATOM   826  H HE1  . PHE A 1 53  ? -6.735  2.323   4.486   1.00 0.00 ? 53  PHE E HE1  1 
ATOM   827  H HE2  . PHE A 1 53  ? -3.666  3.632   1.797   1.00 0.00 ? 53  PHE E HE2  1 
ATOM   828  H HZ   . PHE A 1 53  ? -5.252  4.109   3.641   1.00 0.00 ? 53  PHE E HZ   1 
ATOM   829  N N    . LYS A 1 54  ? -5.805  -3.988  1.944   1.00 0.00 ? 54  LYS E N    1 
ATOM   830  C CA   . LYS A 1 54  ? -5.849  -5.273  1.219   1.00 0.00 ? 54  LYS E CA   1 
ATOM   831  C C    . LYS A 1 54  ? -6.262  -4.983  -0.225  1.00 0.00 ? 54  LYS E C    1 
ATOM   832  O O    . LYS A 1 54  ? -7.199  -4.243  -0.467  1.00 0.00 ? 54  LYS E O    1 
ATOM   833  C CB   . LYS A 1 54  ? -6.883  -6.198  1.861   1.00 0.00 ? 54  LYS E CB   1 
ATOM   834  C CG   . LYS A 1 54  ? -6.721  -7.608  1.292   1.00 0.00 ? 54  LYS E CG   1 
ATOM   835  C CD   . LYS A 1 54  ? -5.545  -8.297  1.981   1.00 0.00 ? 54  LYS E CD   1 
ATOM   836  C CE   . LYS A 1 54  ? -5.215  -9.599  1.252   1.00 0.00 ? 54  LYS E CE   1 
ATOM   837  N NZ   . LYS A 1 54  ? -5.810  -10.748 1.994   1.00 0.00 ? 54  LYS E NZ   1 
ATOM   838  H H    . LYS A 1 54  ? -6.570  -3.708  2.502   1.00 0.00 ? 54  LYS E H    1 
ATOM   839  H HA   . LYS A 1 54  ? -4.872  -5.737  1.236   1.00 0.00 ? 54  LYS E HA   1 
ATOM   840  H HB2  . LYS A 1 54  ? -6.735  -6.219  2.930   1.00 0.00 ? 54  LYS E HB2  1 
ATOM   841  H HB3  . LYS A 1 54  ? -7.876  -5.837  1.642   1.00 0.00 ? 54  LYS E HB3  1 
ATOM   842  H HG2  . LYS A 1 54  ? -7.625  -8.173  1.466   1.00 0.00 ? 54  LYS E HG2  1 
ATOM   843  H HG3  . LYS A 1 54  ? -6.530  -7.549  0.231   1.00 0.00 ? 54  LYS E HG3  1 
ATOM   844  H HD2  . LYS A 1 54  ? -4.683  -7.642  1.961   1.00 0.00 ? 54  LYS E HD2  1 
ATOM   845  H HD3  . LYS A 1 54  ? -5.810  -8.516  3.004   1.00 0.00 ? 54  LYS E HD3  1 
ATOM   846  H HE2  . LYS A 1 54  ? -5.623  -9.567  0.253   1.00 0.00 ? 54  LYS E HE2  1 
ATOM   847  H HE3  . LYS A 1 54  ? -4.143  -9.722  1.200   1.00 0.00 ? 54  LYS E HE3  1 
ATOM   848  H HZ1  . LYS A 1 54  ? -6.185  -10.417 2.904   1.00 0.00 ? 54  LYS E HZ1  1 
ATOM   849  H HZ2  . LYS A 1 54  ? -6.581  -11.162 1.430   1.00 0.00 ? 54  LYS E HZ2  1 
ATOM   850  H HZ3  . LYS A 1 54  ? -5.080  -11.468 2.163   1.00 0.00 ? 54  LYS E HZ3  1 
ATOM   851  N N    . VAL A 1 55  ? -5.570  -5.549  -1.178  1.00 0.00 ? 55  VAL E N    1 
ATOM   852  C CA   . VAL A 1 55  ? -5.917  -5.319  -2.610  1.00 0.00 ? 55  VAL E CA   1 
ATOM   853  C C    . VAL A 1 55  ? -6.776  -6.485  -3.101  1.00 0.00 ? 55  VAL E C    1 
ATOM   854  O O    . VAL A 1 55  ? -6.471  -7.636  -2.859  1.00 0.00 ? 55  VAL E O    1 
ATOM   855  C CB   . VAL A 1 55  ? -4.638  -5.241  -3.443  1.00 0.00 ? 55  VAL E CB   1 
ATOM   856  C CG1  . VAL A 1 55  ? -4.993  -5.236  -4.930  1.00 0.00 ? 55  VAL E CG1  1 
ATOM   857  C CG2  . VAL A 1 55  ? -3.877  -3.960  -3.096  1.00 0.00 ? 55  VAL E CG2  1 
ATOM   858  H H    . VAL A 1 55  ? -4.819  -6.129  -0.951  1.00 0.00 ? 55  VAL E H    1 
ATOM   859  H HA   . VAL A 1 55  ? -6.467  -4.400  -2.709  1.00 0.00 ? 55  VAL E HA   1 
ATOM   860  H HB   . VAL A 1 55  ? -4.023  -6.097  -3.226  1.00 0.00 ? 55  VAL E HB   1 
ATOM   861  H HG11 . VAL A 1 55  ? -5.746  -4.484  -5.118  1.00 0.00 ? 55  VAL E HG11 1 
ATOM   862  H HG12 . VAL A 1 55  ? -4.110  -5.013  -5.509  1.00 0.00 ? 55  VAL E HG12 1 
ATOM   863  H HG13 . VAL A 1 55  ? -5.374  -6.206  -5.213  1.00 0.00 ? 55  VAL E HG13 1 
ATOM   864  H HG21 . VAL A 1 55  ? -4.089  -3.679  -2.075  1.00 0.00 ? 55  VAL E HG21 1 
ATOM   865  H HG22 . VAL A 1 55  ? -2.816  -4.130  -3.209  1.00 0.00 ? 55  VAL E HG22 1 
ATOM   866  H HG23 . VAL A 1 55  ? -4.187  -3.167  -3.760  1.00 0.00 ? 55  VAL E HG23 1 
ATOM   867  N N    . LEU A 1 56  ? -7.850  -6.198  -3.778  1.00 0.00 ? 56  LEU E N    1 
ATOM   868  C CA   . LEU A 1 56  ? -8.733  -7.285  -4.271  1.00 0.00 ? 56  LEU E CA   1 
ATOM   869  C C    . LEU A 1 56  ? -8.916  -7.151  -5.782  1.00 0.00 ? 56  LEU E C    1 
ATOM   870  O O    . LEU A 1 56  ? -8.478  -6.194  -6.390  1.00 0.00 ? 56  LEU E O    1 
ATOM   871  C CB   . LEU A 1 56  ? -10.096 -7.165  -3.592  1.00 0.00 ? 56  LEU E CB   1 
ATOM   872  C CG   . LEU A 1 56  ? -9.983  -6.240  -2.379  1.00 0.00 ? 56  LEU E CG   1 
ATOM   873  C CD1  . LEU A 1 56  ? -11.360 -6.070  -1.735  1.00 0.00 ? 56  LEU E CD1  1 
ATOM   874  C CD2  . LEU A 1 56  ? -9.018  -6.850  -1.360  1.00 0.00 ? 56  LEU E CD2  1 
ATOM   875  H H    . LEU A 1 56  ? -8.080  -5.268  -3.956  1.00 0.00 ? 56  LEU E H    1 
ATOM   876  H HA   . LEU A 1 56  ? -8.296  -8.245  -4.040  1.00 0.00 ? 56  LEU E HA   1 
ATOM   877  H HB2  . LEU A 1 56  ? -10.805 -6.752  -4.293  1.00 0.00 ? 56  LEU E HB2  1 
ATOM   878  H HB3  . LEU A 1 56  ? -10.428 -8.141  -3.271  1.00 0.00 ? 56  LEU E HB3  1 
ATOM   879  H HG   . LEU A 1 56  ? -9.613  -5.275  -2.696  1.00 0.00 ? 56  LEU E HG   1 
ATOM   880  H HD11 . LEU A 1 56  ? -11.875 -7.019  -1.727  1.00 0.00 ? 56  LEU E HD11 1 
ATOM   881  H HD12 . LEU A 1 56  ? -11.243 -5.716  -0.720  1.00 0.00 ? 56  LEU E HD12 1 
ATOM   882  H HD13 . LEU A 1 56  ? -11.936 -5.353  -2.302  1.00 0.00 ? 56  LEU E HD13 1 
ATOM   883  H HD21 . LEU A 1 56  ? -8.669  -7.806  -1.722  1.00 0.00 ? 56  LEU E HD21 1 
ATOM   884  H HD22 . LEU A 1 56  ? -8.175  -6.189  -1.222  1.00 0.00 ? 56  LEU E HD22 1 
ATOM   885  H HD23 . LEU A 1 56  ? -9.527  -6.986  -0.417  1.00 0.00 ? 56  LEU E HD23 1 
ATOM   886  N N    . ARG A 1 57  ? -9.570  -8.101  -6.390  1.00 0.00 ? 57  ARG E N    1 
ATOM   887  C CA   . ARG A 1 57  ? -9.793  -8.030  -7.859  1.00 0.00 ? 57  ARG E CA   1 
ATOM   888  C C    . ARG A 1 57  ? -11.290 -8.147  -8.147  1.00 0.00 ? 57  ARG E C    1 
ATOM   889  O O    . ARG A 1 57  ? -11.987 -8.935  -7.541  1.00 0.00 ? 57  ARG E O    1 
ATOM   890  C CB   . ARG A 1 57  ? -9.052  -9.177  -8.545  1.00 0.00 ? 57  ARG E CB   1 
ATOM   891  C CG   . ARG A 1 57  ? -8.678  -8.759  -9.966  1.00 0.00 ? 57  ARG E CG   1 
ATOM   892  C CD   . ARG A 1 57  ? -7.203  -8.365  -10.008 1.00 0.00 ? 57  ARG E CD   1 
ATOM   893  N NE   . ARG A 1 57  ? -6.364  -9.536  -9.626  1.00 0.00 ? 57  ARG E NE   1 
ATOM   894  C CZ   . ARG A 1 57  ? -6.228  -10.540 -10.449 1.00 0.00 ? 57  ARG E CZ   1 
ATOM   895  N NH1  . ARG A 1 57  ? -6.736  -10.477 -11.651 1.00 0.00 ? 57  ARG E NH1  1 
ATOM   896  N NH2  . ARG A 1 57  ? -5.584  -11.609 -10.068 1.00 0.00 ? 57  ARG E NH2  1 
ATOM   897  H H    . ARG A 1 57  ? -9.921  -8.859  -5.878  1.00 0.00 ? 57  ARG E H    1 
ATOM   898  H HA   . ARG A 1 57  ? -9.425  -7.087  -8.235  1.00 0.00 ? 57  ARG E HA   1 
ATOM   899  H HB2  . ARG A 1 57  ? -8.156  -9.412  -7.989  1.00 0.00 ? 57  ARG E HB2  1 
ATOM   900  H HB3  . ARG A 1 57  ? -9.690  -10.047 -8.584  1.00 0.00 ? 57  ARG E HB3  1 
ATOM   901  H HG2  . ARG A 1 57  ? -8.852  -9.583  -10.643 1.00 0.00 ? 57  ARG E HG2  1 
ATOM   902  H HG3  . ARG A 1 57  ? -9.281  -7.914  -10.263 1.00 0.00 ? 57  ARG E HG3  1 
ATOM   903  H HD2  . ARG A 1 57  ? -6.943  -8.046  -11.006 1.00 0.00 ? 57  ARG E HD2  1 
ATOM   904  H HD3  . ARG A 1 57  ? -7.028  -7.555  -9.315  1.00 0.00 ? 57  ARG E HD3  1 
ATOM   905  H HE   . ARG A 1 57  ? -5.913  -9.551  -8.756  1.00 0.00 ? 57  ARG E HE   1 
ATOM   906  H HH11 . ARG A 1 57  ? -7.228  -9.658  -11.945 1.00 0.00 ? 57  ARG E HH11 1 
ATOM   907  H HH12 . ARG A 1 57  ? -6.630  -11.249 -12.278 1.00 0.00 ? 57  ARG E HH12 1 
ATOM   908  H HH21 . ARG A 1 57  ? -5.194  -11.656 -9.148  1.00 0.00 ? 57  ARG E HH21 1 
ATOM   909  H HH22 . ARG A 1 57  ? -5.481  -12.381 -10.695 1.00 0.00 ? 57  ARG E HH22 1 
ATOM   910  N N    . ASP A 1 58  ? -11.792 -7.367  -9.065  1.00 0.00 ? 58  ASP E N    1 
ATOM   911  C CA   . ASP A 1 58  ? -13.247 -7.435  -9.384  1.00 0.00 ? 58  ASP E CA   1 
ATOM   912  C C    . ASP A 1 58  ? -13.544 -8.714  -10.171 1.00 0.00 ? 58  ASP E C    1 
ATOM   913  O O    . ASP A 1 58  ? -14.671 -8.978  -10.538 1.00 0.00 ? 58  ASP E O    1 
ATOM   914  C CB   . ASP A 1 58  ? -13.640 -6.218  -10.222 1.00 0.00 ? 58  ASP E CB   1 
ATOM   915  C CG   . ASP A 1 58  ? -15.138 -5.954  -10.065 1.00 0.00 ? 58  ASP E CG   1 
ATOM   916  O OD1  . ASP A 1 58  ? -15.660 -6.233  -8.998  1.00 0.00 ? 58  ASP E OD1  1 
ATOM   917  O OD2  . ASP A 1 58  ? -15.738 -5.478  -11.014 1.00 0.00 ? 58  ASP E OD2  1 
ATOM   918  H H    . ASP A 1 58  ? -11.214 -6.734  -9.542  1.00 0.00 ? 58  ASP E H    1 
ATOM   919  H HA   . ASP A 1 58  ? -13.816 -7.438  -8.466  1.00 0.00 ? 58  ASP E HA   1 
ATOM   920  H HB2  . ASP A 1 58  ? -13.084 -5.355  -9.886  1.00 0.00 ? 58  ASP E HB2  1 
ATOM   921  H HB3  . ASP A 1 58  ? -13.416 -6.409  -11.261 1.00 0.00 ? 58  ASP E HB3  1 
ATOM   922  N N    . GLY A 1 59  ? -12.544 -9.508  -10.440 1.00 0.00 ? 59  GLY E N    1 
ATOM   923  C CA   . GLY A 1 59  ? -12.778 -10.764 -11.207 1.00 0.00 ? 59  GLY E CA   1 
ATOM   924  C C    . GLY A 1 59  ? -12.630 -10.477 -12.702 1.00 0.00 ? 59  GLY E C    1 
ATOM   925  O O    . GLY A 1 59  ? -12.669 -11.371 -13.523 1.00 0.00 ? 59  GLY E O    1 
ATOM   926  H H    . GLY A 1 59  ? -11.641 -9.280  -10.141 1.00 0.00 ? 59  GLY E H    1 
ATOM   927  H HA2  . GLY A 1 59  ? -12.056 -11.509 -10.907 1.00 0.00 ? 59  GLY E HA2  1 
ATOM   928  H HA3  . GLY A 1 59  ? -13.776 -11.125 -11.010 1.00 0.00 ? 59  GLY E HA3  1 
ATOM   929  N N    . ALA A 1 60  ? -12.458 -9.234  -13.061 1.00 0.00 ? 60  ALA E N    1 
ATOM   930  C CA   . ALA A 1 60  ? -12.303 -8.887  -14.501 1.00 0.00 ? 60  ALA E CA   1 
ATOM   931  C C    . ALA A 1 60  ? -10.897 -8.333  -14.735 1.00 0.00 ? 60  ALA E C    1 
ATOM   932  O O    . ALA A 1 60  ? -10.413 -8.292  -15.849 1.00 0.00 ? 60  ALA E O    1 
ATOM   933  C CB   . ALA A 1 60  ? -13.340 -7.832  -14.886 1.00 0.00 ? 60  ALA E CB   1 
ATOM   934  H H    . ALA A 1 60  ? -12.426 -8.527  -12.384 1.00 0.00 ? 60  ALA E H    1 
ATOM   935  H HA   . ALA A 1 60  ? -12.448 -9.773  -15.102 1.00 0.00 ? 60  ALA E HA   1 
ATOM   936  H HB1  . ALA A 1 60  ? -13.953 -7.598  -14.028 1.00 0.00 ? 60  ALA E HB1  1 
ATOM   937  H HB2  . ALA A 1 60  ? -12.837 -6.938  -15.225 1.00 0.00 ? 60  ALA E HB2  1 
ATOM   938  H HB3  . ALA A 1 60  ? -13.966 -8.214  -15.680 1.00 0.00 ? 60  ALA E HB3  1 
ATOM   939  N N    . GLY A 1 61  ? -10.236 -7.905  -13.692 1.00 0.00 ? 61  GLY E N    1 
ATOM   940  C CA   . GLY A 1 61  ? -8.860  -7.358  -13.855 1.00 0.00 ? 61  GLY E CA   1 
ATOM   941  C C    . GLY A 1 61  ? -8.738  -6.029  -13.106 1.00 0.00 ? 61  GLY E C    1 
ATOM   942  O O    . GLY A 1 61  ? -7.697  -5.403  -13.102 1.00 0.00 ? 61  GLY E O    1 
ATOM   943  H H    . GLY A 1 61  ? -10.645 -7.950  -12.801 1.00 0.00 ? 61  GLY E H    1 
ATOM   944  H HA2  . GLY A 1 61  ? -8.145  -8.064  -13.457 1.00 0.00 ? 61  GLY E HA2  1 
ATOM   945  H HA3  . GLY A 1 61  ? -8.660  -7.195  -14.903 1.00 0.00 ? 61  GLY E HA3  1 
ATOM   946  N N    . LYS A 1 62  ? -9.792  -5.591  -12.471 1.00 0.00 ? 62  LYS E N    1 
ATOM   947  C CA   . LYS A 1 62  ? -9.729  -4.302  -11.726 1.00 0.00 ? 62  LYS E CA   1 
ATOM   948  C C    . LYS A 1 62  ? -9.009  -4.517  -10.392 1.00 0.00 ? 62  LYS E C    1 
ATOM   949  O O    . LYS A 1 62  ? -8.882  -5.627  -9.915  1.00 0.00 ? 62  LYS E O    1 
ATOM   950  C CB   . LYS A 1 62  ? -11.149 -3.796  -11.464 1.00 0.00 ? 62  LYS E CB   1 
ATOM   951  C CG   . LYS A 1 62  ? -11.646 -3.018  -12.686 1.00 0.00 ? 62  LYS E CG   1 
ATOM   952  C CD   . LYS A 1 62  ? -13.143 -3.268  -12.877 1.00 0.00 ? 62  LYS E CD   1 
ATOM   953  C CE   . LYS A 1 62  ? -13.726 -2.197  -13.802 1.00 0.00 ? 62  LYS E CE   1 
ATOM   954  N NZ   . LYS A 1 62  ? -14.223 -2.838  -15.052 1.00 0.00 ? 62  LYS E NZ   1 
ATOM   955  H H    . LYS A 1 62  ? -10.623 -6.109  -12.486 1.00 0.00 ? 62  LYS E H    1 
ATOM   956  H HA   . LYS A 1 62  ? -9.188  -3.573  -12.311 1.00 0.00 ? 62  LYS E HA   1 
ATOM   957  H HB2  . LYS A 1 62  ? -11.803 -4.635  -11.281 1.00 0.00 ? 62  LYS E HB2  1 
ATOM   958  H HB3  . LYS A 1 62  ? -11.147 -3.145  -10.603 1.00 0.00 ? 62  LYS E HB3  1 
ATOM   959  H HG2  . LYS A 1 62  ? -11.473 -1.962  -12.534 1.00 0.00 ? 62  LYS E HG2  1 
ATOM   960  H HG3  . LYS A 1 62  ? -11.113 -3.349  -13.564 1.00 0.00 ? 62  LYS E HG3  1 
ATOM   961  H HD2  . LYS A 1 62  ? -13.291 -4.244  -13.316 1.00 0.00 ? 62  LYS E HD2  1 
ATOM   962  H HD3  . LYS A 1 62  ? -13.641 -3.224  -11.920 1.00 0.00 ? 62  LYS E HD3  1 
ATOM   963  H HE2  . LYS A 1 62  ? -14.543 -1.698  -13.304 1.00 0.00 ? 62  LYS E HE2  1 
ATOM   964  H HE3  . LYS A 1 62  ? -12.960 -1.478  -14.047 1.00 0.00 ? 62  LYS E HE3  1 
ATOM   965  H HZ1  . LYS A 1 62  ? -13.523 -3.526  -15.393 1.00 0.00 ? 62  LYS E HZ1  1 
ATOM   966  H HZ2  . LYS A 1 62  ? -15.123 -3.323  -14.858 1.00 0.00 ? 62  LYS E HZ2  1 
ATOM   967  H HZ3  . LYS A 1 62  ? -14.372 -2.109  -15.779 1.00 0.00 ? 62  LYS E HZ3  1 
ATOM   968  N N    . TYR A 1 63  ? -8.533  -3.461  -9.787  1.00 0.00 ? 63  TYR E N    1 
ATOM   969  C CA   . TYR A 1 63  ? -7.819  -3.604  -8.486  1.00 0.00 ? 63  TYR E CA   1 
ATOM   970  C C    . TYR A 1 63  ? -8.329  -2.553  -7.500  1.00 0.00 ? 63  TYR E C    1 
ATOM   971  O O    . TYR A 1 63  ? -8.399  -1.381  -7.814  1.00 0.00 ? 63  TYR E O    1 
ATOM   972  C CB   . TYR A 1 63  ? -6.322  -3.380  -8.694  1.00 0.00 ? 63  TYR E CB   1 
ATOM   973  C CG   . TYR A 1 63  ? -5.794  -4.354  -9.715  1.00 0.00 ? 63  TYR E CG   1 
ATOM   974  C CD1  . TYR A 1 63  ? -5.568  -5.684  -9.355  1.00 0.00 ? 63  TYR E CD1  1 
ATOM   975  C CD2  . TYR A 1 63  ? -5.523  -3.920  -11.017 1.00 0.00 ? 63  TYR E CD2  1 
ATOM   976  C CE1  . TYR A 1 63  ? -5.067  -6.588  -10.301 1.00 0.00 ? 63  TYR E CE1  1 
ATOM   977  C CE2  . TYR A 1 63  ? -5.022  -4.823  -11.964 1.00 0.00 ? 63  TYR E CE2  1 
ATOM   978  C CZ   . TYR A 1 63  ? -4.794  -6.157  -11.606 1.00 0.00 ? 63  TYR E CZ   1 
ATOM   979  O OH   . TYR A 1 63  ? -4.301  -7.048  -12.538 1.00 0.00 ? 63  TYR E OH   1 
ATOM   980  H H    . TYR A 1 63  ? -8.644  -2.575  -10.189 1.00 0.00 ? 63  TYR E H    1 
ATOM   981  H HA   . TYR A 1 63  ? -7.986  -4.594  -8.086  1.00 0.00 ? 63  TYR E HA   1 
ATOM   982  H HB2  . TYR A 1 63  ? -6.155  -2.371  -9.042  1.00 0.00 ? 63  TYR E HB2  1 
ATOM   983  H HB3  . TYR A 1 63  ? -5.804  -3.527  -7.758  1.00 0.00 ? 63  TYR E HB3  1 
ATOM   984  H HD1  . TYR A 1 63  ? -5.782  -6.014  -8.348  1.00 0.00 ? 63  TYR E HD1  1 
ATOM   985  H HD2  . TYR A 1 63  ? -5.701  -2.891  -11.290 1.00 0.00 ? 63  TYR E HD2  1 
ATOM   986  H HE1  . TYR A 1 63  ? -4.892  -7.617  -10.025 1.00 0.00 ? 63  TYR E HE1  1 
ATOM   987  H HE2  . TYR A 1 63  ? -4.813  -4.489  -12.970 1.00 0.00 ? 63  TYR E HE2  1 
ATOM   988  H HH   . TYR A 1 63  ? -3.422  -6.756  -12.792 1.00 0.00 ? 63  TYR E HH   1 
ATOM   989  N N    . PHE A 1 64  ? -8.664  -2.952  -6.305  1.00 0.00 ? 64  PHE E N    1 
ATOM   990  C CA   . PHE A 1 64  ? -9.142  -1.952  -5.306  1.00 0.00 ? 64  PHE E CA   1 
ATOM   991  C C    . PHE A 1 64  ? -8.509  -2.256  -3.947  1.00 0.00 ? 64  PHE E C    1 
ATOM   992  O O    . PHE A 1 64  ? -7.865  -3.264  -3.768  1.00 0.00 ? 64  PHE E O    1 
ATOM   993  C CB   . PHE A 1 64  ? -10.670 -2.006  -5.173  1.00 0.00 ? 64  PHE E CB   1 
ATOM   994  C CG   . PHE A 1 64  ? -11.218 -3.309  -5.709  1.00 0.00 ? 64  PHE E CG   1 
ATOM   995  C CD1  . PHE A 1 64  ? -11.111 -3.619  -7.071  1.00 0.00 ? 64  PHE E CD1  1 
ATOM   996  C CD2  . PHE A 1 64  ? -11.856 -4.202  -4.839  1.00 0.00 ? 64  PHE E CD2  1 
ATOM   997  C CE1  . PHE A 1 64  ? -11.641 -4.820  -7.560  1.00 0.00 ? 64  PHE E CE1  1 
ATOM   998  C CE2  . PHE A 1 64  ? -12.383 -5.402  -5.327  1.00 0.00 ? 64  PHE E CE2  1 
ATOM   999  C CZ   . PHE A 1 64  ? -12.276 -5.711  -6.688  1.00 0.00 ? 64  PHE E CZ   1 
ATOM   1000 H H    . PHE A 1 64  ? -8.586  -3.903  -6.061  1.00 0.00 ? 64  PHE E H    1 
ATOM   1001 H HA   . PHE A 1 64  ? -8.846  -0.962  -5.624  1.00 0.00 ? 64  PHE E HA   1 
ATOM   1002 H HB2  . PHE A 1 64  ? -10.936 -1.914  -4.131  1.00 0.00 ? 64  PHE E HB2  1 
ATOM   1003 H HB3  . PHE A 1 64  ? -11.104 -1.185  -5.723  1.00 0.00 ? 64  PHE E HB3  1 
ATOM   1004 H HD1  . PHE A 1 64  ? -10.620 -2.934  -7.746  1.00 0.00 ? 64  PHE E HD1  1 
ATOM   1005 H HD2  . PHE A 1 64  ? -11.939 -3.964  -3.788  1.00 0.00 ? 64  PHE E HD2  1 
ATOM   1006 H HE1  . PHE A 1 64  ? -11.558 -5.059  -8.610  1.00 0.00 ? 64  PHE E HE1  1 
ATOM   1007 H HE2  . PHE A 1 64  ? -12.872 -6.090  -4.655  1.00 0.00 ? 64  PHE E HE2  1 
ATOM   1008 H HZ   . PHE A 1 64  ? -12.685 -6.635  -7.064  1.00 0.00 ? 64  PHE E HZ   1 
ATOM   1009 N N    . LEU A 1 65  ? -8.692  -1.399  -2.981  1.00 0.00 ? 65  LEU E N    1 
ATOM   1010 C CA   . LEU A 1 65  ? -8.107  -1.666  -1.637  1.00 0.00 ? 65  LEU E CA   1 
ATOM   1011 C C    . LEU A 1 65  ? -8.527  -0.574  -0.656  1.00 0.00 ? 65  LEU E C    1 
ATOM   1012 O O    . LEU A 1 65  ? -7.695  0.053   -0.033  1.00 0.00 ? 65  LEU E O    1 
ATOM   1013 C CB   . LEU A 1 65  ? -6.576  -1.717  -1.709  1.00 0.00 ? 65  LEU E CB   1 
ATOM   1014 C CG   . LEU A 1 65  ? -6.067  -0.530  -2.529  1.00 0.00 ? 65  LEU E CG   1 
ATOM   1015 C CD1  . LEU A 1 65  ? -5.250  0.397   -1.630  1.00 0.00 ? 65  LEU E CD1  1 
ATOM   1016 C CD2  . LEU A 1 65  ? -5.185  -1.039  -3.672  1.00 0.00 ? 65  LEU E CD2  1 
ATOM   1017 H H    . LEU A 1 65  ? -9.220  -0.589  -3.135  1.00 0.00 ? 65  LEU E H    1 
ATOM   1018 H HA   . LEU A 1 65  ? -8.474  -2.617  -1.278  1.00 0.00 ? 65  LEU E HA   1 
ATOM   1019 H HB2  . LEU A 1 65  ? -6.166  -1.670  -0.702  1.00 0.00 ? 65  LEU E HB2  1 
ATOM   1020 H HB3  . LEU A 1 65  ? -6.264  -2.641  -2.176  1.00 0.00 ? 65  LEU E HB3  1 
ATOM   1021 H HG   . LEU A 1 65  ? -6.908  0.013   -2.935  1.00 0.00 ? 65  LEU E HG   1 
ATOM   1022 H HD11 . LEU A 1 65  ? -4.617  -0.195  -0.989  1.00 0.00 ? 65  LEU E HD11 1 
ATOM   1023 H HD12 . LEU A 1 65  ? -4.639  1.046   -2.241  1.00 0.00 ? 65  LEU E HD12 1 
ATOM   1024 H HD13 . LEU A 1 65  ? -5.918  0.994   -1.025  1.00 0.00 ? 65  LEU E HD13 1 
ATOM   1025 H HD21 . LEU A 1 65  ? -5.641  -1.911  -4.117  1.00 0.00 ? 65  LEU E HD21 1 
ATOM   1026 H HD22 . LEU A 1 65  ? -5.083  -0.265  -4.419  1.00 0.00 ? 65  LEU E HD22 1 
ATOM   1027 H HD23 . LEU A 1 65  ? -4.210  -1.298  -3.286  1.00 0.00 ? 65  LEU E HD23 1 
ATOM   1028 N N    . TRP A 1 66  ? -9.812  -0.384  -0.489  1.00 0.00 ? 66  TRP E N    1 
ATOM   1029 C CA   . TRP A 1 66  ? -10.335 0.626   0.488   1.00 0.00 ? 66  TRP E CA   1 
ATOM   1030 C C    . TRP A 1 66  ? -11.773 0.999   0.113   1.00 0.00 ? 66  TRP E C    1 
ATOM   1031 O O    . TRP A 1 66  ? -12.720 0.540   0.721   1.00 0.00 ? 66  TRP E O    1 
ATOM   1032 C CB   . TRP A 1 66  ? -9.481  1.902   0.525   1.00 0.00 ? 66  TRP E CB   1 
ATOM   1033 C CG   . TRP A 1 66  ? -9.306  2.347   1.945   1.00 0.00 ? 66  TRP E CG   1 
ATOM   1034 C CD1  . TRP A 1 66  ? -8.330  3.178   2.370   1.00 0.00 ? 66  TRP E CD1  1 
ATOM   1035 C CD2  . TRP A 1 66  ? -10.097 2.004   3.128   1.00 0.00 ? 66  TRP E CD2  1 
ATOM   1036 N NE1  . TRP A 1 66  ? -8.463  3.367   3.733   1.00 0.00 ? 66  TRP E NE1  1 
ATOM   1037 C CE2  . TRP A 1 66  ? -9.533  2.664   4.247   1.00 0.00 ? 66  TRP E CE2  1 
ATOM   1038 C CE3  . TRP A 1 66  ? -11.230 1.194   3.345   1.00 0.00 ? 66  TRP E CE3  1 
ATOM   1039 C CZ2  . TRP A 1 66  ? -10.070 2.528   5.526   1.00 0.00 ? 66  TRP E CZ2  1 
ATOM   1040 C CZ3  . TRP A 1 66  ? -11.772 1.055   4.631   1.00 0.00 ? 66  TRP E CZ3  1 
ATOM   1041 C CH2  . TRP A 1 66  ? -11.192 1.718   5.719   1.00 0.00 ? 66  TRP E CH2  1 
ATOM   1042 H H    . TRP A 1 66  ? -10.446 -0.938  -0.989  1.00 0.00 ? 66  TRP E H    1 
ATOM   1043 H HA   . TRP A 1 66  ? -10.334 0.175   1.467   1.00 0.00 ? 66  TRP E HA   1 
ATOM   1044 H HB2  . TRP A 1 66  ? -8.514  1.715   0.098   1.00 0.00 ? 66  TRP E HB2  1 
ATOM   1045 H HB3  . TRP A 1 66  ? -9.974  2.681   -0.030  1.00 0.00 ? 66  TRP E HB3  1 
ATOM   1046 H HD1  . TRP A 1 66  ? -7.568  3.623   1.748   1.00 0.00 ? 66  TRP E HD1  1 
ATOM   1047 H HE1  . TRP A 1 66  ? -7.876  3.924   4.285   1.00 0.00 ? 66  TRP E HE1  1 
ATOM   1048 H HE3  . TRP A 1 66  ? -11.690 0.681   2.517   1.00 0.00 ? 66  TRP E HE3  1 
ATOM   1049 H HZ2  . TRP A 1 66  ? -9.620  3.042   6.363   1.00 0.00 ? 66  TRP E HZ2  1 
ATOM   1050 H HZ3  . TRP A 1 66  ? -12.639 0.431   4.784   1.00 0.00 ? 66  TRP E HZ3  1 
ATOM   1051 H HH2  . TRP A 1 66  ? -11.612 1.601   6.707   1.00 0.00 ? 66  TRP E HH2  1 
ATOM   1052 N N    . VAL A 1 67  ? -11.952 1.832   -0.879  1.00 0.00 ? 67  VAL E N    1 
ATOM   1053 C CA   . VAL A 1 67  ? -13.336 2.228   -1.268  1.00 0.00 ? 67  VAL E CA   1 
ATOM   1054 C C    . VAL A 1 67  ? -13.506 2.146   -2.789  1.00 0.00 ? 67  VAL E C    1 
ATOM   1055 O O    . VAL A 1 67  ? -14.152 1.253   -3.300  1.00 0.00 ? 67  VAL E O    1 
ATOM   1056 C CB   . VAL A 1 67  ? -13.602 3.660   -0.798  1.00 0.00 ? 67  VAL E CB   1 
ATOM   1057 C CG1  . VAL A 1 67  ? -15.109 3.920   -0.776  1.00 0.00 ? 67  VAL E CG1  1 
ATOM   1058 C CG2  . VAL A 1 67  ? -13.036 3.846   0.612   1.00 0.00 ? 67  VAL E CG2  1 
ATOM   1059 H H    . VAL A 1 67  ? -11.181 2.199   -1.360  1.00 0.00 ? 67  VAL E H    1 
ATOM   1060 H HA   . VAL A 1 67  ? -14.042 1.563   -0.794  1.00 0.00 ? 67  VAL E HA   1 
ATOM   1061 H HB   . VAL A 1 67  ? -13.128 4.357   -1.473  1.00 0.00 ? 67  VAL E HB   1 
ATOM   1062 H HG11 . VAL A 1 67  ? -15.602 3.238   -1.455  1.00 0.00 ? 67  VAL E HG11 1 
ATOM   1063 H HG12 . VAL A 1 67  ? -15.487 3.768   0.223   1.00 0.00 ? 67  VAL E HG12 1 
ATOM   1064 H HG13 . VAL A 1 67  ? -15.304 4.937   -1.085  1.00 0.00 ? 67  VAL E HG13 1 
ATOM   1065 H HG21 . VAL A 1 67  ? -13.063 2.904   1.138   1.00 0.00 ? 67  VAL E HG21 1 
ATOM   1066 H HG22 . VAL A 1 67  ? -12.014 4.191   0.546   1.00 0.00 ? 67  VAL E HG22 1 
ATOM   1067 H HG23 . VAL A 1 67  ? -13.628 4.574   1.145   1.00 0.00 ? 67  VAL E HG23 1 
ATOM   1068 N N    . VAL A 1 68  ? -12.945 3.073   -3.518  1.00 0.00 ? 68  VAL E N    1 
ATOM   1069 C CA   . VAL A 1 68  ? -13.095 3.045   -5.002  1.00 0.00 ? 68  VAL E CA   1 
ATOM   1070 C C    . VAL A 1 68  ? -12.097 2.055   -5.608  1.00 0.00 ? 68  VAL E C    1 
ATOM   1071 O O    . VAL A 1 68  ? -11.054 1.784   -5.046  1.00 0.00 ? 68  VAL E O    1 
ATOM   1072 C CB   . VAL A 1 68  ? -12.831 4.441   -5.569  1.00 0.00 ? 68  VAL E CB   1 
ATOM   1073 C CG1  . VAL A 1 68  ? -13.191 4.462   -7.056  1.00 0.00 ? 68  VAL E CG1  1 
ATOM   1074 C CG2  . VAL A 1 68  ? -13.691 5.465   -4.823  1.00 0.00 ? 68  VAL E CG2  1 
ATOM   1075 H H    . VAL A 1 68  ? -12.434 3.792   -3.090  1.00 0.00 ? 68  VAL E H    1 
ATOM   1076 H HA   . VAL A 1 68  ? -14.099 2.739   -5.254  1.00 0.00 ? 68  VAL E HA   1 
ATOM   1077 H HB   . VAL A 1 68  ? -11.787 4.688   -5.449  1.00 0.00 ? 68  VAL E HB   1 
ATOM   1078 H HG11 . VAL A 1 68  ? -12.710 3.634   -7.555  1.00 0.00 ? 68  VAL E HG11 1 
ATOM   1079 H HG12 . VAL A 1 68  ? -14.262 4.377   -7.168  1.00 0.00 ? 68  VAL E HG12 1 
ATOM   1080 H HG13 . VAL A 1 68  ? -12.857 5.390   -7.494  1.00 0.00 ? 68  VAL E HG13 1 
ATOM   1081 H HG21 . VAL A 1 68  ? -14.062 5.026   -3.909  1.00 0.00 ? 68  VAL E HG21 1 
ATOM   1082 H HG22 . VAL A 1 68  ? -13.092 6.333   -4.588  1.00 0.00 ? 68  VAL E HG22 1 
ATOM   1083 H HG23 . VAL A 1 68  ? -14.522 5.759   -5.445  1.00 0.00 ? 68  VAL E HG23 1 
ATOM   1084 N N    . LYS A 1 69  ? -12.410 1.517   -6.756  1.00 0.00 ? 69  LYS E N    1 
ATOM   1085 C CA   . LYS A 1 69  ? -11.482 0.549   -7.405  1.00 0.00 ? 69  LYS E CA   1 
ATOM   1086 C C    . LYS A 1 69  ? -10.875 1.188   -8.655  1.00 0.00 ? 69  LYS E C    1 
ATOM   1087 O O    . LYS A 1 69  ? -11.122 2.338   -8.956  1.00 0.00 ? 69  LYS E O    1 
ATOM   1088 C CB   . LYS A 1 69  ? -12.249 -0.716  -7.795  1.00 0.00 ? 69  LYS E CB   1 
ATOM   1089 C CG   . LYS A 1 69  ? -13.401 -0.349  -8.733  1.00 0.00 ? 69  LYS E CG   1 
ATOM   1090 C CD   . LYS A 1 69  ? -14.683 -1.042  -8.262  1.00 0.00 ? 69  LYS E CD   1 
ATOM   1091 C CE   . LYS A 1 69  ? -15.620 -1.248  -9.454  1.00 0.00 ? 69  LYS E CE   1 
ATOM   1092 N NZ   . LYS A 1 69  ? -17.030 -1.296  -8.975  1.00 0.00 ? 69  LYS E NZ   1 
ATOM   1093 H H    . LYS A 1 69  ? -13.254 1.753   -7.192  1.00 0.00 ? 69  LYS E H    1 
ATOM   1094 H HA   . LYS A 1 69  ? -10.691 0.294   -6.716  1.00 0.00 ? 69  LYS E HA   1 
ATOM   1095 H HB2  . LYS A 1 69  ? -11.581 -1.402  -8.296  1.00 0.00 ? 69  LYS E HB2  1 
ATOM   1096 H HB3  . LYS A 1 69  ? -12.647 -1.184  -6.906  1.00 0.00 ? 69  LYS E HB3  1 
ATOM   1097 H HG2  . LYS A 1 69  ? -13.546 0.722   -8.724  1.00 0.00 ? 69  LYS E HG2  1 
ATOM   1098 H HG3  . LYS A 1 69  ? -13.167 -0.673  -9.736  1.00 0.00 ? 69  LYS E HG3  1 
ATOM   1099 H HD2  . LYS A 1 69  ? -14.435 -1.999  -7.828  1.00 0.00 ? 69  LYS E HD2  1 
ATOM   1100 H HD3  . LYS A 1 69  ? -15.175 -0.427  -7.524  1.00 0.00 ? 69  LYS E HD3  1 
ATOM   1101 H HE2  . LYS A 1 69  ? -15.503 -0.431  -10.151 1.00 0.00 ? 69  LYS E HE2  1 
ATOM   1102 H HE3  . LYS A 1 69  ? -15.376 -2.178  -9.947  1.00 0.00 ? 69  LYS E HE3  1 
ATOM   1103 H HZ1  . LYS A 1 69  ? -17.107 -1.972  -8.189  1.00 0.00 ? 69  LYS E HZ1  1 
ATOM   1104 H HZ2  . LYS A 1 69  ? -17.316 -0.352  -8.645  1.00 0.00 ? 69  LYS E HZ2  1 
ATOM   1105 H HZ3  . LYS A 1 69  ? -17.651 -1.596  -9.755  1.00 0.00 ? 69  LYS E HZ3  1 
ATOM   1106 N N    . PHE A 1 70  ? -10.076 0.455   -9.381  1.00 0.00 ? 70  PHE E N    1 
ATOM   1107 C CA   . PHE A 1 70  ? -9.450  1.032   -10.603 1.00 0.00 ? 70  PHE E CA   1 
ATOM   1108 C C    . PHE A 1 70  ? -9.132  -0.080  -11.600 1.00 0.00 ? 70  PHE E C    1 
ATOM   1109 O O    . PHE A 1 70  ? -9.577  -1.201  -11.460 1.00 0.00 ? 70  PHE E O    1 
ATOM   1110 C CB   . PHE A 1 70  ? -8.156  1.745   -10.213 1.00 0.00 ? 70  PHE E CB   1 
ATOM   1111 C CG   . PHE A 1 70  ? -8.495  3.040   -9.520  1.00 0.00 ? 70  PHE E CG   1 
ATOM   1112 C CD1  . PHE A 1 70  ? -8.787  3.048   -8.152  1.00 0.00 ? 70  PHE E CD1  1 
ATOM   1113 C CD2  . PHE A 1 70  ? -8.523  4.230   -10.253 1.00 0.00 ? 70  PHE E CD2  1 
ATOM   1114 C CE1  . PHE A 1 70  ? -9.111  4.252   -7.515  1.00 0.00 ? 70  PHE E CE1  1 
ATOM   1115 C CE2  . PHE A 1 70  ? -8.845  5.435   -9.617  1.00 0.00 ? 70  PHE E CE2  1 
ATOM   1116 C CZ   . PHE A 1 70  ? -9.140  5.446   -8.248  1.00 0.00 ? 70  PHE E CZ   1 
ATOM   1117 H H    . PHE A 1 70  ? -9.883  -0.469  -9.119  1.00 0.00 ? 70  PHE E H    1 
ATOM   1118 H HA   . PHE A 1 70  ? -10.129 1.740   -11.056 1.00 0.00 ? 70  PHE E HA   1 
ATOM   1119 H HB2  . PHE A 1 70  ? -7.586  1.116   -9.546  1.00 0.00 ? 70  PHE E HB2  1 
ATOM   1120 H HB3  . PHE A 1 70  ? -7.575  1.953   -11.098 1.00 0.00 ? 70  PHE E HB3  1 
ATOM   1121 H HD1  . PHE A 1 70  ? -8.764  2.125   -7.587  1.00 0.00 ? 70  PHE E HD1  1 
ATOM   1122 H HD2  . PHE A 1 70  ? -8.295  4.220   -11.309 1.00 0.00 ? 70  PHE E HD2  1 
ATOM   1123 H HE1  . PHE A 1 70  ? -9.338  4.262   -6.459  1.00 0.00 ? 70  PHE E HE1  1 
ATOM   1124 H HE2  . PHE A 1 70  ? -8.868  6.355   -10.182 1.00 0.00 ? 70  PHE E HE2  1 
ATOM   1125 H HZ   . PHE A 1 70  ? -9.391  6.374   -7.758  1.00 0.00 ? 70  PHE E HZ   1 
ATOM   1126 N N    . ASN A 1 71  ? -8.360  0.225   -12.605 1.00 0.00 ? 71  ASN E N    1 
ATOM   1127 C CA   . ASN A 1 71  ? -8.003  -0.809  -13.612 1.00 0.00 ? 71  ASN E CA   1 
ATOM   1128 C C    . ASN A 1 71  ? -6.487  -1.010  -13.609 1.00 0.00 ? 71  ASN E C    1 
ATOM   1129 O O    . ASN A 1 71  ? -5.938  -1.667  -14.469 1.00 0.00 ? 71  ASN E O    1 
ATOM   1130 C CB   . ASN A 1 71  ? -8.458  -0.350  -14.998 1.00 0.00 ? 71  ASN E CB   1 
ATOM   1131 C CG   . ASN A 1 71  ? -8.826  -1.570  -15.845 1.00 0.00 ? 71  ASN E CG   1 
ATOM   1132 O OD1  . ASN A 1 71  ? -9.607  -1.468  -16.770 1.00 0.00 ? 71  ASN E OD1  1 
ATOM   1133 N ND2  . ASN A 1 71  ? -8.295  -2.728  -15.563 1.00 0.00 ? 71  ASN E ND2  1 
ATOM   1134 H H    . ASN A 1 71  ? -8.012  1.136   -12.696 1.00 0.00 ? 71  ASN E H    1 
ATOM   1135 H HA   . ASN A 1 71  ? -8.491  -1.740  -13.362 1.00 0.00 ? 71  ASN E HA   1 
ATOM   1136 H HB2  . ASN A 1 71  ? -9.319  0.295   -14.899 1.00 0.00 ? 71  ASN E HB2  1 
ATOM   1137 H HB3  . ASN A 1 71  ? -7.657  0.191   -15.480 1.00 0.00 ? 71  ASN E HB3  1 
ATOM   1138 H HD21 . ASN A 1 71  ? -7.666  -2.810  -14.816 1.00 0.00 ? 71  ASN E HD21 1 
ATOM   1139 H HD22 . ASN A 1 71  ? -8.522  -3.515  -16.101 1.00 0.00 ? 71  ASN E HD22 1 
ATOM   1140 N N    . SER A 1 72  ? -5.804  -0.450  -12.645 1.00 0.00 ? 72  SER E N    1 
ATOM   1141 C CA   . SER A 1 72  ? -4.330  -0.618  -12.593 1.00 0.00 ? 72  SER E CA   1 
ATOM   1142 C C    . SER A 1 72  ? -3.835  -0.426  -11.162 1.00 0.00 ? 72  SER E C    1 
ATOM   1143 O O    . SER A 1 72  ? -4.422  0.288   -10.373 1.00 0.00 ? 72  SER E O    1 
ATOM   1144 C CB   . SER A 1 72  ? -3.657  0.400   -13.511 1.00 0.00 ? 72  SER E CB   1 
ATOM   1145 O OG   . SER A 1 72  ? -2.508  -0.192  -14.103 1.00 0.00 ? 72  SER E OG   1 
ATOM   1146 H H    . SER A 1 72  ? -6.259  0.073   -11.955 1.00 0.00 ? 72  SER E H    1 
ATOM   1147 H HA   . SER A 1 72  ? -4.077  -1.605  -12.919 1.00 0.00 ? 72  SER E HA   1 
ATOM   1148 H HB2  . SER A 1 72  ? -4.343  0.694   -14.288 1.00 0.00 ? 72  SER E HB2  1 
ATOM   1149 H HB3  . SER A 1 72  ? -3.370  1.268   -12.935 1.00 0.00 ? 72  SER E HB3  1 
ATOM   1150 H HG   . SER A 1 72  ? -2.730  -0.436  -15.004 1.00 0.00 ? 72  SER E HG   1 
ATOM   1151 N N    . LEU A 1 73  ? -2.754  -1.061  -10.824 1.00 0.00 ? 73  LEU E N    1 
ATOM   1152 C CA   . LEU A 1 73  ? -2.206  -0.915  -9.451  1.00 0.00 ? 73  LEU E CA   1 
ATOM   1153 C C    . LEU A 1 73  ? -1.725  0.521   -9.277  1.00 0.00 ? 73  LEU E C    1 
ATOM   1154 O O    . LEU A 1 73  ? -2.249  1.274   -8.482  1.00 0.00 ? 73  LEU E O    1 
ATOM   1155 C CB   . LEU A 1 73  ? -1.019  -1.858  -9.264  1.00 0.00 ? 73  LEU E CB   1 
ATOM   1156 C CG   . LEU A 1 73  ? -1.456  -3.308  -9.436  1.00 0.00 ? 73  LEU E CG   1 
ATOM   1157 C CD1  . LEU A 1 73  ? -0.716  -4.164  -8.410  1.00 0.00 ? 73  LEU E CD1  1 
ATOM   1158 C CD2  . LEU A 1 73  ? -2.967  -3.422  -9.216  1.00 0.00 ? 73  LEU E CD2  1 
ATOM   1159 H H    . LEU A 1 73  ? -2.302  -1.629  -11.478 1.00 0.00 ? 73  LEU E H    1 
ATOM   1160 H HA   . LEU A 1 73  ? -2.971  -1.136  -8.723  1.00 0.00 ? 73  LEU E HA   1 
ATOM   1161 H HB2  . LEU A 1 73  ? -0.258  -1.624  -9.994  1.00 0.00 ? 73  LEU E HB2  1 
ATOM   1162 H HB3  . LEU A 1 73  ? -0.614  -1.725  -8.272  1.00 0.00 ? 73  LEU E HB3  1 
ATOM   1163 H HG   . LEU A 1 73  ? -1.206  -3.643  -10.433 1.00 0.00 ? 73  LEU E HG   1 
ATOM   1164 H HD11 . LEU A 1 73  ? 0.098   -3.588  -7.985  1.00 0.00 ? 73  LEU E HD11 1 
ATOM   1165 H HD12 . LEU A 1 73  ? -1.398  -4.456  -7.624  1.00 0.00 ? 73  LEU E HD12 1 
ATOM   1166 H HD13 . LEU A 1 73  ? -0.320  -5.045  -8.891  1.00 0.00 ? 73  LEU E HD13 1 
ATOM   1167 H HD21 . LEU A 1 73  ? -3.236  -2.923  -8.297  1.00 0.00 ? 73  LEU E HD21 1 
ATOM   1168 H HD22 . LEU A 1 73  ? -3.488  -2.961  -10.044 1.00 0.00 ? 73  LEU E HD22 1 
ATOM   1169 H HD23 . LEU A 1 73  ? -3.244  -4.464  -9.154  1.00 0.00 ? 73  LEU E HD23 1 
ATOM   1170 N N    . ASN A 1 74  ? -0.736  0.908   -10.031 1.00 0.00 ? 74  ASN E N    1 
ATOM   1171 C CA   . ASN A 1 74  ? -0.227  2.298   -9.931  1.00 0.00 ? 74  ASN E CA   1 
ATOM   1172 C C    . ASN A 1 74  ? -1.405  3.254   -10.100 1.00 0.00 ? 74  ASN E C    1 
ATOM   1173 O O    . ASN A 1 74  ? -1.368  4.387   -9.669  1.00 0.00 ? 74  ASN E O    1 
ATOM   1174 C CB   . ASN A 1 74  ? 0.807   2.538   -11.029 1.00 0.00 ? 74  ASN E CB   1 
ATOM   1175 C CG   . ASN A 1 74  ? 0.200   3.422   -12.120 1.00 0.00 ? 74  ASN E CG   1 
ATOM   1176 O OD1  . ASN A 1 74  ? 0.590   4.562   -12.280 1.00 0.00 ? 74  ASN E OD1  1 
ATOM   1177 N ND2  . ASN A 1 74  ? -0.746  2.944   -12.882 1.00 0.00 ? 74  ASN E ND2  1 
ATOM   1178 H H    . ASN A 1 74  ? -0.335  0.285   -10.674 1.00 0.00 ? 74  ASN E H    1 
ATOM   1179 H HA   . ASN A 1 74  ? 0.228   2.450   -8.962  1.00 0.00 ? 74  ASN E HA   1 
ATOM   1180 H HB2  . ASN A 1 74  ? 1.672   3.026   -10.607 1.00 0.00 ? 74  ASN E HB2  1 
ATOM   1181 H HB3  . ASN A 1 74  ? 1.099   1.590   -11.456 1.00 0.00 ? 74  ASN E HB3  1 
ATOM   1182 H HD21 . ASN A 1 74  ? -1.061  2.025   -12.754 1.00 0.00 ? 74  ASN E HD21 1 
ATOM   1183 H HD22 . ASN A 1 74  ? -1.140  3.503   -13.584 1.00 0.00 ? 74  ASN E HD22 1 
ATOM   1184 N N    . GLU A 1 75  ? -2.462  2.791   -10.712 1.00 0.00 ? 75  GLU E N    1 
ATOM   1185 C CA   . GLU A 1 75  ? -3.657  3.657   -10.893 1.00 0.00 ? 75  GLU E CA   1 
ATOM   1186 C C    . GLU A 1 75  ? -4.261  3.926   -9.515  1.00 0.00 ? 75  GLU E C    1 
ATOM   1187 O O    . GLU A 1 75  ? -4.573  5.048   -9.169  1.00 0.00 ? 75  GLU E O    1 
ATOM   1188 C CB   . GLU A 1 75  ? -4.685  2.936   -11.775 1.00 0.00 ? 75  GLU E CB   1 
ATOM   1189 C CG   . GLU A 1 75  ? -4.461  3.304   -13.241 1.00 0.00 ? 75  GLU E CG   1 
ATOM   1190 C CD   . GLU A 1 75  ? -5.368  4.476   -13.619 1.00 0.00 ? 75  GLU E CD   1 
ATOM   1191 O OE1  . GLU A 1 75  ? -6.053  4.977   -12.742 1.00 0.00 ? 75  GLU E OE1  1 
ATOM   1192 O OE2  . GLU A 1 75  ? -5.365  4.853   -14.780 1.00 0.00 ? 75  GLU E OE2  1 
ATOM   1193 H H    . GLU A 1 75  ? -2.474  1.867   -11.039 1.00 0.00 ? 75  GLU E H    1 
ATOM   1194 H HA   . GLU A 1 75  ? -3.367  4.595   -11.350 1.00 0.00 ? 75  GLU E HA   1 
ATOM   1195 H HB2  . GLU A 1 75  ? -4.576  1.866   -11.659 1.00 0.00 ? 75  GLU E HB2  1 
ATOM   1196 H HB3  . GLU A 1 75  ? -5.682  3.229   -11.482 1.00 0.00 ? 75  GLU E HB3  1 
ATOM   1197 H HG2  . GLU A 1 75  ? -3.428  3.583   -13.388 1.00 0.00 ? 75  GLU E HG2  1 
ATOM   1198 H HG3  . GLU A 1 75  ? -4.696  2.452   -13.863 1.00 0.00 ? 75  GLU E HG3  1 
ATOM   1199 N N    . LEU A 1 76  ? -4.409  2.903   -8.717  1.00 0.00 ? 76  LEU E N    1 
ATOM   1200 C CA   . LEU A 1 76  ? -4.969  3.098   -7.352  1.00 0.00 ? 76  LEU E CA   1 
ATOM   1201 C C    . LEU A 1 76  ? -4.016  3.991   -6.560  1.00 0.00 ? 76  LEU E C    1 
ATOM   1202 O O    . LEU A 1 76  ? -4.416  4.709   -5.666  1.00 0.00 ? 76  LEU E O    1 
ATOM   1203 C CB   . LEU A 1 76  ? -5.103  1.744   -6.654  1.00 0.00 ? 76  LEU E CB   1 
ATOM   1204 C CG   . LEU A 1 76  ? -6.328  1.011   -7.197  1.00 0.00 ? 76  LEU E CG   1 
ATOM   1205 C CD1  . LEU A 1 76  ? -5.894  -0.313  -7.834  1.00 0.00 ? 76  LEU E CD1  1 
ATOM   1206 C CD2  . LEU A 1 76  ? -7.301  0.730   -6.050  1.00 0.00 ? 76  LEU E CD2  1 
ATOM   1207 H H    . LEU A 1 76  ? -4.137  2.009   -9.011  1.00 0.00 ? 76  LEU E H    1 
ATOM   1208 H HA   . LEU A 1 76  ? -5.938  3.570   -7.421  1.00 0.00 ? 76  LEU E HA   1 
ATOM   1209 H HB2  . LEU A 1 76  ? -4.216  1.153   -6.840  1.00 0.00 ? 76  LEU E HB2  1 
ATOM   1210 H HB3  . LEU A 1 76  ? -5.218  1.896   -5.591  1.00 0.00 ? 76  LEU E HB3  1 
ATOM   1211 H HG   . LEU A 1 76  ? -6.813  1.625   -7.940  1.00 0.00 ? 76  LEU E HG   1 
ATOM   1212 H HD11 . LEU A 1 76  ? -4.821  -0.411  -7.764  1.00 0.00 ? 76  LEU E HD11 1 
ATOM   1213 H HD12 . LEU A 1 76  ? -6.365  -1.134  -7.313  1.00 0.00 ? 76  LEU E HD12 1 
ATOM   1214 H HD13 . LEU A 1 76  ? -6.191  -0.328  -8.872  1.00 0.00 ? 76  LEU E HD13 1 
ATOM   1215 H HD21 . LEU A 1 76  ? -7.265  1.544   -5.340  1.00 0.00 ? 76  LEU E HD21 1 
ATOM   1216 H HD22 . LEU A 1 76  ? -8.304  0.639   -6.441  1.00 0.00 ? 76  LEU E HD22 1 
ATOM   1217 H HD23 . LEU A 1 76  ? -7.023  -0.190  -5.558  1.00 0.00 ? 76  LEU E HD23 1 
ATOM   1218 N N    . VAL A 1 77  ? -2.754  3.957   -6.893  1.00 0.00 ? 77  VAL E N    1 
ATOM   1219 C CA   . VAL A 1 77  ? -1.765  4.811   -6.178  1.00 0.00 ? 77  VAL E CA   1 
ATOM   1220 C C    . VAL A 1 77  ? -2.057  6.274   -6.492  1.00 0.00 ? 77  VAL E C    1 
ATOM   1221 O O    . VAL A 1 77  ? -2.444  7.043   -5.638  1.00 0.00 ? 77  VAL E O    1 
ATOM   1222 C CB   . VAL A 1 77  ? -0.357  4.484   -6.668  1.00 0.00 ? 77  VAL E CB   1 
ATOM   1223 C CG1  . VAL A 1 77  ? 0.650   5.361   -5.930  1.00 0.00 ? 77  VAL E CG1  1 
ATOM   1224 C CG2  . VAL A 1 77  ? -0.043  3.007   -6.409  1.00 0.00 ? 77  VAL E CG2  1 
ATOM   1225 H H    . VAL A 1 77  ? -2.458  3.376   -7.624  1.00 0.00 ? 77  VAL E H    1 
ATOM   1226 H HA   . VAL A 1 77  ? -1.833  4.641   -5.113  1.00 0.00 ? 77  VAL E HA   1 
ATOM   1227 H HB   . VAL A 1 77  ? -0.293  4.689   -7.725  1.00 0.00 ? 77  VAL E HB   1 
ATOM   1228 H HG11 . VAL A 1 77  ? 0.504   5.258   -4.865  1.00 0.00 ? 77  VAL E HG11 1 
ATOM   1229 H HG12 . VAL A 1 77  ? 1.653   5.054   -6.190  1.00 0.00 ? 77  VAL E HG12 1 
ATOM   1230 H HG13 . VAL A 1 77  ? 0.504   6.392   -6.215  1.00 0.00 ? 77  VAL E HG13 1 
ATOM   1231 H HG21 . VAL A 1 77  ? -0.847  2.396   -6.789  1.00 0.00 ? 77  VAL E HG21 1 
ATOM   1232 H HG22 . VAL A 1 77  ? 0.878   2.742   -6.910  1.00 0.00 ? 77  VAL E HG22 1 
ATOM   1233 H HG23 . VAL A 1 77  ? 0.064   2.841   -5.348  1.00 0.00 ? 77  VAL E HG23 1 
ATOM   1234 N N    . ASP A 1 78  ? -1.861  6.656   -7.723  1.00 0.00 ? 78  ASP E N    1 
ATOM   1235 C CA   . ASP A 1 78  ? -2.112  8.063   -8.132  1.00 0.00 ? 78  ASP E CA   1 
ATOM   1236 C C    . ASP A 1 78  ? -3.460  8.530   -7.576  1.00 0.00 ? 78  ASP E C    1 
ATOM   1237 O O    . ASP A 1 78  ? -3.588  9.628   -7.070  1.00 0.00 ? 78  ASP E O    1 
ATOM   1238 C CB   . ASP A 1 78  ? -2.135  8.136   -9.661  1.00 0.00 ? 78  ASP E CB   1 
ATOM   1239 C CG   . ASP A 1 78  ? -0.744  8.512   -10.175 1.00 0.00 ? 78  ASP E CG   1 
ATOM   1240 O OD1  . ASP A 1 78  ? -0.071  9.273   -9.498  1.00 0.00 ? 78  ASP E OD1  1 
ATOM   1241 O OD2  . ASP A 1 78  ? -0.376  8.034   -11.235 1.00 0.00 ? 78  ASP E OD2  1 
ATOM   1242 H H    . ASP A 1 78  ? -1.543  6.010   -8.385  1.00 0.00 ? 78  ASP E H    1 
ATOM   1243 H HA   . ASP A 1 78  ? -1.320  8.696   -7.749  1.00 0.00 ? 78  ASP E HA   1 
ATOM   1244 H HB2  . ASP A 1 78  ? -2.423  7.171   -10.065 1.00 0.00 ? 78  ASP E HB2  1 
ATOM   1245 H HB3  . ASP A 1 78  ? -2.848  8.883   -9.975  1.00 0.00 ? 78  ASP E HB3  1 
ATOM   1246 N N    . TYR A 1 79  ? -4.472  7.710   -7.668  1.00 0.00 ? 79  TYR E N    1 
ATOM   1247 C CA   . TYR A 1 79  ? -5.805  8.121   -7.141  1.00 0.00 ? 79  TYR E CA   1 
ATOM   1248 C C    . TYR A 1 79  ? -5.672  8.477   -5.662  1.00 0.00 ? 79  TYR E C    1 
ATOM   1249 O O    . TYR A 1 79  ? -5.977  9.576   -5.245  1.00 0.00 ? 79  TYR E O    1 
ATOM   1250 C CB   . TYR A 1 79  ? -6.802  6.972   -7.285  1.00 0.00 ? 79  TYR E CB   1 
ATOM   1251 C CG   . TYR A 1 79  ? -7.828  7.079   -6.180  1.00 0.00 ? 79  TYR E CG   1 
ATOM   1252 C CD1  . TYR A 1 79  ? -8.804  8.082   -6.229  1.00 0.00 ? 79  TYR E CD1  1 
ATOM   1253 C CD2  . TYR A 1 79  ? -7.799  6.182   -5.106  1.00 0.00 ? 79  TYR E CD2  1 
ATOM   1254 C CE1  . TYR A 1 79  ? -9.751  8.188   -5.203  1.00 0.00 ? 79  TYR E CE1  1 
ATOM   1255 C CE2  . TYR A 1 79  ? -8.745  6.289   -4.080  1.00 0.00 ? 79  TYR E CE2  1 
ATOM   1256 C CZ   . TYR A 1 79  ? -9.722  7.291   -4.130  1.00 0.00 ? 79  TYR E CZ   1 
ATOM   1257 O OH   . TYR A 1 79  ? -10.655 7.396   -3.118  1.00 0.00 ? 79  TYR E OH   1 
ATOM   1258 H H    . TYR A 1 79  ? -4.356  6.829   -8.080  1.00 0.00 ? 79  TYR E H    1 
ATOM   1259 H HA   . TYR A 1 79  ? -6.161  8.980   -7.690  1.00 0.00 ? 79  TYR E HA   1 
ATOM   1260 H HB2  . TYR A 1 79  ? -7.293  7.036   -8.245  1.00 0.00 ? 79  TYR E HB2  1 
ATOM   1261 H HB3  . TYR A 1 79  ? -6.283  6.028   -7.204  1.00 0.00 ? 79  TYR E HB3  1 
ATOM   1262 H HD1  . TYR A 1 79  ? -8.826  8.772   -7.059  1.00 0.00 ? 79  TYR E HD1  1 
ATOM   1263 H HD2  . TYR A 1 79  ? -7.045  5.409   -5.068  1.00 0.00 ? 79  TYR E HD2  1 
ATOM   1264 H HE1  . TYR A 1 79  ? -10.503 8.962   -5.241  1.00 0.00 ? 79  TYR E HE1  1 
ATOM   1265 H HE2  . TYR A 1 79  ? -8.723  5.598   -3.251  1.00 0.00 ? 79  TYR E HE2  1 
ATOM   1266 H HH   . TYR A 1 79  ? -11.462 6.965   -3.413  1.00 0.00 ? 79  TYR E HH   1 
ATOM   1267 N N    . HIS A 1 80  ? -5.217  7.548   -4.866  1.00 0.00 ? 80  HIS E N    1 
ATOM   1268 C CA   . HIS A 1 80  ? -5.059  7.822   -3.413  1.00 0.00 ? 80  HIS E CA   1 
ATOM   1269 C C    . HIS A 1 80  ? -3.892  8.787   -3.200  1.00 0.00 ? 80  HIS E C    1 
ATOM   1270 O O    . HIS A 1 80  ? -3.630  9.221   -2.097  1.00 0.00 ? 80  HIS E O    1 
ATOM   1271 C CB   . HIS A 1 80  ? -4.778  6.513   -2.673  1.00 0.00 ? 80  HIS E CB   1 
ATOM   1272 C CG   . HIS A 1 80  ? -6.058  5.982   -2.087  1.00 0.00 ? 80  HIS E CG   1 
ATOM   1273 N ND1  . HIS A 1 80  ? -6.328  4.626   -2.013  1.00 0.00 ? 80  HIS E ND1  1 
ATOM   1274 C CD2  . HIS A 1 80  ? -7.149  6.613   -1.545  1.00 0.00 ? 80  HIS E CD2  1 
ATOM   1275 C CE1  . HIS A 1 80  ? -7.540  4.485   -1.444  1.00 0.00 ? 80  HIS E CE1  1 
ATOM   1276 N NE2  . HIS A 1 80  ? -8.085  5.667   -1.140  1.00 0.00 ? 80  HIS E NE2  1 
ATOM   1277 H H    . HIS A 1 80  ? -4.978  6.671   -5.226  1.00 0.00 ? 80  HIS E H    1 
ATOM   1278 H HA   . HIS A 1 80  ? -5.966  8.267   -3.030  1.00 0.00 ? 80  HIS E HA   1 
ATOM   1279 H HB2  . HIS A 1 80  ? -4.372  5.789   -3.364  1.00 0.00 ? 80  HIS E HB2  1 
ATOM   1280 H HB3  . HIS A 1 80  ? -4.068  6.692   -1.879  1.00 0.00 ? 80  HIS E HB3  1 
ATOM   1281 H HD1  . HIS A 1 80  ? -5.744  3.900   -2.317  1.00 0.00 ? 80  HIS E HD1  1 
ATOM   1282 H HD2  . HIS A 1 80  ? -7.264  7.683   -1.446  1.00 0.00 ? 80  HIS E HD2  1 
ATOM   1283 H HE1  . HIS A 1 80  ? -8.014  3.533   -1.257  1.00 0.00 ? 80  HIS E HE1  1 
ATOM   1284 N N    . ARG A 1 81  ? -3.195  9.132   -4.249  1.00 0.00 ? 81  ARG E N    1 
ATOM   1285 C CA   . ARG A 1 81  ? -2.055  10.077  -4.108  1.00 0.00 ? 81  ARG E CA   1 
ATOM   1286 C C    . ARG A 1 81  ? -2.612  11.497  -4.051  1.00 0.00 ? 81  ARG E C    1 
ATOM   1287 O O    . ARG A 1 81  ? -2.008  12.397  -3.500  1.00 0.00 ? 81  ARG E O    1 
ATOM   1288 C CB   . ARG A 1 81  ? -1.120  9.933   -5.313  1.00 0.00 ? 81  ARG E CB   1 
ATOM   1289 C CG   . ARG A 1 81  ? -0.148  8.776   -5.070  1.00 0.00 ? 81  ARG E CG   1 
ATOM   1290 C CD   . ARG A 1 81  ? 1.245   9.182   -5.557  1.00 0.00 ? 81  ARG E CD   1 
ATOM   1291 N NE   . ARG A 1 81  ? 1.550   8.482   -6.835  1.00 0.00 ? 81  ARG E NE   1 
ATOM   1292 C CZ   . ARG A 1 81  ? 2.704   8.663   -7.417  1.00 0.00 ? 81  ARG E CZ   1 
ATOM   1293 N NH1  . ARG A 1 81  ? 3.043   9.851   -7.836  1.00 0.00 ? 81  ARG E NH1  1 
ATOM   1294 N NH2  . ARG A 1 81  ? 3.518   7.656   -7.581  1.00 0.00 ? 81  ARG E NH2  1 
ATOM   1295 H H    . ARG A 1 81  ? -3.428  8.779   -5.130  1.00 0.00 ? 81  ARG E H    1 
ATOM   1296 H HA   . ARG A 1 81  ? -1.513  9.861   -3.198  1.00 0.00 ? 81  ARG E HA   1 
ATOM   1297 H HB2  . ARG A 1 81  ? -1.704  9.733   -6.199  1.00 0.00 ? 81  ARG E HB2  1 
ATOM   1298 H HB3  . ARG A 1 81  ? -0.563  10.847  -5.447  1.00 0.00 ? 81  ARG E HB3  1 
ATOM   1299 H HG2  . ARG A 1 81  ? -0.112  8.554   -4.012  1.00 0.00 ? 81  ARG E HG2  1 
ATOM   1300 H HG3  . ARG A 1 81  ? -0.478  7.901   -5.615  1.00 0.00 ? 81  ARG E HG3  1 
ATOM   1301 H HD2  . ARG A 1 81  ? 1.265   10.248  -5.723  1.00 0.00 ? 81  ARG E HD2  1 
ATOM   1302 H HD3  . ARG A 1 81  ? 1.984   8.917   -4.813  1.00 0.00 ? 81  ARG E HD3  1 
ATOM   1303 H HE   . ARG A 1 81  ? 0.884   7.890   -7.243  1.00 0.00 ? 81  ARG E HE   1 
ATOM   1304 H HH11 . ARG A 1 81  ? 2.420   10.622  -7.710  1.00 0.00 ? 81  ARG E HH11 1 
ATOM   1305 H HH12 . ARG A 1 81  ? 3.928   9.990   -8.281  1.00 0.00 ? 81  ARG E HH12 1 
ATOM   1306 H HH21 . ARG A 1 81  ? 3.256   6.745   -7.261  1.00 0.00 ? 81  ARG E HH21 1 
ATOM   1307 H HH22 . ARG A 1 81  ? 4.402   7.796   -8.027  1.00 0.00 ? 81  ARG E HH22 1 
ATOM   1308 N N    . SER A 1 82  ? -3.776  11.692  -4.602  1.00 0.00 ? 82  SER E N    1 
ATOM   1309 C CA   . SER A 1 82  ? -4.410  13.036  -4.575  1.00 0.00 ? 82  SER E CA   1 
ATOM   1310 C C    . SER A 1 82  ? -5.626  12.972  -3.653  1.00 0.00 ? 82  SER E C    1 
ATOM   1311 O O    . SER A 1 82  ? -6.140  13.977  -3.205  1.00 0.00 ? 82  SER E O    1 
ATOM   1312 C CB   . SER A 1 82  ? -4.852  13.426  -5.985  1.00 0.00 ? 82  SER E CB   1 
ATOM   1313 O OG   . SER A 1 82  ? -4.334  12.485  -6.915  1.00 0.00 ? 82  SER E OG   1 
ATOM   1314 H H    . SER A 1 82  ? -4.246  10.941  -5.025  1.00 0.00 ? 82  SER E H    1 
ATOM   1315 H HA   . SER A 1 82  ? -3.705  13.764  -4.197  1.00 0.00 ? 82  SER E HA   1 
ATOM   1316 H HB2  . SER A 1 82  ? -5.928  13.425  -6.041  1.00 0.00 ? 82  SER E HB2  1 
ATOM   1317 H HB3  . SER A 1 82  ? -4.483  14.418  -6.217  1.00 0.00 ? 82  SER E HB3  1 
ATOM   1318 H HG   . SER A 1 82  ? -4.624  12.744  -7.793  1.00 0.00 ? 82  SER E HG   1 
ATOM   1319 N N    . THR A 1 83  ? -6.081  11.782  -3.359  1.00 0.00 ? 83  THR E N    1 
ATOM   1320 C CA   . THR A 1 83  ? -7.254  11.624  -2.460  1.00 0.00 ? 83  THR E CA   1 
ATOM   1321 C C    . THR A 1 83  ? -6.783  11.027  -1.135  1.00 0.00 ? 83  THR E C    1 
ATOM   1322 O O    . THR A 1 83  ? -5.971  10.123  -1.105  1.00 0.00 ? 83  THR E O    1 
ATOM   1323 C CB   . THR A 1 83  ? -8.276  10.691  -3.112  1.00 0.00 ? 83  THR E CB   1 
ATOM   1324 O OG1  . THR A 1 83  ? -8.470  11.074  -4.466  1.00 0.00 ? 83  THR E OG1  1 
ATOM   1325 C CG2  . THR A 1 83  ? -9.605  10.775  -2.361  1.00 0.00 ? 83  THR E CG2  1 
ATOM   1326 H H    . THR A 1 83  ? -5.642  10.988  -3.728  1.00 0.00 ? 83  THR E H    1 
ATOM   1327 H HA   . THR A 1 83  ? -7.702  12.590  -2.282  1.00 0.00 ? 83  THR E HA   1 
ATOM   1328 H HB   . THR A 1 83  ? -7.911  9.676   -3.074  1.00 0.00 ? 83  THR E HB   1 
ATOM   1329 H HG1  . THR A 1 83  ? -9.289  11.571  -4.519  1.00 0.00 ? 83  THR E HG1  1 
ATOM   1330 H HG21 . THR A 1 83  ? -9.592  11.630  -1.700  1.00 0.00 ? 83  THR E HG21 1 
ATOM   1331 H HG22 . THR A 1 83  ? -10.413 10.881  -3.070  1.00 0.00 ? 83  THR E HG22 1 
ATOM   1332 H HG23 . THR A 1 83  ? -9.750  9.875   -1.782  1.00 0.00 ? 83  THR E HG23 1 
ATOM   1333 N N    . SER A 1 84  ? -7.271  11.534  -0.038  1.00 0.00 ? 84  SER E N    1 
ATOM   1334 C CA   . SER A 1 84  ? -6.841  11.006  1.286   1.00 0.00 ? 84  SER E CA   1 
ATOM   1335 C C    . SER A 1 84  ? -7.014  9.490   1.329   1.00 0.00 ? 84  SER E C    1 
ATOM   1336 O O    . SER A 1 84  ? -7.273  8.847   0.331   1.00 0.00 ? 84  SER E O    1 
ATOM   1337 C CB   . SER A 1 84  ? -7.684  11.646  2.389   1.00 0.00 ? 84  SER E CB   1 
ATOM   1338 O OG   . SER A 1 84  ? -8.932  12.060  1.847   1.00 0.00 ? 84  SER E OG   1 
ATOM   1339 H H    . SER A 1 84  ? -7.916  12.271  -0.085  1.00 0.00 ? 84  SER E H    1 
ATOM   1340 H HA   . SER A 1 84  ? -5.798  11.244  1.448   1.00 0.00 ? 84  SER E HA   1 
ATOM   1341 H HB2  . SER A 1 84  ? -7.859  10.930  3.174   1.00 0.00 ? 84  SER E HB2  1 
ATOM   1342 H HB3  . SER A 1 84  ? -7.155  12.499  2.794   1.00 0.00 ? 84  SER E HB3  1 
ATOM   1343 H HG   . SER A 1 84  ? -9.607  11.917  2.514   1.00 0.00 ? 84  SER E HG   1 
ATOM   1344 N N    . VAL A 1 85  ? -6.857  8.918   2.485   1.00 0.00 ? 85  VAL E N    1 
ATOM   1345 C CA   . VAL A 1 85  ? -6.992  7.444   2.620   1.00 0.00 ? 85  VAL E CA   1 
ATOM   1346 C C    . VAL A 1 85  ? -7.751  7.117   3.901   1.00 0.00 ? 85  VAL E C    1 
ATOM   1347 O O    . VAL A 1 85  ? -8.526  6.182   3.956   1.00 0.00 ? 85  VAL E O    1 
ATOM   1348 C CB   . VAL A 1 85  ? -5.602  6.799   2.690   1.00 0.00 ? 85  VAL E CB   1 
ATOM   1349 C CG1  . VAL A 1 85  ? -5.087  6.542   1.274   1.00 0.00 ? 85  VAL E CG1  1 
ATOM   1350 C CG2  . VAL A 1 85  ? -4.617  7.718   3.429   1.00 0.00 ? 85  VAL E CG2  1 
ATOM   1351 H H    . VAL A 1 85  ? -6.641  9.464   3.270   1.00 0.00 ? 85  VAL E H    1 
ATOM   1352 H HA   . VAL A 1 85  ? -7.528  7.051   1.769   1.00 0.00 ? 85  VAL E HA   1 
ATOM   1353 H HB   . VAL A 1 85  ? -5.679  5.861   3.221   1.00 0.00 ? 85  VAL E HB   1 
ATOM   1354 H HG11 . VAL A 1 85  ? -5.518  7.266   0.598   1.00 0.00 ? 85  VAL E HG11 1 
ATOM   1355 H HG12 . VAL A 1 85  ? -4.011  6.631   1.261   1.00 0.00 ? 85  VAL E HG12 1 
ATOM   1356 H HG13 . VAL A 1 85  ? -5.371  5.547   0.964   1.00 0.00 ? 85  VAL E HG13 1 
ATOM   1357 H HG21 . VAL A 1 85  ? -4.944  8.742   3.365   1.00 0.00 ? 85  VAL E HG21 1 
ATOM   1358 H HG22 . VAL A 1 85  ? -4.563  7.425   4.467   1.00 0.00 ? 85  VAL E HG22 1 
ATOM   1359 H HG23 . VAL A 1 85  ? -3.635  7.628   2.984   1.00 0.00 ? 85  VAL E HG23 1 
ATOM   1360 N N    . SER A 1 86  ? -7.527  7.873   4.936   1.00 0.00 ? 86  SER E N    1 
ATOM   1361 C CA   . SER A 1 86  ? -8.224  7.600   6.220   1.00 0.00 ? 86  SER E CA   1 
ATOM   1362 C C    . SER A 1 86  ? -9.164  8.761   6.548   1.00 0.00 ? 86  SER E C    1 
ATOM   1363 O O    . SER A 1 86  ? -8.928  9.891   6.170   1.00 0.00 ? 86  SER E O    1 
ATOM   1364 C CB   . SER A 1 86  ? -7.181  7.446   7.325   1.00 0.00 ? 86  SER E CB   1 
ATOM   1365 O OG   . SER A 1 86  ? -7.743  6.708   8.403   1.00 0.00 ? 86  SER E OG   1 
ATOM   1366 H H    . SER A 1 86  ? -6.891  8.618   4.869   1.00 0.00 ? 86  SER E H    1 
ATOM   1367 H HA   . SER A 1 86  ? -8.795  6.686   6.133   1.00 0.00 ? 86  SER E HA   1 
ATOM   1368 H HB2  . SER A 1 86  ? -6.325  6.913   6.937   1.00 0.00 ? 86  SER E HB2  1 
ATOM   1369 H HB3  . SER A 1 86  ? -6.869  8.424   7.665   1.00 0.00 ? 86  SER E HB3  1 
ATOM   1370 H HG   . SER A 1 86  ? -7.032  6.233   8.840   1.00 0.00 ? 86  SER E HG   1 
ATOM   1371 N N    . ARG A 1 87  ? -10.235 8.490   7.244   1.00 0.00 ? 87  ARG E N    1 
ATOM   1372 C CA   . ARG A 1 87  ? -11.195 9.575   7.591   1.00 0.00 ? 87  ARG E CA   1 
ATOM   1373 C C    . ARG A 1 87  ? -10.716 10.304  8.850   1.00 0.00 ? 87  ARG E C    1 
ATOM   1374 O O    . ARG A 1 87  ? -11.440 11.077  9.444   1.00 0.00 ? 87  ARG E O    1 
ATOM   1375 C CB   . ARG A 1 87  ? -12.577 8.969   7.845   1.00 0.00 ? 87  ARG E CB   1 
ATOM   1376 C CG   . ARG A 1 87  ? -12.815 7.817   6.867   1.00 0.00 ? 87  ARG E CG   1 
ATOM   1377 C CD   . ARG A 1 87  ? -14.140 8.033   6.134   1.00 0.00 ? 87  ARG E CD   1 
ATOM   1378 N NE   . ARG A 1 87  ? -15.073 6.918   6.456   1.00 0.00 ? 87  ARG E NE   1 
ATOM   1379 C CZ   . ARG A 1 87  ? -16.337 7.164   6.665   1.00 0.00 ? 87  ARG E CZ   1 
ATOM   1380 N NH1  . ARG A 1 87  ? -16.987 7.964   5.863   1.00 0.00 ? 87  ARG E NH1  1 
ATOM   1381 N NH2  . ARG A 1 87  ? -16.951 6.613   7.676   1.00 0.00 ? 87  ARG E NH2  1 
ATOM   1382 H H    . ARG A 1 87  ? -10.410 7.571   7.535   1.00 0.00 ? 87  ARG E H    1 
ATOM   1383 H HA   . ARG A 1 87  ? -11.256 10.276  6.772   1.00 0.00 ? 87  ARG E HA   1 
ATOM   1384 H HB2  . ARG A 1 87  ? -12.626 8.599   8.859   1.00 0.00 ? 87  ARG E HB2  1 
ATOM   1385 H HB3  . ARG A 1 87  ? -13.335 9.724   7.699   1.00 0.00 ? 87  ARG E HB3  1 
ATOM   1386 H HG2  . ARG A 1 87  ? -12.008 7.781   6.149   1.00 0.00 ? 87  ARG E HG2  1 
ATOM   1387 H HG3  . ARG A 1 87  ? -12.855 6.885   7.412   1.00 0.00 ? 87  ARG E HG3  1 
ATOM   1388 H HD2  . ARG A 1 87  ? -14.576 8.970   6.448   1.00 0.00 ? 87  ARG E HD2  1 
ATOM   1389 H HD3  . ARG A 1 87  ? -13.962 8.058   5.069   1.00 0.00 ? 87  ARG E HD3  1 
ATOM   1390 H HE   . ARG A 1 87  ? -14.738 5.998   6.511   1.00 0.00 ? 87  ARG E HE   1 
ATOM   1391 H HH11 . ARG A 1 87  ? -16.516 8.386   5.089   1.00 0.00 ? 87  ARG E HH11 1 
ATOM   1392 H HH12 . ARG A 1 87  ? -17.956 8.152   6.023   1.00 0.00 ? 87  ARG E HH12 1 
ATOM   1393 H HH21 . ARG A 1 87  ? -16.452 6.002   8.291   1.00 0.00 ? 87  ARG E HH21 1 
ATOM   1394 H HH22 . ARG A 1 87  ? -17.920 6.802   7.837   1.00 0.00 ? 87  ARG E HH22 1 
ATOM   1395 N N    . ASN A 1 88  ? -9.499  10.066  9.260   1.00 0.00 ? 88  ASN E N    1 
ATOM   1396 C CA   . ASN A 1 88  ? -8.978  10.747  10.479  1.00 0.00 ? 88  ASN E CA   1 
ATOM   1397 C C    . ASN A 1 88  ? -8.033  11.877  10.065  1.00 0.00 ? 88  ASN E C    1 
ATOM   1398 O O    . ASN A 1 88  ? -7.867  12.852  10.773  1.00 0.00 ? 88  ASN E O    1 
ATOM   1399 C CB   . ASN A 1 88  ? -8.218  9.737   11.341  1.00 0.00 ? 88  ASN E CB   1 
ATOM   1400 C CG   . ASN A 1 88  ? -8.501  10.012  12.819  1.00 0.00 ? 88  ASN E CG   1 
ATOM   1401 O OD1  . ASN A 1 88  ? -9.643  10.111  13.224  1.00 0.00 ? 88  ASN E OD1  1 
ATOM   1402 N ND2  . ASN A 1 88  ? -7.502  10.142  13.649  1.00 0.00 ? 88  ASN E ND2  1 
ATOM   1403 H H    . ASN A 1 88  ? -8.929  9.440   8.768   1.00 0.00 ? 88  ASN E H    1 
ATOM   1404 H HA   . ASN A 1 88  ? -9.802  11.155  11.044  1.00 0.00 ? 88  ASN E HA   1 
ATOM   1405 H HB2  . ASN A 1 88  ? -8.543  8.737   11.092  1.00 0.00 ? 88  ASN E HB2  1 
ATOM   1406 H HB3  . ASN A 1 88  ? -7.158  9.829   11.156  1.00 0.00 ? 88  ASN E HB3  1 
ATOM   1407 H HD21 . ASN A 1 88  ? -6.581  10.062  13.324  1.00 0.00 ? 88  ASN E HD21 1 
ATOM   1408 H HD22 . ASN A 1 88  ? -7.673  10.320  14.598  1.00 0.00 ? 88  ASN E HD22 1 
ATOM   1409 N N    . GLN A 1 89  ? -7.415  11.758  8.922   1.00 0.00 ? 89  GLN E N    1 
ATOM   1410 C CA   . GLN A 1 89  ? -6.482  12.826  8.462   1.00 0.00 ? 89  GLN E CA   1 
ATOM   1411 C C    . GLN A 1 89  ? -6.408  12.810  6.934   1.00 0.00 ? 89  GLN E C    1 
ATOM   1412 O O    . GLN A 1 89  ? -7.141  12.099  6.275   1.00 0.00 ? 89  GLN E O    1 
ATOM   1413 C CB   . GLN A 1 89  ? -5.090  12.570  9.041   1.00 0.00 ? 89  GLN E CB   1 
ATOM   1414 C CG   . GLN A 1 89  ? -5.069  12.973  10.518  1.00 0.00 ? 89  GLN E CG   1 
ATOM   1415 C CD   . GLN A 1 89  ? -3.695  12.659  11.114  1.00 0.00 ? 89  GLN E CD   1 
ATOM   1416 O OE1  . GLN A 1 89  ? -3.136  13.460  11.836  1.00 0.00 ? 89  GLN E OE1  1 
ATOM   1417 N NE2  . GLN A 1 89  ? -3.123  11.517  10.841  1.00 0.00 ? 89  GLN E NE2  1 
ATOM   1418 H H    . GLN A 1 89  ? -7.564  10.965  8.367   1.00 0.00 ? 89  GLN E H    1 
ATOM   1419 H HA   . GLN A 1 89  ? -6.842  13.787  8.797   1.00 0.00 ? 89  GLN E HA   1 
ATOM   1420 H HB2  . GLN A 1 89  ? -4.848  11.521  8.949   1.00 0.00 ? 89  GLN E HB2  1 
ATOM   1421 H HB3  . GLN A 1 89  ? -4.362  13.157  8.501   1.00 0.00 ? 89  GLN E HB3  1 
ATOM   1422 H HG2  . GLN A 1 89  ? -5.267  14.030  10.606  1.00 0.00 ? 89  GLN E HG2  1 
ATOM   1423 H HG3  . GLN A 1 89  ? -5.826  12.419  11.053  1.00 0.00 ? 89  GLN E HG3  1 
ATOM   1424 H HE21 . GLN A 1 89  ? -3.574  10.870  10.260  1.00 0.00 ? 89  GLN E HE21 1 
ATOM   1425 H HE22 . GLN A 1 89  ? -2.244  11.308  11.220  1.00 0.00 ? 89  GLN E HE22 1 
ATOM   1426 N N    . GLN A 1 90  ? -5.528  13.588  6.362   1.00 0.00 ? 90  GLN E N    1 
ATOM   1427 C CA   . GLN A 1 90  ? -5.413  13.608  4.875   1.00 0.00 ? 90  GLN E CA   1 
ATOM   1428 C C    . GLN A 1 90  ? -4.104  12.949  4.454   1.00 0.00 ? 90  GLN E C    1 
ATOM   1429 O O    . GLN A 1 90  ? -3.131  13.616  4.162   1.00 0.00 ? 90  GLN E O    1 
ATOM   1430 C CB   . GLN A 1 90  ? -5.420  15.049  4.367   1.00 0.00 ? 90  GLN E CB   1 
ATOM   1431 C CG   . GLN A 1 90  ? -5.290  16.013  5.546   1.00 0.00 ? 90  GLN E CG   1 
ATOM   1432 C CD   . GLN A 1 90  ? -5.564  17.440  5.068   1.00 0.00 ? 90  GLN E CD   1 
ATOM   1433 O OE1  . GLN A 1 90  ? -4.755  18.325  5.269   1.00 0.00 ? 90  GLN E OE1  1 
ATOM   1434 N NE2  . GLN A 1 90  ? -6.677  17.705  4.439   1.00 0.00 ? 90  GLN E NE2  1 
ATOM   1435 H H    . GLN A 1 90  ? -4.943  14.153  6.909   1.00 0.00 ? 90  GLN E H    1 
ATOM   1436 H HA   . GLN A 1 90  ? -6.243  13.070  4.443   1.00 0.00 ? 90  GLN E HA   1 
ATOM   1437 H HB2  . GLN A 1 90  ? -4.587  15.189  3.689   1.00 0.00 ? 90  GLN E HB2  1 
ATOM   1438 H HB3  . GLN A 1 90  ? -6.345  15.242  3.844   1.00 0.00 ? 90  GLN E HB3  1 
ATOM   1439 H HG2  . GLN A 1 90  ? -6.004  15.744  6.311   1.00 0.00 ? 90  GLN E HG2  1 
ATOM   1440 H HG3  . GLN A 1 90  ? -4.291  15.956  5.949   1.00 0.00 ? 90  GLN E HG3  1 
ATOM   1441 H HE21 . GLN A 1 90  ? -7.328  16.991  4.274   1.00 0.00 ? 90  GLN E HE21 1 
ATOM   1442 H HE22 . GLN A 1 90  ? -6.862  18.616  4.131   1.00 0.00 ? 90  GLN E HE22 1 
ATOM   1443 N N    . ILE A 1 91  ? -4.066  11.649  4.408   1.00 0.00 ? 91  ILE E N    1 
ATOM   1444 C CA   . ILE A 1 91  ? -2.812  10.970  3.990   1.00 0.00 ? 91  ILE E CA   1 
ATOM   1445 C C    . ILE A 1 91  ? -2.986  10.444  2.567   1.00 0.00 ? 91  ILE E C    1 
ATOM   1446 O O    . ILE A 1 91  ? -4.086  10.182  2.122   1.00 0.00 ? 91  ILE E O    1 
ATOM   1447 C CB   . ILE A 1 91  ? -2.501  9.808   4.933   1.00 0.00 ? 91  ILE E CB   1 
ATOM   1448 C CG1  . ILE A 1 91  ? -2.797  10.216  6.380   1.00 0.00 ? 91  ILE E CG1  1 
ATOM   1449 C CG2  . ILE A 1 91  ? -1.024  9.448   4.803   1.00 0.00 ? 91  ILE E CG2  1 
ATOM   1450 C CD1  . ILE A 1 91  ? -3.699  9.167   7.032   1.00 0.00 ? 91  ILE E CD1  1 
ATOM   1451 H H    . ILE A 1 91  ? -4.860  11.125  4.640   1.00 0.00 ? 91  ILE E H    1 
ATOM   1452 H HA   . ILE A 1 91  ? -1.998  11.679  4.012   1.00 0.00 ? 91  ILE E HA   1 
ATOM   1453 H HB   . ILE A 1 91  ? -3.104  8.955   4.666   1.00 0.00 ? 91  ILE E HB   1 
ATOM   1454 H HG12 . ILE A 1 91  ? -1.870  10.286  6.929   1.00 0.00 ? 91  ILE E HG12 1 
ATOM   1455 H HG13 . ILE A 1 91  ? -3.295  11.174  6.392   1.00 0.00 ? 91  ILE E HG13 1 
ATOM   1456 H HG21 . ILE A 1 91  ? -0.465  10.334  4.549   1.00 0.00 ? 91  ILE E HG21 1 
ATOM   1457 H HG22 . ILE A 1 91  ? -0.666  9.054   5.743   1.00 0.00 ? 91  ILE E HG22 1 
ATOM   1458 H HG23 . ILE A 1 91  ? -0.899  8.710   4.023   1.00 0.00 ? 91  ILE E HG23 1 
ATOM   1459 H HD11 . ILE A 1 91  ? -3.258  8.188   6.912   1.00 0.00 ? 91  ILE E HD11 1 
ATOM   1460 H HD12 . ILE A 1 91  ? -3.805  9.386   8.085   1.00 0.00 ? 91  ILE E HD12 1 
ATOM   1461 H HD13 . ILE A 1 91  ? -4.670  9.184   6.562   1.00 0.00 ? 91  ILE E HD13 1 
ATOM   1462 N N    . PHE A 1 92  ? -1.915  10.296  1.842   1.00 0.00 ? 92  PHE E N    1 
ATOM   1463 C CA   . PHE A 1 92  ? -2.036  9.795   0.445   1.00 0.00 ? 92  PHE E CA   1 
ATOM   1464 C C    . PHE A 1 92  ? -0.853  8.869   0.127   1.00 0.00 ? 92  PHE E C    1 
ATOM   1465 O O    . PHE A 1 92  ? 0.189   8.948   0.747   1.00 0.00 ? 92  PHE E O    1 
ATOM   1466 C CB   . PHE A 1 92  ? -2.012  10.984  -0.525  1.00 0.00 ? 92  PHE E CB   1 
ATOM   1467 C CG   . PHE A 1 92  ? -3.048  12.020  -0.127  1.00 0.00 ? 92  PHE E CG   1 
ATOM   1468 C CD1  . PHE A 1 92  ? -2.876  12.788  1.038   1.00 0.00 ? 92  PHE E CD1  1 
ATOM   1469 C CD2  . PHE A 1 92  ? -4.175  12.229  -0.935  1.00 0.00 ? 92  PHE E CD2  1 
ATOM   1470 C CE1  . PHE A 1 92  ? -3.828  13.754  1.388   1.00 0.00 ? 92  PHE E CE1  1 
ATOM   1471 C CE2  . PHE A 1 92  ? -5.122  13.199  -0.581  1.00 0.00 ? 92  PHE E CE2  1 
ATOM   1472 C CZ   . PHE A 1 92  ? -4.950  13.959  0.579   1.00 0.00 ? 92  PHE E CZ   1 
ATOM   1473 H H    . PHE A 1 92  ? -1.035  10.518  2.210   1.00 0.00 ? 92  PHE E H    1 
ATOM   1474 H HA   . PHE A 1 92  ? -2.967  9.252   0.339   1.00 0.00 ? 92  PHE E HA   1 
ATOM   1475 H HB2  . PHE A 1 92  ? -1.032  11.436  -0.507  1.00 0.00 ? 92  PHE E HB2  1 
ATOM   1476 H HB3  . PHE A 1 92  ? -2.221  10.633  -1.526  1.00 0.00 ? 92  PHE E HB3  1 
ATOM   1477 H HD1  . PHE A 1 92  ? -2.015  12.635  1.668   1.00 0.00 ? 92  PHE E HD1  1 
ATOM   1478 H HD2  . PHE A 1 92  ? -4.316  11.643  -1.831  1.00 0.00 ? 92  PHE E HD2  1 
ATOM   1479 H HE1  . PHE A 1 92  ? -3.695  14.342  2.283   1.00 0.00 ? 92  PHE E HE1  1 
ATOM   1480 H HE2  . PHE A 1 92  ? -5.990  13.358  -1.204  1.00 0.00 ? 92  PHE E HE2  1 
ATOM   1481 H HZ   . PHE A 1 92  ? -5.682  14.706  0.851   1.00 0.00 ? 92  PHE E HZ   1 
ATOM   1482 N N    . LEU A 1 93  ? -0.998  8.001   -0.843  1.00 0.00 ? 93  LEU E N    1 
ATOM   1483 C CA   . LEU A 1 93  ? 0.130   7.087   -1.203  1.00 0.00 ? 93  LEU E CA   1 
ATOM   1484 C C    . LEU A 1 93  ? 1.325   7.929   -1.663  1.00 0.00 ? 93  LEU E C    1 
ATOM   1485 O O    . LEU A 1 93  ? 1.172   8.899   -2.380  1.00 0.00 ? 93  LEU E O    1 
ATOM   1486 C CB   . LEU A 1 93  ? -0.293  6.164   -2.362  1.00 0.00 ? 93  LEU E CB   1 
ATOM   1487 C CG   . LEU A 1 93  ? -1.079  4.932   -1.870  1.00 0.00 ? 93  LEU E CG   1 
ATOM   1488 C CD1  . LEU A 1 93  ? -0.501  3.662   -2.515  1.00 0.00 ? 93  LEU E CD1  1 
ATOM   1489 C CD2  . LEU A 1 93  ? -0.999  4.805   -0.344  1.00 0.00 ? 93  LEU E CD2  1 
ATOM   1490 H H    . LEU A 1 93  ? -1.842  7.958   -1.338  1.00 0.00 ? 93  LEU E H    1 
ATOM   1491 H HA   . LEU A 1 93  ? 0.419   6.505   -0.345  1.00 0.00 ? 93  LEU E HA   1 
ATOM   1492 H HB2  . LEU A 1 93  ? -0.913  6.724   -3.045  1.00 0.00 ? 93  LEU E HB2  1 
ATOM   1493 H HB3  . LEU A 1 93  ? 0.590   5.835   -2.883  1.00 0.00 ? 93  LEU E HB3  1 
ATOM   1494 H HG   . LEU A 1 93  ? -2.114  5.036   -2.166  1.00 0.00 ? 93  LEU E HG   1 
ATOM   1495 H HD11 . LEU A 1 93  ? 0.321   3.923   -3.168  1.00 0.00 ? 93  LEU E HD11 1 
ATOM   1496 H HD12 . LEU A 1 93  ? -0.147  2.995   -1.744  1.00 0.00 ? 93  LEU E HD12 1 
ATOM   1497 H HD13 . LEU A 1 93  ? -1.270  3.167   -3.090  1.00 0.00 ? 93  LEU E HD13 1 
ATOM   1498 H HD21 . LEU A 1 93  ? -1.307  5.734   0.111   1.00 0.00 ? 93  LEU E HD21 1 
ATOM   1499 H HD22 . LEU A 1 93  ? -1.651  4.009   -0.014  1.00 0.00 ? 93  LEU E HD22 1 
ATOM   1500 H HD23 . LEU A 1 93  ? 0.016   4.581   -0.052  1.00 0.00 ? 93  LEU E HD23 1 
ATOM   1501 N N    . ARG A 1 94  ? 2.516   7.565   -1.262  1.00 0.00 ? 94  ARG E N    1 
ATOM   1502 C CA   . ARG A 1 94  ? 3.718   8.344   -1.685  1.00 0.00 ? 94  ARG E CA   1 
ATOM   1503 C C    . ARG A 1 94  ? 4.854   7.376   -2.056  1.00 0.00 ? 94  ARG E C    1 
ATOM   1504 O O    . ARG A 1 94  ? 4.673   6.179   -2.107  1.00 0.00 ? 94  ARG E O    1 
ATOM   1505 C CB   . ARG A 1 94  ? 4.165   9.264   -0.540  1.00 0.00 ? 94  ARG E CB   1 
ATOM   1506 C CG   . ARG A 1 94  ? 3.023   10.214  -0.168  1.00 0.00 ? 94  ARG E CG   1 
ATOM   1507 C CD   . ARG A 1 94  ? 3.301   11.600  -0.749  1.00 0.00 ? 94  ARG E CD   1 
ATOM   1508 N NE   . ARG A 1 94  ? 2.113   12.056  -1.527  1.00 0.00 ? 94  ARG E NE   1 
ATOM   1509 C CZ   . ARG A 1 94  ? 2.033   13.294  -1.930  1.00 0.00 ? 94  ARG E CZ   1 
ATOM   1510 N NH1  . ARG A 1 94  ? 2.064   14.267  -1.060  1.00 0.00 ? 94  ARG E NH1  1 
ATOM   1511 N NH2  . ARG A 1 94  ? 1.920   13.560  -3.203  1.00 0.00 ? 94  ARG E NH2  1 
ATOM   1512 H H    . ARG A 1 94  ? 2.619   6.780   -0.686  1.00 0.00 ? 94  ARG E H    1 
ATOM   1513 H HA   . ARG A 1 94  ? 3.468   8.943   -2.547  1.00 0.00 ? 94  ARG E HA   1 
ATOM   1514 H HB2  . ARG A 1 94  ? 4.430   8.672   0.320   1.00 0.00 ? 94  ARG E HB2  1 
ATOM   1515 H HB3  . ARG A 1 94  ? 5.019   9.843   -0.857  1.00 0.00 ? 94  ARG E HB3  1 
ATOM   1516 H HG2  . ARG A 1 94  ? 2.094   9.836   -0.568  1.00 0.00 ? 94  ARG E HG2  1 
ATOM   1517 H HG3  . ARG A 1 94  ? 2.949   10.284  0.907   1.00 0.00 ? 94  ARG E HG3  1 
ATOM   1518 H HD2  . ARG A 1 94  ? 3.494   12.294  0.055   1.00 0.00 ? 94  ARG E HD2  1 
ATOM   1519 H HD3  . ARG A 1 94  ? 4.162   11.552  -1.399  1.00 0.00 ? 94  ARG E HD3  1 
ATOM   1520 H HE   . ARG A 1 94  ? 1.392   11.427  -1.734  1.00 0.00 ? 94  ARG E HE   1 
ATOM   1521 H HH11 . ARG A 1 94  ? 2.147   14.062  -0.085  1.00 0.00 ? 94  ARG E HH11 1 
ATOM   1522 H HH12 . ARG A 1 94  ? 2.003   15.215  -1.370  1.00 0.00 ? 94  ARG E HH12 1 
ATOM   1523 H HH21 . ARG A 1 94  ? 1.894   12.815  -3.870  1.00 0.00 ? 94  ARG E HH21 1 
ATOM   1524 H HH22 . ARG A 1 94  ? 1.860   14.509  -3.512  1.00 0.00 ? 94  ARG E HH22 1 
ATOM   1525 N N    . ASP A 1 95  ? 6.022   7.889   -2.333  1.00 0.00 ? 95  ASP E N    1 
ATOM   1526 C CA   . ASP A 1 95  ? 7.158   6.993   -2.717  1.00 0.00 ? 95  ASP E CA   1 
ATOM   1527 C C    . ASP A 1 95  ? 7.929   6.544   -1.465  1.00 0.00 ? 95  ASP E C    1 
ATOM   1528 O O    . ASP A 1 95  ? 8.233   7.339   -0.598  1.00 0.00 ? 95  ASP E O    1 
ATOM   1529 C CB   . ASP A 1 95  ? 8.104   7.750   -3.656  1.00 0.00 ? 95  ASP E CB   1 
ATOM   1530 C CG   . ASP A 1 95  ? 8.655   8.989   -2.943  1.00 0.00 ? 95  ASP E CG   1 
ATOM   1531 O OD1  . ASP A 1 95  ? 7.977   10.003  -2.949  1.00 0.00 ? 95  ASP E OD1  1 
ATOM   1532 O OD2  . ASP A 1 95  ? 9.748   8.902   -2.407  1.00 0.00 ? 95  ASP E OD2  1 
ATOM   1533 H H    . ASP A 1 95  ? 6.148   8.861   -2.303  1.00 0.00 ? 95  ASP E H    1 
ATOM   1534 H HA   . ASP A 1 95  ? 6.772   6.124   -3.229  1.00 0.00 ? 95  ASP E HA   1 
ATOM   1535 H HB2  . ASP A 1 95  ? 8.922   7.106   -3.940  1.00 0.00 ? 95  ASP E HB2  1 
ATOM   1536 H HB3  . ASP A 1 95  ? 7.563   8.058   -4.538  1.00 0.00 ? 95  ASP E HB3  1 
ATOM   1537 N N    . ILE A 1 96  ? 8.248   5.273   -1.365  1.00 0.00 ? 96  ILE E N    1 
ATOM   1538 C CA   . ILE A 1 96  ? 8.996   4.781   -0.173  1.00 0.00 ? 96  ILE E CA   1 
ATOM   1539 C C    . ILE A 1 96  ? 10.395  4.324   -0.566  1.00 0.00 ? 96  ILE E C    1 
ATOM   1540 O O    . ILE A 1 96  ? 10.647  3.934   -1.688  1.00 0.00 ? 96  ILE E O    1 
ATOM   1541 C CB   . ILE A 1 96  ? 8.302   3.566   0.427   1.00 0.00 ? 96  ILE E CB   1 
ATOM   1542 C CG1  . ILE A 1 96  ? 6.812   3.812   0.609   1.00 0.00 ? 96  ILE E CG1  1 
ATOM   1543 C CG2  . ILE A 1 96  ? 8.908   3.253   1.785   1.00 0.00 ? 96  ILE E CG2  1 
ATOM   1544 C CD1  . ILE A 1 96  ? 6.206   2.568   1.258   1.00 0.00 ? 96  ILE E CD1  1 
ATOM   1545 H H    . ILE A 1 96  ? 7.994   4.648   -2.071  1.00 0.00 ? 96  ILE E H    1 
ATOM   1546 H HA   . ILE A 1 96  ? 9.059   5.561   0.568   1.00 0.00 ? 96  ILE E HA   1 
ATOM   1547 H HB   . ILE A 1 96  ? 8.455   2.724   -0.225  1.00 0.00 ? 96  ILE E HB   1 
ATOM   1548 H HG12 . ILE A 1 96  ? 6.659   4.669   1.248   1.00 0.00 ? 96  ILE E HG12 1 
ATOM   1549 H HG13 . ILE A 1 96  ? 6.352   3.984   -0.348  1.00 0.00 ? 96  ILE E HG13 1 
ATOM   1550 H HG21 . ILE A 1 96  ? 9.972   3.120   1.682   1.00 0.00 ? 96  ILE E HG21 1 
ATOM   1551 H HG22 . ILE A 1 96  ? 8.705   4.067   2.457   1.00 0.00 ? 96  ILE E HG22 1 
ATOM   1552 H HG23 . ILE A 1 96  ? 8.465   2.348   2.172   1.00 0.00 ? 96  ILE E HG23 1 
ATOM   1553 H HD11 . ILE A 1 96  ? 6.849   2.237   2.066   1.00 0.00 ? 96  ILE E HD11 1 
ATOM   1554 H HD12 . ILE A 1 96  ? 5.230   2.805   1.652   1.00 0.00 ? 96  ILE E HD12 1 
ATOM   1555 H HD13 . ILE A 1 96  ? 6.117   1.785   0.523   1.00 0.00 ? 96  ILE E HD13 1 
ATOM   1556 N N    . GLU A 1 97  ? 11.279  4.315   0.388   1.00 0.00 ? 97  GLU E N    1 
ATOM   1557 C CA   . GLU A 1 97  ? 12.674  3.841   0.157   1.00 0.00 ? 97  GLU E CA   1 
ATOM   1558 C C    . GLU A 1 97  ? 13.209  4.339   -1.184  1.00 0.00 ? 97  GLU E C    1 
ATOM   1559 O O    . GLU A 1 97  ? 12.566  5.089   -1.888  1.00 0.00 ? 97  GLU E O    1 
ATOM   1560 C CB   . GLU A 1 97  ? 12.680  2.311   0.165   1.00 0.00 ? 97  GLU E CB   1 
ATOM   1561 C CG   . GLU A 1 97  ? 13.336  1.813   1.451   1.00 0.00 ? 97  GLU E CG   1 
ATOM   1562 C CD   . GLU A 1 97  ? 14.834  2.112   1.412   1.00 0.00 ? 97  GLU E CD   1 
ATOM   1563 O OE1  . GLU A 1 97  ? 15.185  3.280   1.390   1.00 0.00 ? 97  GLU E OE1  1 
ATOM   1564 O OE2  . GLU A 1 97  ? 15.606  1.168   1.406   1.00 0.00 ? 97  GLU E OE2  1 
ATOM   1565 H H    . GLU A 1 97  ? 11.009  4.592   1.282   1.00 0.00 ? 97  GLU E H    1 
ATOM   1566 H HA   . GLU A 1 97  ? 13.307  4.201   0.951   1.00 0.00 ? 97  GLU E HA   1 
ATOM   1567 H HB2  . GLU A 1 97  ? 11.664  1.947   0.114   1.00 0.00 ? 97  GLU E HB2  1 
ATOM   1568 H HB3  . GLU A 1 97  ? 13.237  1.948   -0.685  1.00 0.00 ? 97  GLU E HB3  1 
ATOM   1569 H HG2  . GLU A 1 97  ? 12.890  2.314   2.298   1.00 0.00 ? 97  GLU E HG2  1 
ATOM   1570 H HG3  . GLU A 1 97  ? 13.187  0.748   1.543   1.00 0.00 ? 97  GLU E HG3  1 
ATOM   1571 N N    . GLN A 1 98  ? 14.397  3.920   -1.538  1.00 0.00 ? 98  GLN E N    1 
ATOM   1572 C CA   . GLN A 1 98  ? 14.996  4.339   -2.839  1.00 0.00 ? 98  GLN E CA   1 
ATOM   1573 C C    . GLN A 1 98  ? 15.468  5.798   -2.801  1.00 0.00 ? 98  GLN E C    1 
ATOM   1574 O O    . GLN A 1 98  ? 16.191  6.226   -3.678  1.00 0.00 ? 98  GLN E O    1 
ATOM   1575 C CB   . GLN A 1 98  ? 13.945  4.177   -3.939  1.00 0.00 ? 98  GLN E CB   1 
ATOM   1576 C CG   . GLN A 1 98  ? 13.315  2.788   -3.831  1.00 0.00 ? 98  GLN E CG   1 
ATOM   1577 C CD   . GLN A 1 98  ? 11.830  2.852   -4.200  1.00 0.00 ? 98  GLN E CD   1 
ATOM   1578 O OE1  . GLN A 1 98  ? 11.028  2.126   -3.648  1.00 0.00 ? 98  GLN E OE1  1 
ATOM   1579 N NE2  . GLN A 1 98  ? 11.428  3.690   -5.117  1.00 0.00 ? 98  GLN E NE2  1 
ATOM   1580 H H    . GLN A 1 98  ? 14.892  3.314   -0.948  1.00 0.00 ? 98  GLN E H    1 
ATOM   1581 H HA   . GLN A 1 98  ? 15.837  3.702   -3.064  1.00 0.00 ? 98  GLN E HA   1 
ATOM   1582 H HB2  . GLN A 1 98  ? 13.183  4.933   -3.824  1.00 0.00 ? 98  GLN E HB2  1 
ATOM   1583 H HB3  . GLN A 1 98  ? 14.414  4.284   -4.904  1.00 0.00 ? 98  GLN E HB3  1 
ATOM   1584 H HG2  . GLN A 1 98  ? 13.824  2.111   -4.501  1.00 0.00 ? 98  GLN E HG2  1 
ATOM   1585 H HG3  . GLN A 1 98  ? 13.413  2.430   -2.816  1.00 0.00 ? 98  GLN E HG3  1 
ATOM   1586 H HE21 . GLN A 1 98  ? 12.071  4.275   -5.565  1.00 0.00 ? 98  GLN E HE21 1 
ATOM   1587 H HE22 . GLN A 1 98  ? 10.478  3.730   -5.357  1.00 0.00 ? 98  GLN E HE22 1 
ATOM   1588 N N    . VAL A 1 99  ? 15.060  6.561   -1.811  1.00 0.00 ? 99  VAL E N    1 
ATOM   1589 C CA   . VAL A 1 99  ? 15.463  8.005   -1.728  1.00 0.00 ? 99  VAL E CA   1 
ATOM   1590 C C    . VAL A 1 99  ? 15.225  8.659   -3.106  1.00 0.00 ? 99  VAL E C    1 
ATOM   1591 O O    . VAL A 1 99  ? 14.920  7.972   -4.056  1.00 0.00 ? 99  VAL E O    1 
ATOM   1592 C CB   . VAL A 1 99  ? 16.930  8.135   -1.266  1.00 0.00 ? 99  VAL E CB   1 
ATOM   1593 C CG1  . VAL A 1 99  ? 17.031  7.748   0.212   1.00 0.00 ? 99  VAL E CG1  1 
ATOM   1594 C CG2  . VAL A 1 99  ? 17.853  7.222   -2.077  1.00 0.00 ? 99  VAL E CG2  1 
ATOM   1595 H H    . VAL A 1 99  ? 14.473  6.188   -1.129  1.00 0.00 ? 99  VAL E H    1 
ATOM   1596 H HA   . VAL A 1 99  ? 14.823  8.495   -1.004  1.00 0.00 ? 99  VAL E HA   1 
ATOM   1597 H HB   . VAL A 1 99  ? 17.250  9.154   -1.375  1.00 0.00 ? 99  VAL E HB   1 
ATOM   1598 H HG11 . VAL A 1 99  ? 16.091  7.949   0.702   1.00 0.00 ? 99  VAL E HG11 1 
ATOM   1599 H HG12 . VAL A 1 99  ? 17.264  6.697   0.294   1.00 0.00 ? 99  VAL E HG12 1 
ATOM   1600 H HG13 . VAL A 1 99  ? 17.815  8.327   0.682   1.00 0.00 ? 99  VAL E HG13 1 
ATOM   1601 H HG21 . VAL A 1 99  ? 17.776  7.469   -3.126  1.00 0.00 ? 99  VAL E HG21 1 
ATOM   1602 H HG22 . VAL A 1 99  ? 18.873  7.362   -1.748  1.00 0.00 ? 99  VAL E HG22 1 
ATOM   1603 H HG23 . VAL A 1 99  ? 17.567  6.192   -1.924  1.00 0.00 ? 99  VAL E HG23 1 
ATOM   1604 N N    . PRO A 1 100 ? 15.315  9.968   -3.189  1.00 0.00 ? 100 PRO E N    1 
ATOM   1605 C CA   . PRO A 1 100 ? 15.058  10.669  -4.457  1.00 0.00 ? 100 PRO E CA   1 
ATOM   1606 C C    . PRO A 1 100 ? 16.216  10.497  -5.454  1.00 0.00 ? 100 PRO E C    1 
ATOM   1607 O O    . PRO A 1 100 ? 17.025  11.384  -5.630  1.00 0.00 ? 100 PRO E O    1 
ATOM   1608 C CB   . PRO A 1 100 ? 14.852  12.126  -4.032  1.00 0.00 ? 100 PRO E CB   1 
ATOM   1609 C CG   . PRO A 1 100 ? 15.522  12.281  -2.648  1.00 0.00 ? 100 PRO E CG   1 
ATOM   1610 C CD   . PRO A 1 100 ? 15.667  10.862  -2.063  1.00 0.00 ? 100 PRO E CD   1 
ATOM   1611 H HA   . PRO A 1 100 ? 14.150  10.299  -4.888  1.00 0.00 ? 100 PRO E HA   1 
ATOM   1612 H HB2  . PRO A 1 100 ? 15.314  12.790  -4.749  1.00 0.00 ? 100 PRO E HB2  1 
ATOM   1613 H HB3  . PRO A 1 100 ? 13.798  12.340  -3.950  1.00 0.00 ? 100 PRO E HB3  1 
ATOM   1614 H HG2  . PRO A 1 100 ? 16.491  12.744  -2.756  1.00 0.00 ? 100 PRO E HG2  1 
ATOM   1615 H HG3  . PRO A 1 100 ? 14.895  12.876  -2.000  1.00 0.00 ? 100 PRO E HG3  1 
ATOM   1616 H HD2  . PRO A 1 100 ? 16.681  10.704  -1.743  1.00 0.00 ? 100 PRO E HD2  1 
ATOM   1617 H HD3  . PRO A 1 100 ? 14.982  10.718  -1.245  1.00 0.00 ? 100 PRO E HD3  1 
ATOM   1618 N N    . GLN A 1 101 ? 16.259  9.340   -6.097  1.00 0.00 ? 101 GLN E N    1 
ATOM   1619 C CA   . GLN A 1 101 ? 17.319  8.998   -7.113  1.00 0.00 ? 101 GLN E CA   1 
ATOM   1620 C C    . GLN A 1 101 ? 18.331  10.137  -7.272  1.00 0.00 ? 101 GLN E C    1 
ATOM   1621 O O    . GLN A 1 101 ? 18.002  11.209  -7.733  1.00 0.00 ? 101 GLN E O    1 
ATOM   1622 C CB   . GLN A 1 101 ? 16.656  8.680   -8.461  1.00 0.00 ? 101 GLN E CB   1 
ATOM   1623 C CG   . GLN A 1 101 ? 15.642  7.539   -8.284  1.00 0.00 ? 101 GLN E CG   1 
ATOM   1624 C CD   . GLN A 1 101 ? 16.274  6.196   -8.668  1.00 0.00 ? 101 GLN E CD   1 
ATOM   1625 O OE1  . GLN A 1 101 ? 15.685  5.427   -9.402  1.00 0.00 ? 101 GLN E OE1  1 
ATOM   1626 N NE2  . GLN A 1 101 ? 17.447  5.872   -8.197  1.00 0.00 ? 101 GLN E NE2  1 
ATOM   1627 H H    . GLN A 1 101 ? 15.568  8.678   -5.903  1.00 0.00 ? 101 GLN E H    1 
ATOM   1628 H HA   . GLN A 1 101 ? 17.846  8.121   -6.774  1.00 0.00 ? 101 GLN E HA   1 
ATOM   1629 H HB2  . GLN A 1 101 ? 16.148  9.560   -8.826  1.00 0.00 ? 101 GLN E HB2  1 
ATOM   1630 H HB3  . GLN A 1 101 ? 17.411  8.380   -9.173  1.00 0.00 ? 101 GLN E HB3  1 
ATOM   1631 H HG2  . GLN A 1 101 ? 15.323  7.496   -7.256  1.00 0.00 ? 101 GLN E HG2  1 
ATOM   1632 H HG3  . GLN A 1 101 ? 14.784  7.720   -8.916  1.00 0.00 ? 101 GLN E HG3  1 
ATOM   1633 H HE21 . GLN A 1 101 ? 17.923  6.484   -7.600  1.00 0.00 ? 101 GLN E HE21 1 
ATOM   1634 H HE22 . GLN A 1 101 ? 17.849  5.013   -8.438  1.00 0.00 ? 101 GLN E HE22 1 
ATOM   1635 N N    . GLN A 1 102 ? 19.553  9.887   -6.847  1.00 0.00 ? 102 GLN E N    1 
ATOM   1636 C CA   . GLN A 1 102 ? 20.655  10.902  -6.892  1.00 0.00 ? 102 GLN E CA   1 
ATOM   1637 C C    . GLN A 1 102 ? 20.869  11.610  -5.521  1.00 0.00 ? 102 GLN E C    1 
ATOM   1638 O O    . GLN A 1 102 ? 21.593  12.586  -5.478  1.00 0.00 ? 102 GLN E O    1 
ATOM   1639 C CB   . GLN A 1 102 ? 20.376  11.969  -7.963  1.00 0.00 ? 102 GLN E CB   1 
ATOM   1640 C CG   . GLN A 1 102 ? 19.601  13.139  -7.354  1.00 0.00 ? 102 GLN E CG   1 
ATOM   1641 C CD   . GLN A 1 102 ? 20.548  14.307  -7.066  1.00 0.00 ? 102 GLN E CD   1 
ATOM   1642 O OE1  . GLN A 1 102 ? 21.340  14.690  -7.907  1.00 0.00 ? 102 GLN E OE1  1 
ATOM   1643 N NE2  . GLN A 1 102 ? 20.496  14.894  -5.902  1.00 0.00 ? 102 GLN E NE2  1 
ATOM   1644 H H    . GLN A 1 102 ? 19.743  9.005   -6.465  1.00 0.00 ? 102 GLN E H    1 
ATOM   1645 H HA   . GLN A 1 102 ? 21.571  10.394  -7.154  1.00 0.00 ? 102 GLN E HA   1 
ATOM   1646 H HB2  . GLN A 1 102 ? 21.313  12.331  -8.357  1.00 0.00 ? 102 GLN E HB2  1 
ATOM   1647 H HB3  . GLN A 1 102 ? 19.794  11.537  -8.762  1.00 0.00 ? 102 GLN E HB3  1 
ATOM   1648 H HG2  . GLN A 1 102 ? 18.844  13.457  -8.051  1.00 0.00 ? 102 GLN E HG2  1 
ATOM   1649 H HG3  . GLN A 1 102 ? 19.130  12.822  -6.435  1.00 0.00 ? 102 GLN E HG3  1 
ATOM   1650 H HE21 . GLN A 1 102 ? 19.856  14.583  -5.226  1.00 0.00 ? 102 GLN E HE21 1 
ATOM   1651 H HE22 . GLN A 1 102 ? 21.093  15.644  -5.704  1.00 0.00 ? 102 GLN E HE22 1 
ATOM   1652 N N    . PRO A 1 103 ? 20.263  11.141  -4.431  1.00 0.00 ? 103 PRO E N    1 
ATOM   1653 C CA   . PRO A 1 103 ? 20.446  11.791  -3.115  1.00 0.00 ? 103 PRO E CA   1 
ATOM   1654 C C    . PRO A 1 103 ? 21.758  11.331  -2.473  1.00 0.00 ? 103 PRO E C    1 
ATOM   1655 O O    . PRO A 1 103 ? 21.755  10.557  -1.535  1.00 0.00 ? 103 PRO E O    1 
ATOM   1656 C CB   . PRO A 1 103 ? 19.261  11.288  -2.292  1.00 0.00 ? 103 PRO E CB   1 
ATOM   1657 C CG   . PRO A 1 103 ? 18.828  9.955   -2.937  1.00 0.00 ? 103 PRO E CG   1 
ATOM   1658 C CD   . PRO A 1 103 ? 19.357  9.969   -4.375  1.00 0.00 ? 103 PRO E CD   1 
ATOM   1659 H HA   . PRO A 1 103 ? 20.413  12.865  -3.202  1.00 0.00 ? 103 PRO E HA   1 
ATOM   1660 H HB2  . PRO A 1 103 ? 19.555  11.132  -1.263  1.00 0.00 ? 103 PRO E HB2  1 
ATOM   1661 H HB3  . PRO A 1 103 ? 18.447  11.995  -2.344  1.00 0.00 ? 103 PRO E HB3  1 
ATOM   1662 H HG2  . PRO A 1 103 ? 19.252  9.124   -2.391  1.00 0.00 ? 103 PRO E HG2  1 
ATOM   1663 H HG3  . PRO A 1 103 ? 17.754  9.879   -2.954  1.00 0.00 ? 103 PRO E HG3  1 
ATOM   1664 H HD2  . PRO A 1 103 ? 19.891  9.054   -4.595  1.00 0.00 ? 103 PRO E HD2  1 
ATOM   1665 H HD3  . PRO A 1 103 ? 18.536  10.101  -5.047  1.00 0.00 ? 103 PRO E HD3  1 
ATOM   1666 N N    . THR A 1 104 ? 22.876  11.798  -2.965  1.00 0.00 ? 104 THR E N    1 
ATOM   1667 C CA   . THR A 1 104 ? 24.185  11.385  -2.377  1.00 0.00 ? 104 THR E CA   1 
ATOM   1668 C C    . THR A 1 104 ? 24.164  9.887   -2.061  1.00 0.00 ? 104 THR E C    1 
ATOM   1669 O O    . THR A 1 104 ? 24.929  9.474   -1.205  1.00 0.00 ? 104 THR E O    1 
ATOM   1670 C CB   . THR A 1 104 ? 24.435  12.171  -1.087  1.00 0.00 ? 104 THR E CB   1 
ATOM   1671 O OG1  . THR A 1 104 ? 24.185  11.334  0.034   1.00 0.00 ? 104 THR E OG1  1 
ATOM   1672 C CG2  . THR A 1 104 ? 23.502  13.381  -1.040  1.00 0.00 ? 104 THR E CG2  1 
ATOM   1673 O OXT  . THR A 1 104 ? 23.389  9.180   -2.682  1.00 0.00 ? 104 THR E OXT  1 
ATOM   1674 H H    . THR A 1 104 ? 22.854  12.424  -3.719  1.00 0.00 ? 104 THR E H    1 
ATOM   1675 H HA   . THR A 1 104 ? 24.976  11.592  -3.082  1.00 0.00 ? 104 THR E HA   1 
ATOM   1676 H HB   . THR A 1 104 ? 25.459  12.508  -1.064  1.00 0.00 ? 104 THR E HB   1 
ATOM   1677 H HG1  . THR A 1 104 ? 23.335  11.581  0.404   1.00 0.00 ? 104 THR E HG1  1 
ATOM   1678 H HG21 . THR A 1 104 ? 23.486  13.860  -2.008  1.00 0.00 ? 104 THR E HG21 1 
ATOM   1679 H HG22 . THR A 1 104 ? 22.505  13.056  -0.782  1.00 0.00 ? 104 THR E HG22 1 
ATOM   1680 H HG23 . THR A 1 104 ? 23.857  14.080  -0.296  1.00 0.00 ? 104 THR E HG23 1 
ATOM   1681 N N    . ASP B 2 1   ? -0.343  -14.414 13.639  1.00 0.00 ? 1   ASP I N    1 
ATOM   1682 C CA   . ASP B 2 1   ? 0.043   -13.047 14.090  1.00 0.00 ? 1   ASP I CA   1 
ATOM   1683 C C    . ASP B 2 1   ? 0.025   -12.090 12.896  1.00 0.00 ? 1   ASP I C    1 
ATOM   1684 O O    . ASP B 2 1   ? 1.051   -11.599 12.469  1.00 0.00 ? 1   ASP I O    1 
ATOM   1685 C CB   . ASP B 2 1   ? 1.449   -13.088 14.689  1.00 0.00 ? 1   ASP I CB   1 
ATOM   1686 C CG   . ASP B 2 1   ? 1.355   -13.294 16.202  1.00 0.00 ? 1   ASP I CG   1 
ATOM   1687 O OD1  . ASP B 2 1   ? 0.277   -13.104 16.740  1.00 0.00 ? 1   ASP I OD1  1 
ATOM   1688 O OD2  . ASP B 2 1   ? 2.364   -13.638 16.797  1.00 0.00 ? 1   ASP I OD2  1 
ATOM   1689 H H1   . ASP B 2 1   ? -0.230  -14.484 12.608  1.00 0.00 ? 1   ASP I H1   1 
ATOM   1690 H H2   . ASP B 2 1   ? 0.268   -15.117 14.100  1.00 0.00 ? 1   ASP I H2   1 
ATOM   1691 H H3   . ASP B 2 1   ? -1.336  -14.595 13.892  1.00 0.00 ? 1   ASP I H3   1 
ATOM   1692 H HA   . ASP B 2 1   ? -0.657  -12.703 14.837  1.00 0.00 ? 1   ASP I HA   1 
ATOM   1693 H HB2  . ASP B 2 1   ? 2.004   -13.904 14.248  1.00 0.00 ? 1   ASP I HB2  1 
ATOM   1694 H HB3  . ASP B 2 1   ? 1.955   -12.156 14.486  1.00 0.00 ? 1   ASP I HB3  1 
ATOM   1695 N N    . ASP B 2 2   ? -1.131  -11.823 12.353  1.00 0.00 ? 2   ASP I N    1 
ATOM   1696 C CA   . ASP B 2 2   ? -1.208  -10.899 11.186  1.00 0.00 ? 2   ASP I CA   1 
ATOM   1697 C C    . ASP B 2 2   ? -1.820  -9.565  11.633  1.00 0.00 ? 2   ASP I C    1 
ATOM   1698 O O    . ASP B 2 2   ? -2.770  -9.547  12.391  1.00 0.00 ? 2   ASP I O    1 
ATOM   1699 C CB   . ASP B 2 2   ? -2.085  -11.523 10.098  1.00 0.00 ? 2   ASP I CB   1 
ATOM   1700 C CG   . ASP B 2 2   ? -1.872  -13.038 10.076  1.00 0.00 ? 2   ASP I CG   1 
ATOM   1701 O OD1  . ASP B 2 2   ? -0.830  -13.476 10.534  1.00 0.00 ? 2   ASP I OD1  1 
ATOM   1702 O OD2  . ASP B 2 2   ? -2.754  -13.734 9.600   1.00 0.00 ? 2   ASP I OD2  1 
ATOM   1703 H H    . ASP B 2 2   ? -1.947  -12.229 12.711  1.00 0.00 ? 2   ASP I H    1 
ATOM   1704 H HA   . ASP B 2 2   ? -0.215  -10.735 10.798  1.00 0.00 ? 2   ASP I HA   1 
ATOM   1705 H HB2  . ASP B 2 2   ? -3.124  -11.309 10.306  1.00 0.00 ? 2   ASP I HB2  1 
ATOM   1706 H HB3  . ASP B 2 2   ? -1.816  -11.109 9.138   1.00 0.00 ? 2   ASP I HB3  1 
ATOM   1707 N N    . PRO B 2 3   ? -1.257  -8.487  11.147  1.00 0.00 ? 3   PRO I N    1 
ATOM   1708 C CA   . PRO B 2 3   ? -1.725  -7.129  11.478  1.00 0.00 ? 3   PRO I CA   1 
ATOM   1709 C C    . PRO B 2 3   ? -2.953  -6.771  10.637  1.00 0.00 ? 3   PRO I C    1 
ATOM   1710 O O    . PRO B 2 3   ? -3.719  -5.893  10.979  1.00 0.00 ? 3   PRO I O    1 
ATOM   1711 C CB   . PRO B 2 3   ? -0.541  -6.241  11.093  1.00 0.00 ? 3   PRO I CB   1 
ATOM   1712 C CG   . PRO B 2 3   ? 0.281   -7.038  10.052  1.00 0.00 ? 3   PRO I CG   1 
ATOM   1713 C CD   . PRO B 2 3   ? -0.102  -8.520  10.229  1.00 0.00 ? 3   PRO I CD   1 
ATOM   1714 H HA   . PRO B 2 3   ? -1.934  -7.037  12.531  1.00 0.00 ? 3   PRO I HA   1 
ATOM   1715 H HB2  . PRO B 2 3   ? -0.897  -5.315  10.660  1.00 0.00 ? 3   PRO I HB2  1 
ATOM   1716 H HB3  . PRO B 2 3   ? 0.070   -6.037  11.958  1.00 0.00 ? 3   PRO I HB3  1 
ATOM   1717 H HG2  . PRO B 2 3   ? 0.031   -6.706  9.051   1.00 0.00 ? 3   PRO I HG2  1 
ATOM   1718 H HG3  . PRO B 2 3   ? 1.336   -6.911  10.233  1.00 0.00 ? 3   PRO I HG3  1 
ATOM   1719 H HD2  . PRO B 2 3   ? -0.382  -8.954  9.278   1.00 0.00 ? 3   PRO I HD2  1 
ATOM   1720 H HD3  . PRO B 2 3   ? 0.712   -9.072  10.674  1.00 0.00 ? 3   PRO I HD3  1 
ATOM   1721 N N    . SER B 2 4   ? -3.131  -7.438  9.531   1.00 0.00 ? 4   SER I N    1 
ATOM   1722 C CA   . SER B 2 4   ? -4.294  -7.137  8.651   1.00 0.00 ? 4   SER I CA   1 
ATOM   1723 C C    . SER B 2 4   ? -4.004  -5.866  7.857   1.00 0.00 ? 4   SER I C    1 
ATOM   1724 O O    . SER B 2 4   ? -2.938  -5.292  7.948   1.00 0.00 ? 4   SER I O    1 
ATOM   1725 C CB   . SER B 2 4   ? -5.554  -6.932  9.494   1.00 0.00 ? 4   SER I CB   1 
ATOM   1726 O OG   . SER B 2 4   ? -5.597  -7.912  10.522  1.00 0.00 ? 4   SER I OG   1 
ATOM   1727 H H    . SER B 2 4   ? -2.491  -8.134  9.272   1.00 0.00 ? 4   SER I H    1 
ATOM   1728 H HA   . SER B 2 4   ? -4.448  -7.959  7.968   1.00 0.00 ? 4   SER I HA   1 
ATOM   1729 H HB2  . SER B 2 4   ? -5.536  -5.951  9.939   1.00 0.00 ? 4   SER I HB2  1 
ATOM   1730 H HB3  . SER B 2 4   ? -6.428  -7.020  8.857   1.00 0.00 ? 4   SER I HB3  1 
ATOM   1731 H HG   . SER B 2 4   ? -6.519  -8.077  10.736  1.00 0.00 ? 4   SER I HG   1 
HETATM 1732 N N    . PTR B 2 5   ? -4.946  -5.427  7.073   1.00 0.00 ? 5   PTR I N    1 
HETATM 1733 C CA   . PTR B 2 5   ? -4.739  -4.199  6.260   1.00 0.00 ? 5   PTR I CA   1 
HETATM 1734 C C    . PTR B 2 5   ? -5.946  -3.276  6.434   1.00 0.00 ? 5   PTR I C    1 
HETATM 1735 O O    . PTR B 2 5   ? -7.021  -3.610  6.038   1.00 0.00 ? 5   PTR I O    1 
HETATM 1736 C CB   . PTR B 2 5   ? -4.593  -4.614  4.793   1.00 0.00 ? 5   PTR I CB   1 
HETATM 1737 C CG   . PTR B 2 5   ? -3.906  -5.952  4.759   1.00 0.00 ? 5   PTR I CG   1 
HETATM 1738 C CD1  . PTR B 2 5   ? -2.551  -6.043  5.081   1.00 0.00 ? 5   PTR I CD1  1 
HETATM 1739 C CD2  . PTR B 2 5   ? -4.630  -7.099  4.439   1.00 0.00 ? 5   PTR I CD2  1 
HETATM 1740 C CE1  . PTR B 2 5   ? -1.915  -7.289  5.088   1.00 0.00 ? 5   PTR I CE1  1 
HETATM 1741 C CE2  . PTR B 2 5   ? -3.996  -8.348  4.437   1.00 0.00 ? 5   PTR I CE2  1 
HETATM 1742 C CZ   . PTR B 2 5   ? -2.639  -8.443  4.765   1.00 0.00 ? 5   PTR I CZ   1 
HETATM 1743 O OH   . PTR B 2 5   ? -1.998  -9.721  4.781   1.00 0.00 ? 5   PTR I OH   1 
HETATM 1744 P P    . PTR B 2 5   ? -0.713  -10.005 3.860   1.00 0.00 ? 5   PTR I P    1 
HETATM 1745 O O1P  . PTR B 2 5   ? -0.413  -11.434 4.097   1.00 0.00 ? 5   PTR I O1P  1 
HETATM 1746 O O2P  . PTR B 2 5   ? -1.184  -9.698  2.492   1.00 0.00 ? 5   PTR I O2P  1 
HETATM 1747 O O3P  . PTR B 2 5   ? 0.312   -9.073  4.380   1.00 0.00 ? 5   PTR I O3P  1 
HETATM 1748 H H    . PTR B 2 5   ? -5.793  -5.913  7.014   1.00 0.00 ? 5   PTR I H    1 
HETATM 1749 H HA   . PTR B 2 5   ? -3.844  -3.694  6.586   1.00 0.00 ? 5   PTR I HA   1 
HETATM 1750 H HB2  . PTR B 2 5   ? -4.000  -3.894  4.258   1.00 0.00 ? 5   PTR I HB2  1 
HETATM 1751 H HB3  . PTR B 2 5   ? -5.569  -4.693  4.338   1.00 0.00 ? 5   PTR I HB3  1 
HETATM 1752 H HD1  . PTR B 2 5   ? -1.995  -5.148  5.321   1.00 0.00 ? 5   PTR I HD1  1 
HETATM 1753 H HD2  . PTR B 2 5   ? -5.675  -7.021  4.183   1.00 0.00 ? 5   PTR I HD2  1 
HETATM 1754 H HE1  . PTR B 2 5   ? -0.867  -7.359  5.340   1.00 0.00 ? 5   PTR I HE1  1 
HETATM 1755 H HE2  . PTR B 2 5   ? -4.555  -9.236  4.187   1.00 0.00 ? 5   PTR I HE2  1 
ATOM   1756 N N    . VAL B 2 6   ? -5.759  -2.133  7.042   1.00 0.00 ? 6   VAL I N    1 
ATOM   1757 C CA   . VAL B 2 6   ? -6.884  -1.155  7.279   1.00 0.00 ? 6   VAL I CA   1 
ATOM   1758 C C    . VAL B 2 6   ? -8.208  -1.588  6.610   1.00 0.00 ? 6   VAL I C    1 
ATOM   1759 O O    . VAL B 2 6   ? -9.167  -1.907  7.286   1.00 0.00 ? 6   VAL I O    1 
ATOM   1760 C CB   . VAL B 2 6   ? -6.477  0.208   6.740   1.00 0.00 ? 6   VAL I CB   1 
ATOM   1761 C CG1  . VAL B 2 6   ? -5.344  0.005   5.755   1.00 0.00 ? 6   VAL I CG1  1 
ATOM   1762 C CG2  . VAL B 2 6   ? -7.667  0.888   6.044   1.00 0.00 ? 6   VAL I CG2  1 
ATOM   1763 H H    . VAL B 2 6   ? -4.861  -1.909  7.364   1.00 0.00 ? 6   VAL I H    1 
ATOM   1764 H HA   . VAL B 2 6   ? -7.036  -1.061  8.341   1.00 0.00 ? 6   VAL I HA   1 
ATOM   1765 H HB   . VAL B 2 6   ? -6.133  0.827   7.557   1.00 0.00 ? 6   VAL I HB   1 
ATOM   1766 H HG11 . VAL B 2 6   ? -4.528  -0.491  6.256   1.00 0.00 ? 6   VAL I HG11 1 
ATOM   1767 H HG12 . VAL B 2 6   ? -5.687  -0.603  4.932   1.00 0.00 ? 6   VAL I HG12 1 
ATOM   1768 H HG13 . VAL B 2 6   ? -5.017  0.957   5.392   1.00 0.00 ? 6   VAL I HG13 1 
ATOM   1769 H HG21 . VAL B 2 6   ? -8.583  0.646   6.564   1.00 0.00 ? 6   VAL I HG21 1 
ATOM   1770 H HG22 . VAL B 2 6   ? -7.526  1.957   6.061   1.00 0.00 ? 6   VAL I HG22 1 
ATOM   1771 H HG23 . VAL B 2 6   ? -7.733  0.548   5.018   1.00 0.00 ? 6   VAL I HG23 1 
ATOM   1772 N N    . ASN B 2 7   ? -8.287  -1.574  5.293   1.00 0.00 ? 7   ASN I N    1 
ATOM   1773 C CA   . ASN B 2 7   ? -9.578  -1.955  4.630   1.00 0.00 ? 7   ASN I CA   1 
ATOM   1774 C C    . ASN B 2 7   ? -9.918  -3.412  4.936   1.00 0.00 ? 7   ASN I C    1 
ATOM   1775 O O    . ASN B 2 7   ? -11.037 -3.716  5.291   1.00 0.00 ? 7   ASN I O    1 
ATOM   1776 C CB   . ASN B 2 7   ? -9.519  -1.703  3.107   1.00 0.00 ? 7   ASN I CB   1 
ATOM   1777 C CG   . ASN B 2 7   ? -8.594  -2.686  2.360   1.00 0.00 ? 7   ASN I CG   1 
ATOM   1778 O OD1  . ASN B 2 7   ? -8.602  -3.875  2.572   1.00 0.00 ? 7   ASN I OD1  1 
ATOM   1779 N ND2  . ASN B 2 7   ? -7.777  -2.218  1.472   1.00 0.00 ? 7   ASN I ND2  1 
ATOM   1780 H H    . ASN B 2 7   ? -7.519  -1.293  4.754   1.00 0.00 ? 7   ASN I H    1 
ATOM   1781 H HA   . ASN B 2 7   ? -10.362 -1.333  5.047   1.00 0.00 ? 7   ASN I HA   1 
ATOM   1782 H HB2  . ASN B 2 7   ? -10.515 -1.796  2.702   1.00 0.00 ? 7   ASN I HB2  1 
ATOM   1783 H HB3  . ASN B 2 7   ? -9.169  -0.695  2.937   1.00 0.00 ? 7   ASN I HB3  1 
ATOM   1784 H HD21 . ASN B 2 7   ? -7.743  -1.256  1.310   1.00 0.00 ? 7   ASN I HD21 1 
ATOM   1785 H HD22 . ASN B 2 7   ? -7.234  -2.832  0.923   1.00 0.00 ? 7   ASN I HD22 1 
ATOM   1786 N N    . VAL B 2 8   ? -8.953  -4.287  4.812   1.00 0.00 ? 8   VAL I N    1 
ATOM   1787 C CA   . VAL B 2 8   ? -9.141  -5.742  5.106   1.00 0.00 ? 8   VAL I CA   1 
ATOM   1788 C C    . VAL B 2 8   ? -10.488 -6.006  5.768   1.00 0.00 ? 8   VAL I C    1 
ATOM   1789 O O    . VAL B 2 8   ? -10.798 -5.449  6.803   1.00 0.00 ? 8   VAL I O    1 
ATOM   1790 C CB   . VAL B 2 8   ? -8.058  -6.170  6.077   1.00 0.00 ? 8   VAL I CB   1 
ATOM   1791 C CG1  . VAL B 2 8   ? -8.243  -5.382  7.375   1.00 0.00 ? 8   VAL I CG1  1 
ATOM   1792 C CG2  . VAL B 2 8   ? -8.204  -7.664  6.345   1.00 0.00 ? 8   VAL I CG2  1 
ATOM   1793 H H    . VAL B 2 8   ? -8.074  -3.978  4.523   1.00 0.00 ? 8   VAL I H    1 
ATOM   1794 H HA   . VAL B 2 8   ? -9.055  -6.318  4.200   1.00 0.00 ? 8   VAL I HA   1 
ATOM   1795 H HB   . VAL B 2 8   ? -7.083  -5.961  5.657   1.00 0.00 ? 8   VAL I HB   1 
ATOM   1796 H HG11 . VAL B 2 8   ? -8.585  -4.380  7.139   1.00 0.00 ? 8   VAL I HG11 1 
ATOM   1797 H HG12 . VAL B 2 8   ? -8.977  -5.875  7.995   1.00 0.00 ? 8   VAL I HG12 1 
ATOM   1798 H HG13 . VAL B 2 8   ? -7.302  -5.323  7.901   1.00 0.00 ? 8   VAL I HG13 1 
ATOM   1799 H HG21 . VAL B 2 8   ? -9.257  -7.917  6.383   1.00 0.00 ? 8   VAL I HG21 1 
ATOM   1800 H HG22 . VAL B 2 8   ? -7.727  -8.218  5.548   1.00 0.00 ? 8   VAL I HG22 1 
ATOM   1801 H HG23 . VAL B 2 8   ? -7.738  -7.910  7.287   1.00 0.00 ? 8   VAL I HG23 1 
ATOM   1802 N N    . GLN B 2 9   ? -11.294 -6.846  5.196   1.00 0.00 ? 9   GLN I N    1 
ATOM   1803 C CA   . GLN B 2 9   ? -12.609 -7.116  5.822   1.00 0.00 ? 9   GLN I CA   1 
ATOM   1804 C C    . GLN B 2 9   ? -12.409 -7.446  7.300   1.00 0.00 ? 9   GLN I C    1 
ATOM   1805 O O    . GLN B 2 9   ? -11.389 -7.974  7.698   1.00 0.00 ? 9   GLN I O    1 
ATOM   1806 C CB   . GLN B 2 9   ? -13.296 -8.286  5.112   1.00 0.00 ? 9   GLN I CB   1 
ATOM   1807 C CG   . GLN B 2 9   ? -12.549 -9.585  5.419   1.00 0.00 ? 9   GLN I CG   1 
ATOM   1808 C CD   . GLN B 2 9   ? -13.424 -10.778 5.028   1.00 0.00 ? 9   GLN I CD   1 
ATOM   1809 O OE1  . GLN B 2 9   ? -14.300 -11.172 5.772   1.00 0.00 ? 9   GLN I OE1  1 
ATOM   1810 N NE2  . GLN B 2 9   ? -13.223 -11.373 3.884   1.00 0.00 ? 9   GLN I NE2  1 
ATOM   1811 H H    . GLN B 2 9   ? -11.038 -7.294  4.363   1.00 0.00 ? 9   GLN I H    1 
ATOM   1812 H HA   . GLN B 2 9   ? -13.217 -6.236  5.740   1.00 0.00 ? 9   GLN I HA   1 
ATOM   1813 H HB2  . GLN B 2 9   ? -14.317 -8.365  5.458   1.00 0.00 ? 9   GLN I HB2  1 
ATOM   1814 H HB3  . GLN B 2 9   ? -13.291 -8.112  4.046   1.00 0.00 ? 9   GLN I HB3  1 
ATOM   1815 H HG2  . GLN B 2 9   ? -11.628 -9.612  4.855   1.00 0.00 ? 9   GLN I HG2  1 
ATOM   1816 H HG3  . GLN B 2 9   ? -12.328 -9.633  6.474   1.00 0.00 ? 9   GLN I HG3  1 
ATOM   1817 H HE21 . GLN B 2 9   ? -12.518 -11.055 3.283   1.00 0.00 ? 9   GLN I HE21 1 
ATOM   1818 H HE22 . GLN B 2 9   ? -13.779 -12.139 3.626   1.00 0.00 ? 9   GLN I HE22 1 
ATOM   1819 N N    . ASN B 2 10  ? -13.376 -7.128  8.120   1.00 0.00 ? 10  ASN I N    1 
ATOM   1820 C CA   . ASN B 2 10  ? -13.247 -7.416  9.576   1.00 0.00 ? 10  ASN I CA   1 
ATOM   1821 C C    . ASN B 2 10  ? -12.657 -8.813  9.768   1.00 0.00 ? 10  ASN I C    1 
ATOM   1822 O O    . ASN B 2 10  ? -12.589 -9.600  8.845   1.00 0.00 ? 10  ASN I O    1 
ATOM   1823 C CB   . ASN B 2 10  ? -14.626 -7.350  10.234  1.00 0.00 ? 10  ASN I CB   1 
ATOM   1824 C CG   . ASN B 2 10  ? -14.685 -6.145  11.177  1.00 0.00 ? 10  ASN I CG   1 
ATOM   1825 O OD1  . ASN B 2 10  ? -15.100 -6.268  12.312  1.00 0.00 ? 10  ASN I OD1  1 
ATOM   1826 N ND2  . ASN B 2 10  ? -14.280 -4.977  10.754  1.00 0.00 ? 10  ASN I ND2  1 
ATOM   1827 H H    . ASN B 2 10  ? -14.185 -6.696  7.777   1.00 0.00 ? 10  ASN I H    1 
ATOM   1828 H HA   . ASN B 2 10  ? -12.596 -6.684  10.033  1.00 0.00 ? 10  ASN I HA   1 
ATOM   1829 H HB2  . ASN B 2 10  ? -15.385 -7.250  9.471   1.00 0.00 ? 10  ASN I HB2  1 
ATOM   1830 H HB3  . ASN B 2 10  ? -14.799 -8.254  10.798  1.00 0.00 ? 10  ASN I HB3  1 
ATOM   1831 H HD21 . ASN B 2 10  ? -13.943 -4.877  9.839   1.00 0.00 ? 10  ASN I HD21 1 
ATOM   1832 H HD22 . ASN B 2 10  ? -14.315 -4.201  11.352  1.00 0.00 ? 10  ASN I HD22 1 
ATOM   1833 N N    . LEU B 2 11  ? -12.226 -9.128  10.958  1.00 0.00 ? 11  LEU I N    1 
ATOM   1834 C CA   . LEU B 2 11  ? -11.638 -10.475 11.200  1.00 0.00 ? 11  LEU I CA   1 
ATOM   1835 C C    . LEU B 2 11  ? -12.753 -11.519 11.298  1.00 0.00 ? 11  LEU I C    1 
ATOM   1836 O O    . LEU B 2 11  ? -12.503 -12.679 11.560  1.00 0.00 ? 11  LEU I O    1 
ATOM   1837 C CB   . LEU B 2 11  ? -10.838 -10.454 12.504  1.00 0.00 ? 11  LEU I CB   1 
ATOM   1838 C CG   . LEU B 2 11  ? -9.400  -10.888 12.219  1.00 0.00 ? 11  LEU I CG   1 
ATOM   1839 C CD1  . LEU B 2 11  ? -8.430  -9.929  12.913  1.00 0.00 ? 11  LEU I CD1  1 
ATOM   1840 C CD2  . LEU B 2 11  ? -9.182  -12.308 12.749  1.00 0.00 ? 11  LEU I CD2  1 
ATOM   1841 H H    . LEU B 2 11  ? -12.288 -8.479  11.691  1.00 0.00 ? 11  LEU I H    1 
ATOM   1842 H HA   . LEU B 2 11  ? -10.982 -10.728 10.382  1.00 0.00 ? 11  LEU I HA   1 
ATOM   1843 H HB2  . LEU B 2 11  ? -10.840 -9.454  12.912  1.00 0.00 ? 11  LEU I HB2  1 
ATOM   1844 H HB3  . LEU B 2 11  ? -11.285 -11.135 13.213  1.00 0.00 ? 11  LEU I HB3  1 
ATOM   1845 H HG   . LEU B 2 11  ? -9.223  -10.869 11.155  1.00 0.00 ? 11  LEU I HG   1 
ATOM   1846 H HD11 . LEU B 2 11  ? -8.755  -9.758  13.928  1.00 0.00 ? 11  LEU I HD11 1 
ATOM   1847 H HD12 . LEU B 2 11  ? -7.441  -10.362 12.919  1.00 0.00 ? 11  LEU I HD12 1 
ATOM   1848 H HD13 . LEU B 2 11  ? -8.409  -8.991  12.378  1.00 0.00 ? 11  LEU I HD13 1 
ATOM   1849 H HD21 . LEU B 2 11  ? -9.872  -12.982 12.264  1.00 0.00 ? 11  LEU I HD21 1 
ATOM   1850 H HD22 . LEU B 2 11  ? -8.168  -12.617 12.541  1.00 0.00 ? 11  LEU I HD22 1 
ATOM   1851 H HD23 . LEU B 2 11  ? -9.352  -12.325 13.815  1.00 0.00 ? 11  LEU I HD23 1 
ATOM   1852 N N    . ASP B 2 12  ? -13.980 -11.123 11.088  1.00 0.00 ? 12  ASP I N    1 
ATOM   1853 C CA   . ASP B 2 12  ? -15.102 -12.101 11.165  1.00 0.00 ? 12  ASP I CA   1 
ATOM   1854 C C    . ASP B 2 12  ? -14.700 -13.391 10.445  1.00 0.00 ? 12  ASP I C    1 
ATOM   1855 O O    . ASP B 2 12  ? -14.983 -14.482 10.898  1.00 0.00 ? 12  ASP I O    1 
ATOM   1856 C CB   . ASP B 2 12  ? -16.343 -11.509 10.492  1.00 0.00 ? 12  ASP I CB   1 
ATOM   1857 C CG   . ASP B 2 12  ? -16.922 -10.399 11.372  1.00 0.00 ? 12  ASP I CG   1 
ATOM   1858 O OD1  . ASP B 2 12  ? -16.141 -9.671  11.963  1.00 0.00 ? 12  ASP I OD1  1 
ATOM   1859 O OD2  . ASP B 2 12  ? -18.136 -10.295 11.440  1.00 0.00 ? 12  ASP I OD2  1 
ATOM   1860 H H    . ASP B 2 12  ? -14.164 -10.185 10.876  1.00 0.00 ? 12  ASP I H    1 
ATOM   1861 H HA   . ASP B 2 12  ? -15.321 -12.318 12.201  1.00 0.00 ? 12  ASP I HA   1 
ATOM   1862 H HB2  . ASP B 2 12  ? -16.069 -11.102 9.529   1.00 0.00 ? 12  ASP I HB2  1 
ATOM   1863 H HB3  . ASP B 2 12  ? -17.084 -12.283 10.359  1.00 0.00 ? 12  ASP I HB3  1 
ATOM   1864 N N    . LYS B 2 13  ? -14.037 -13.271 9.327   1.00 0.00 ? 13  LYS I N    1 
ATOM   1865 C CA   . LYS B 2 13  ? -13.612 -14.485 8.576   1.00 0.00 ? 13  LYS I CA   1 
ATOM   1866 C C    . LYS B 2 13  ? -14.834 -15.349 8.260   1.00 0.00 ? 13  LYS I C    1 
ATOM   1867 O O    . LYS B 2 13  ? -15.299 -16.033 9.157   1.00 0.00 ? 13  LYS I O    1 
ATOM   1868 C CB   . LYS B 2 13  ? -12.624 -15.287 9.426   1.00 0.00 ? 13  LYS I CB   1 
ATOM   1869 C CG   . LYS B 2 13  ? -11.248 -14.616 9.380   1.00 0.00 ? 13  LYS I CG   1 
ATOM   1870 C CD   . LYS B 2 13  ? -10.645 -14.787 7.985   1.00 0.00 ? 13  LYS I CD   1 
ATOM   1871 C CE   . LYS B 2 13  ? -10.172 -13.429 7.462   1.00 0.00 ? 13  LYS I CE   1 
ATOM   1872 N NZ   . LYS B 2 13  ? -11.345 -12.528 7.287   1.00 0.00 ? 13  LYS I NZ   1 
ATOM   1873 O OXT  . LYS B 2 13  ? -15.286 -15.309 7.127   1.00 0.00 ? 13  LYS I OXT  1 
ATOM   1874 H H    . LYS B 2 13  ? -13.818 -12.380 8.981   1.00 0.00 ? 13  LYS I H    1 
ATOM   1875 H HA   . LYS B 2 13  ? -13.133 -14.188 7.654   1.00 0.00 ? 13  LYS I HA   1 
ATOM   1876 H HB2  . LYS B 2 13  ? -12.975 -15.321 10.448  1.00 0.00 ? 13  LYS I HB2  1 
ATOM   1877 H HB3  . LYS B 2 13  ? -12.547 -16.291 9.037   1.00 0.00 ? 13  LYS I HB3  1 
ATOM   1878 H HG2  . LYS B 2 13  ? -11.353 -13.565 9.604   1.00 0.00 ? 13  LYS I HG2  1 
ATOM   1879 H HG3  . LYS B 2 13  ? -10.600 -15.079 10.109  1.00 0.00 ? 13  LYS I HG3  1 
ATOM   1880 H HD2  . LYS B 2 13  ? -9.805  -15.466 8.036   1.00 0.00 ? 13  LYS I HD2  1 
ATOM   1881 H HD3  . LYS B 2 13  ? -11.391 -15.188 7.316   1.00 0.00 ? 13  LYS I HD3  1 
ATOM   1882 H HE2  . LYS B 2 13  ? -9.483  -12.991 8.168   1.00 0.00 ? 13  LYS I HE2  1 
ATOM   1883 H HE3  . LYS B 2 13  ? -9.676  -13.563 6.511   1.00 0.00 ? 13  LYS I HE3  1 
ATOM   1884 H HZ1  . LYS B 2 13  ? -11.888 -12.491 8.174   1.00 0.00 ? 13  LYS I HZ1  1 
ATOM   1885 H HZ2  . LYS B 2 13  ? -11.017 -11.573 7.040   1.00 0.00 ? 13  LYS I HZ2  1 
ATOM   1886 H HZ3  . LYS B 2 13  ? -11.951 -12.890 6.524   1.00 0.00 ? 13  LYS I HZ3  1 
# 
